data_9L4L
#
_entry.id   9L4L
#
_cell.length_a   1.00
_cell.length_b   1.00
_cell.length_c   1.00
_cell.angle_alpha   90.00
_cell.angle_beta   90.00
_cell.angle_gamma   90.00
#
_symmetry.space_group_name_H-M   'P 1'
#
loop_
_entity.id
_entity.type
_entity.pdbx_description
1 polymer 'NACHT, LRR and PYD domains-containing protein 2'
2 polymer 'NACHT, LRR and PYD domains-containing protein 5'
3 polymer 'Oocyte-expressed protein homolog'
4 polymer 'Transducin-like enhancer protein 6'
#
loop_
_entity_poly.entity_id
_entity_poly.type
_entity_poly.pdbx_seq_one_letter_code
_entity_poly.pdbx_strand_id
1 'polypeptide(L)'
;MVSSAQMGFNLQALLEQLSQDELSKFKYLITTFSLAHELQKIPHKEVDKADGKQLVEILTTHCDSYWVEMASLQVFEKMH
RMDLSERAKDEVREAALKSFNKRKPLSLGITRKERPPLDVDEMLERFKTEAQAFTETKGNVICLGKEVFKGKKPDKDNRC
RYILKTKFREMWKSWPGDSKEVQVMAERYKMLIPFSNPRVLPGPFSYTVVLYGPAGLGKTTLAQKLMLDWAEDNLIHKFK
YAFYLSCRELSRLGPCSFAELVFRDWPELQDDIPHILAQARKILFVIDGFDELGAAPGALIEDICGDWEKKKPVPVLLGS
LLNRVMLPKAALLVTTRPRALRDLRILAEEPIYIRVEGFLEEDRRAYFLRHFGDEDQAMRAFELMRSNAALFQLGSAPAV
CWIVCTTLKLQMEKGEDPVPTCLTRTGLFLRFLCSRFPQGAQLRGALRTLSLLAAQGLWAQTSVLHREDLERLGVQESDL
RLFLDGDILRQDRVSKGCYSFIHLSFQQFLTALFYTLEKEEEEDRDGHTWDIGDVQKLLSGVERLRNPDLIQAGYYSFGL
ANEKRAKELEATFGCRMSPDIKQELLRCDISCKGGHSTVTDLQELLGCLYESQEEELVKEVMAQFKEISLHLNAVDVVPS
SFCVKHCRNLQKMSLQVIKENLPENVTASESDAEVERSQDDQHMLPFWTDLCSIFGSNKDLMGLAINDSFLSASLVRILC
EQIASDTCHLQRVVFKNISPADAHRNLCLALRGHKTVTYLTLQGNDQDDMFPALCEVLRHPECNLRYLGLVSCSATTQQW
ADLSLALEVNQSLTCVNLSDNELLDEGAKLLYTTLRHPKCFLQRLSLENCHLTEANCKDLAAVLVVSRELTHLCLAKNPI
GNTGVKFLCEGLRYPECKLQTLVLWNCDITSDGCCDLTKLLQEKSSLLCLDLGLNHIGVKGMKFLCEALRKPLCNLRCLW
LWGCSIPPFSCEDLCSALSCNQSLVTLDLGQNPLGSSGVKMLFETLTCSSGTLRTLRLKIDDFNDELNKLLEEIEEKNPQ
LIIDTEKHHPWAERPSSHDFMI
;
A
2 'polypeptide(L)'
;MKVAGGLELGAAALLSASPRALVTLSTGPTCSILPKNPLFPQNLSSQPCIKMEGDKSLTFSSYGLQWCLYELDKEEFQTF
KELLKKKSSESTTCSIPQFEIENANVECLALLLHEYYGASLAWATSISIFENMNLRTLSEKARDDMKRHSPEDPEATMTD
QGPSKEKVPGISQAVQQDSATAAETKEQEISQAMEQEGATAAETEEQEISQAMEQEGATAAETEEQGHGGDTWDYKSHVM
TKFAEEEDVRRSFENTAADWPEMQTLAGAFDSDRWGFRPRTVVLHGKSGIGKSALARRIVLCWAQGGLYQGMFSYVFFLP
VREMQRKKESSVTEFISREWPDSQAPVTEIMSRPERLLFIIDGFDDLGSVLNNDTKLCKDWAEKQPPFTLIRSLLRKVLL
PESFLIVTVRDVGTEKLKSEVVSPRYLLVRGISGEQRIHLLLERGIGEHQKTQGLRAIMNNRELLDQCQVPAVGSLICVA
LQLQDVVGESVAPFNQTLTGLHAAFVFHQLTPRGVVRRCLNLEERVVLKRFCRMAVEGVWNRKSVFDGDDLMVQGLGESE
LRALFHMNILLPDSHCEEYYTFFHLSLQDFCAALYYVLEGLEIEPALCPLYVEKTKRSMELKQAGFHIHSLWMKRFLFGL
VSEDVRRPLEVLLGCPVPLGVKQKLLHWVSLLGQQPNATTPGDTLDAFHCLFETQDKEFVRLALNSFQEVWLPINQNLDL
IASSFCLQHCPYLRKIRVDVKGIFPRDESAEACPVVPLWMRDKTLIEEQWEDFCSMLGTHPHLRQLDLGSSILTERAMKT
LCAKLRHPTCKIQTLMFRNAQITPGVQHLWRIVMANRNLRSLNLGGTHLKEEDVRMACEALKHPKCLLESLRLDCCGLTH
ACYLKISQILTTSPSLKSLSLAGNKVTDQGVMPLSDALRVSQCALQKLILEDCGITATGCQSLASALVSNRSLTHLCLSN
NSLGNEGVNLLCRSMRLPHCSLQRLMLNQCHLDTAGCGFLALALMGNSWLTHLSLSMNPVEDNGVKLLCEVMREPSCHLQ
DLELVKCHLTAACCESLSCVISRSRHLKSLDLTDNALGDGGVAALCEGLKQKNSVLARLGLKACGLTSDCCEALSLALSC
NRHLTSLNLVQNNFSPKGMMKLCSAFACPTSNLQIIGLWKWQYPVQIRKLLEEVQLLKPRVVIDGSWHSFDEDDRYWWKN
;
D
3 'polypeptide(L)'
;MVDDAGAAESQRGKQTPAHSLEQLRRLPLPPPQIRIRPWWFPVQELRDPLVFYLEAWLADELFGPDRAIIPEMEWTSQAL
LTVDIVDSGNLVEITVFGRPRVQNRVKSMLLCLAWFHREHRARAEKMKHLEKNLKAHASDPHSPQDPVA
;
B
4 'polypeptide(L)'
;MTSRDQPRPKGPPKSTSPCPGISNSESSPTLNYQGILNRLKQFPRFSPHFAAELESIYYSLHKIQQDVAEHHKQIGNVLQ
IVESCSQLQGFQSEEVSPAEPASPGTPQQVKDKTLQESSFEDIMATRSSDWLRRPLGEDNQPETQLFWDKEPWFWHDTLT
EQLWRIFAGVHDEKAKPRDRQQAPGLGQESKAPGSCDPGTDPCPEDASTPRPPEASSSPPEGSQDRNTSWGVVQEPPGRA
SRFLQSISWDPEDFEDAWKRPDALPGQSKRLAVPCKLEKMRILAHGELVLATAISSFTRHVFTCGRRGIKVWSLTGQVAE
DRFPESHLPIQTPGAFLRTCLLSSNSRSLLTGGYNLASVSVWDLAAPSLHVKEQLPCAGLNCQALDANLDANLAFASFTS
GVVRIWDLRDQSVVRDLKGYPDGVKSIVVKGYNIWTGGPDACLRCWDQRTIMKPLEYQFKSQIMSLSHSPQEDWVLLGMA
NGQQWLQSTSGSQRHMVGQKDSVILSVKFSPFGQWWASVGMDDFLGVYSMPAGTKVFEVPEMSPVTCCDVSSNNRLVVTG
SGEHASVYQITY
;
C
#
# COMPACT_ATOMS: atom_id res chain seq x y z
N ASP A 157 -56.00 -24.51 93.19
CA ASP A 157 -54.86 -24.84 92.31
C ASP A 157 -55.32 -25.06 90.86
N ASN A 158 -56.07 -26.14 90.64
CA ASN A 158 -56.56 -26.45 89.30
C ASN A 158 -57.85 -25.71 88.96
N ARG A 159 -58.49 -25.10 89.96
CA ARG A 159 -59.72 -24.36 89.68
C ARG A 159 -59.48 -23.22 88.69
N CYS A 160 -58.32 -22.57 88.79
CA CYS A 160 -58.02 -21.48 87.87
C CYS A 160 -57.88 -21.98 86.44
N ARG A 161 -57.21 -23.12 86.25
CA ARG A 161 -57.10 -23.70 84.91
C ARG A 161 -58.46 -24.12 84.38
N TYR A 162 -59.30 -24.69 85.25
CA TYR A 162 -60.65 -25.07 84.83
C TYR A 162 -61.45 -23.86 84.39
N ILE A 163 -61.36 -22.76 85.15
CA ILE A 163 -62.02 -21.52 84.77
C ILE A 163 -61.46 -21.02 83.44
N LEU A 164 -60.14 -21.08 83.27
CA LEU A 164 -59.51 -20.57 82.06
C LEU A 164 -60.01 -21.30 80.83
N LYS A 165 -60.06 -22.64 80.88
CA LYS A 165 -60.53 -23.39 79.73
C LYS A 165 -62.02 -23.19 79.51
N THR A 166 -62.80 -23.06 80.59
CA THR A 166 -64.22 -22.77 80.45
C THR A 166 -64.43 -21.46 79.70
N LYS A 167 -63.63 -20.44 80.03
CA LYS A 167 -63.75 -19.16 79.32
C LYS A 167 -63.21 -19.26 77.90
N PHE A 168 -62.15 -20.04 77.69
CA PHE A 168 -61.58 -20.16 76.35
C PHE A 168 -62.59 -20.77 75.38
N ARG A 169 -63.33 -21.78 75.83
CA ARG A 169 -64.19 -22.52 74.89
C ARG A 169 -65.25 -21.64 74.25
N GLU A 170 -65.53 -20.46 74.83
CA GLU A 170 -66.49 -19.53 74.23
C GLU A 170 -65.84 -18.58 73.24
N MET A 171 -64.75 -17.92 73.65
CA MET A 171 -64.01 -17.05 72.74
C MET A 171 -63.44 -17.81 71.56
N TRP A 172 -63.38 -19.14 71.66
CA TRP A 172 -62.91 -19.98 70.57
C TRP A 172 -63.79 -19.88 69.33
N LYS A 173 -65.02 -19.38 69.47
CA LYS A 173 -65.97 -19.31 68.37
C LYS A 173 -66.30 -17.87 67.96
N SER A 174 -65.50 -16.91 68.38
CA SER A 174 -65.86 -15.50 68.25
C SER A 174 -65.26 -14.83 67.01
N TRP A 175 -64.63 -15.58 66.12
CA TRP A 175 -63.96 -15.00 64.96
C TRP A 175 -64.10 -15.93 63.78
N PRO A 176 -64.47 -15.41 62.59
CA PRO A 176 -64.84 -16.28 61.46
C PRO A 176 -63.87 -17.43 61.22
N GLY A 177 -64.37 -18.65 61.33
CA GLY A 177 -63.57 -19.84 61.06
C GLY A 177 -64.22 -21.08 61.64
N ASP A 178 -64.19 -22.17 60.87
CA ASP A 178 -64.77 -23.42 61.34
C ASP A 178 -63.79 -24.15 62.26
N SER A 179 -64.34 -24.90 63.21
CA SER A 179 -63.49 -25.59 64.19
C SER A 179 -62.45 -26.46 63.50
N LYS A 180 -62.87 -27.24 62.50
CA LYS A 180 -61.92 -28.08 61.79
C LYS A 180 -60.87 -27.25 61.06
N GLU A 181 -61.29 -26.14 60.44
CA GLU A 181 -60.32 -25.29 59.74
C GLU A 181 -59.29 -24.74 60.70
N VAL A 182 -59.73 -24.17 61.83
CA VAL A 182 -58.80 -23.60 62.79
C VAL A 182 -57.88 -24.68 63.34
N GLN A 183 -58.42 -25.87 63.59
CA GLN A 183 -57.59 -26.98 64.06
C GLN A 183 -56.52 -27.34 63.03
N VAL A 184 -56.91 -27.41 61.75
CA VAL A 184 -55.97 -27.77 60.70
C VAL A 184 -54.84 -26.74 60.62
N MET A 185 -55.20 -25.46 60.64
CA MET A 185 -54.19 -24.42 60.49
C MET A 185 -53.31 -24.32 61.73
N ALA A 186 -53.91 -24.56 62.90
CA ALA A 186 -53.13 -24.60 64.14
C ALA A 186 -52.14 -25.76 64.13
N GLU A 187 -52.55 -26.93 63.63
CA GLU A 187 -51.62 -28.05 63.52
C GLU A 187 -50.52 -27.75 62.52
N ARG A 188 -50.85 -27.11 61.40
CA ARG A 188 -49.83 -26.72 60.44
C ARG A 188 -48.78 -25.82 61.10
N TYR A 189 -49.24 -24.77 61.79
CA TYR A 189 -48.29 -23.85 62.39
C TYR A 189 -47.62 -24.43 63.63
N LYS A 190 -48.20 -25.45 64.24
CA LYS A 190 -47.48 -26.24 65.24
C LYS A 190 -46.32 -26.97 64.59
N MET A 191 -46.56 -27.57 63.42
CA MET A 191 -45.47 -28.14 62.65
C MET A 191 -44.42 -27.10 62.32
N LEU A 192 -44.83 -25.85 62.13
CA LEU A 192 -43.87 -24.78 61.83
C LEU A 192 -43.14 -24.31 63.09
N ILE A 193 -43.89 -23.97 64.15
CA ILE A 193 -43.32 -23.33 65.33
C ILE A 193 -42.56 -24.36 66.18
N PRO A 194 -41.26 -24.17 66.43
CA PRO A 194 -40.55 -25.11 67.31
C PRO A 194 -41.07 -25.16 68.73
N PHE A 195 -41.56 -24.04 69.27
CA PHE A 195 -41.93 -24.01 70.69
C PHE A 195 -43.01 -25.04 71.02
N SER A 196 -43.85 -25.38 70.04
CA SER A 196 -44.87 -26.40 70.23
C SER A 196 -44.72 -27.55 69.23
N ASN A 197 -43.58 -27.64 68.55
CA ASN A 197 -43.39 -28.68 67.56
C ASN A 197 -43.36 -30.05 68.24
N PRO A 198 -44.01 -31.07 67.66
CA PRO A 198 -44.00 -32.39 68.31
C PRO A 198 -42.62 -33.02 68.43
N ARG A 199 -41.65 -32.60 67.62
CA ARG A 199 -40.33 -33.23 67.56
C ARG A 199 -39.24 -32.19 67.79
N VAL A 200 -39.41 -31.37 68.83
CA VAL A 200 -38.39 -30.43 69.28
C VAL A 200 -38.20 -30.61 70.77
N LEU A 201 -36.95 -30.70 71.21
CA LEU A 201 -36.65 -31.00 72.60
C LEU A 201 -37.14 -29.87 73.51
N PRO A 202 -37.96 -30.17 74.52
CA PRO A 202 -38.37 -29.10 75.48
C PRO A 202 -37.40 -28.95 76.63
N GLY A 203 -36.21 -28.41 76.34
CA GLY A 203 -35.18 -28.25 77.32
C GLY A 203 -35.59 -27.28 78.42
N PRO A 204 -35.09 -27.50 79.64
CA PRO A 204 -35.46 -26.61 80.77
C PRO A 204 -34.63 -25.34 80.81
N PHE A 205 -34.97 -24.40 79.92
CA PHE A 205 -34.36 -23.08 79.94
C PHE A 205 -35.33 -22.09 79.30
N SER A 206 -35.06 -20.80 79.52
CA SER A 206 -35.99 -19.77 79.09
C SER A 206 -36.09 -19.70 77.57
N TYR A 207 -37.31 -19.49 77.07
CA TYR A 207 -37.57 -19.29 75.65
C TYR A 207 -38.32 -17.98 75.47
N THR A 208 -37.93 -17.21 74.45
CA THR A 208 -38.63 -16.01 74.04
C THR A 208 -39.00 -16.18 72.57
N VAL A 209 -40.30 -16.24 72.29
CA VAL A 209 -40.82 -16.56 70.96
C VAL A 209 -41.63 -15.38 70.46
N VAL A 210 -41.40 -14.99 69.21
CA VAL A 210 -42.06 -13.83 68.61
C VAL A 210 -42.78 -14.29 67.35
N LEU A 211 -44.06 -13.94 67.25
CA LEU A 211 -44.87 -14.19 66.05
C LEU A 211 -45.21 -12.85 65.42
N TYR A 212 -44.94 -12.71 64.13
CA TYR A 212 -45.14 -11.44 63.44
C TYR A 212 -45.78 -11.68 62.09
N GLY A 213 -46.47 -10.65 61.60
CA GLY A 213 -47.15 -10.70 60.33
C GLY A 213 -48.11 -9.54 60.16
N PRO A 214 -48.73 -9.42 58.99
CA PRO A 214 -49.67 -8.32 58.75
C PRO A 214 -50.87 -8.35 59.70
N ALA A 215 -51.75 -7.35 59.57
CA ALA A 215 -52.86 -7.19 60.50
C ALA A 215 -53.75 -8.43 60.51
N GLY A 216 -54.29 -8.74 61.68
CA GLY A 216 -55.12 -9.93 61.83
C GLY A 216 -54.33 -11.15 61.42
N LEU A 217 -54.91 -11.94 60.51
CA LEU A 217 -54.22 -12.99 59.77
C LEU A 217 -53.92 -14.22 60.63
N GLY A 218 -54.55 -14.36 61.80
CA GLY A 218 -54.66 -15.64 62.48
C GLY A 218 -53.74 -15.83 63.67
N LYS A 219 -52.74 -14.98 63.87
CA LYS A 219 -51.75 -15.23 64.92
C LYS A 219 -52.41 -15.25 66.30
N THR A 220 -53.33 -14.32 66.56
CA THR A 220 -53.97 -14.26 67.87
C THR A 220 -54.74 -15.55 68.16
N THR A 221 -55.45 -16.06 67.16
CA THR A 221 -56.14 -17.33 67.32
C THR A 221 -55.15 -18.46 67.59
N LEU A 222 -53.98 -18.41 66.96
CA LEU A 222 -52.94 -19.40 67.22
C LEU A 222 -52.51 -19.35 68.67
N ALA A 223 -52.25 -18.15 69.18
CA ALA A 223 -51.86 -18.06 70.58
C ALA A 223 -52.96 -18.63 71.47
N GLN A 224 -54.21 -18.23 71.23
CA GLN A 224 -55.32 -18.69 72.05
C GLN A 224 -55.45 -20.20 72.03
N LYS A 225 -55.33 -20.80 70.84
CA LYS A 225 -55.43 -22.25 70.74
C LYS A 225 -54.29 -22.94 71.46
N LEU A 226 -53.07 -22.38 71.39
CA LEU A 226 -51.95 -22.97 72.11
C LEU A 226 -52.19 -22.91 73.62
N MET A 227 -52.72 -21.79 74.11
CA MET A 227 -53.00 -21.67 75.55
C MET A 227 -54.08 -22.67 75.95
N LEU A 228 -55.11 -22.83 75.11
CA LEU A 228 -56.15 -23.81 75.40
C LEU A 228 -55.59 -25.22 75.41
N ASP A 229 -54.67 -25.52 74.49
CA ASP A 229 -54.02 -26.83 74.47
C ASP A 229 -53.24 -27.05 75.76
N TRP A 230 -52.54 -26.02 76.24
CA TRP A 230 -51.88 -26.12 77.54
C TRP A 230 -52.89 -26.43 78.63
N ALA A 231 -54.01 -25.71 78.62
CA ALA A 231 -55.04 -25.94 79.64
C ALA A 231 -55.54 -27.38 79.60
N GLU A 232 -55.59 -27.96 78.41
CA GLU A 232 -55.99 -29.36 78.28
C GLU A 232 -54.85 -30.33 78.57
N ASP A 233 -53.63 -29.83 78.79
CA ASP A 233 -52.48 -30.67 79.11
C ASP A 233 -52.27 -31.75 78.05
N ASN A 234 -52.45 -31.38 76.79
CA ASN A 234 -52.37 -32.32 75.68
C ASN A 234 -51.02 -32.30 74.96
N LEU A 235 -50.06 -31.47 75.40
CA LEU A 235 -48.76 -31.44 74.75
C LEU A 235 -47.70 -30.99 75.75
N ILE A 236 -46.55 -31.65 75.70
CA ILE A 236 -45.37 -31.27 76.48
C ILE A 236 -45.63 -31.48 77.97
N HIS A 237 -46.55 -30.68 78.54
CA HIS A 237 -46.83 -30.74 79.97
C HIS A 237 -45.59 -30.36 80.79
N LYS A 238 -45.06 -29.16 80.53
CA LYS A 238 -43.85 -28.70 81.22
C LYS A 238 -44.10 -27.53 82.16
N PHE A 239 -45.22 -26.82 82.02
CA PHE A 239 -45.50 -25.63 82.80
C PHE A 239 -46.72 -25.88 83.68
N LYS A 240 -46.58 -25.57 84.97
CA LYS A 240 -47.66 -25.84 85.91
C LYS A 240 -48.79 -24.81 85.81
N TYR A 241 -48.45 -23.55 85.57
CA TYR A 241 -49.45 -22.50 85.43
C TYR A 241 -48.98 -21.49 84.39
N ALA A 242 -49.96 -20.73 83.86
CA ALA A 242 -49.68 -19.77 82.81
C ALA A 242 -50.65 -18.60 82.95
N PHE A 243 -50.26 -17.47 82.34
CA PHE A 243 -51.07 -16.26 82.35
C PHE A 243 -51.12 -15.68 80.94
N TYR A 244 -52.14 -14.87 80.68
CA TYR A 244 -52.31 -14.15 79.42
C TYR A 244 -52.35 -12.66 79.72
N LEU A 245 -51.51 -11.89 79.04
CA LEU A 245 -51.41 -10.45 79.25
C LEU A 245 -51.91 -9.73 78.01
N SER A 246 -52.84 -8.79 78.20
CA SER A 246 -53.41 -8.01 77.11
C SER A 246 -52.81 -6.61 77.16
N CYS A 247 -52.03 -6.26 76.12
CA CYS A 247 -51.40 -4.95 76.09
C CYS A 247 -52.43 -3.83 76.02
N ARG A 248 -53.59 -4.10 75.42
CA ARG A 248 -54.62 -3.08 75.33
C ARG A 248 -55.09 -2.65 76.71
N GLU A 249 -55.25 -3.61 77.63
CA GLU A 249 -55.61 -3.28 79.00
C GLU A 249 -54.47 -2.54 79.70
N LEU A 250 -53.23 -3.02 79.54
CA LEU A 250 -52.11 -2.42 80.26
C LEU A 250 -51.82 -1.00 79.76
N SER A 251 -52.21 -0.68 78.54
CA SER A 251 -51.89 0.64 78.00
C SER A 251 -52.53 1.74 78.83
N ARG A 252 -53.79 1.55 79.24
CA ARG A 252 -54.46 2.55 80.06
C ARG A 252 -54.10 2.46 81.54
N LEU A 253 -53.42 1.39 81.94
CA LEU A 253 -53.03 1.23 83.34
C LEU A 253 -51.90 2.20 83.70
N GLY A 254 -51.89 2.61 84.97
CA GLY A 254 -50.89 3.52 85.46
C GLY A 254 -49.73 2.80 86.11
N PRO A 255 -48.87 3.56 86.80
CA PRO A 255 -47.74 2.92 87.49
C PRO A 255 -48.22 1.89 88.51
N CYS A 256 -47.53 0.76 88.54
CA CYS A 256 -47.89 -0.34 89.43
C CYS A 256 -46.66 -1.22 89.63
N SER A 257 -46.79 -2.18 90.54
CA SER A 257 -45.80 -3.23 90.67
C SER A 257 -46.07 -4.32 89.64
N PHE A 258 -44.99 -5.00 89.23
CA PHE A 258 -45.15 -6.07 88.25
C PHE A 258 -46.03 -7.19 88.79
N ALA A 259 -45.83 -7.54 90.07
CA ALA A 259 -46.63 -8.61 90.67
C ALA A 259 -48.11 -8.28 90.63
N GLU A 260 -48.49 -7.07 91.06
CA GLU A 260 -49.89 -6.68 91.01
C GLU A 260 -50.35 -6.48 89.57
N LEU A 261 -49.44 -6.04 88.68
CA LEU A 261 -49.81 -5.85 87.29
C LEU A 261 -50.25 -7.17 86.65
N VAL A 262 -49.52 -8.26 86.94
CA VAL A 262 -49.89 -9.55 86.38
C VAL A 262 -50.99 -10.22 87.21
N PHE A 263 -51.12 -9.87 88.49
CA PHE A 263 -52.09 -10.50 89.37
C PHE A 263 -53.46 -9.86 89.31
N ARG A 264 -53.59 -8.67 88.71
CA ARG A 264 -54.83 -7.91 88.83
C ARG A 264 -56.01 -8.65 88.23
N ASP A 265 -55.77 -9.56 87.28
CA ASP A 265 -56.86 -10.31 86.68
C ASP A 265 -57.48 -11.29 87.67
N TRP A 266 -56.66 -11.96 88.48
CA TRP A 266 -57.13 -12.98 89.41
C TRP A 266 -57.40 -12.35 90.76
N PRO A 267 -58.60 -12.49 91.33
CA PRO A 267 -58.88 -11.81 92.61
C PRO A 267 -57.98 -12.25 93.75
N GLU A 268 -57.43 -13.47 93.73
CA GLU A 268 -56.80 -14.06 94.90
C GLU A 268 -55.35 -14.47 94.69
N LEU A 269 -54.67 -13.93 93.67
CA LEU A 269 -53.26 -14.31 93.47
C LEU A 269 -52.36 -13.61 94.48
N GLN A 270 -52.79 -12.48 95.06
CA GLN A 270 -51.93 -11.73 95.95
C GLN A 270 -51.66 -12.46 97.26
N ASP A 271 -52.39 -13.55 97.54
CA ASP A 271 -52.23 -14.24 98.80
C ASP A 271 -50.99 -15.13 98.84
N ASP A 272 -50.39 -15.41 97.69
CA ASP A 272 -49.24 -16.30 97.60
C ASP A 272 -48.15 -15.69 96.73
N ILE A 273 -47.82 -14.42 97.00
CA ILE A 273 -46.80 -13.73 96.21
C ILE A 273 -45.48 -14.50 96.19
N PRO A 274 -44.91 -14.91 97.33
CA PRO A 274 -43.57 -15.50 97.29
C PRO A 274 -43.48 -16.76 96.45
N HIS A 275 -44.32 -17.77 96.74
CA HIS A 275 -44.23 -19.03 96.01
C HIS A 275 -44.50 -18.84 94.53
N ILE A 276 -45.52 -18.06 94.20
CA ILE A 276 -45.91 -17.93 92.80
C ILE A 276 -44.85 -17.18 92.00
N LEU A 277 -44.29 -16.11 92.59
CA LEU A 277 -43.30 -15.33 91.85
C LEU A 277 -41.94 -16.03 91.80
N ALA A 278 -41.56 -16.75 92.86
CA ALA A 278 -40.25 -17.36 92.92
C ALA A 278 -40.11 -18.48 91.91
N GLN A 279 -41.16 -19.28 91.73
CA GLN A 279 -41.12 -20.43 90.81
C GLN A 279 -41.17 -19.90 89.37
N ALA A 280 -40.04 -19.37 88.93
CA ALA A 280 -39.97 -18.72 87.62
C ALA A 280 -39.97 -19.74 86.49
N ARG A 281 -39.46 -20.95 86.72
CA ARG A 281 -39.39 -21.95 85.67
C ARG A 281 -40.71 -22.66 85.43
N LYS A 282 -41.70 -22.47 86.31
CA LYS A 282 -42.99 -23.14 86.19
C LYS A 282 -44.06 -22.28 85.55
N ILE A 283 -43.72 -21.09 85.03
CA ILE A 283 -44.70 -20.12 84.56
C ILE A 283 -44.47 -19.86 83.08
N LEU A 284 -45.57 -19.83 82.33
CA LEU A 284 -45.57 -19.49 80.92
C LEU A 284 -46.37 -18.21 80.73
N PHE A 285 -45.88 -17.33 79.85
CA PHE A 285 -46.49 -16.03 79.60
C PHE A 285 -46.90 -15.91 78.15
N VAL A 286 -48.01 -15.23 77.92
CA VAL A 286 -48.47 -14.91 76.57
C VAL A 286 -48.81 -13.43 76.51
N ILE A 287 -48.42 -12.78 75.43
CA ILE A 287 -48.65 -11.36 75.23
C ILE A 287 -49.24 -11.15 73.84
N ASP A 288 -50.24 -10.28 73.73
CA ASP A 288 -50.90 -9.98 72.48
C ASP A 288 -50.95 -8.48 72.26
N GLY A 289 -50.92 -8.06 71.00
CA GLY A 289 -51.03 -6.65 70.67
C GLY A 289 -49.93 -5.80 71.26
N PHE A 290 -48.68 -6.25 71.15
CA PHE A 290 -47.57 -5.50 71.72
C PHE A 290 -47.45 -4.12 71.08
N ASP A 291 -47.60 -4.05 69.76
CA ASP A 291 -47.49 -2.77 69.07
C ASP A 291 -48.61 -1.80 69.44
N GLU A 292 -49.68 -2.29 70.06
CA GLU A 292 -50.79 -1.44 70.48
C GLU A 292 -50.54 -0.82 71.85
N LEU A 293 -49.43 -1.13 72.50
CA LEU A 293 -49.17 -0.61 73.84
C LEU A 293 -49.07 0.91 73.84
N GLY A 294 -48.38 1.48 72.85
CA GLY A 294 -48.18 2.91 72.78
C GLY A 294 -47.03 3.43 73.60
N ALA A 295 -46.15 2.57 74.09
CA ALA A 295 -45.01 3.01 74.88
C ALA A 295 -43.88 3.49 73.97
N ALA A 296 -43.04 4.38 74.52
CA ALA A 296 -41.91 4.90 73.77
C ALA A 296 -40.71 3.96 73.89
N PRO A 297 -39.85 3.90 72.87
CA PRO A 297 -38.68 3.02 72.96
C PRO A 297 -37.78 3.34 74.15
N GLY A 298 -37.57 4.61 74.45
CA GLY A 298 -36.71 4.97 75.57
C GLY A 298 -37.25 4.48 76.90
N ALA A 299 -38.56 4.64 77.11
CA ALA A 299 -39.17 4.16 78.34
C ALA A 299 -39.02 2.66 78.47
N LEU A 300 -39.14 1.93 77.36
CA LEU A 300 -39.00 0.48 77.39
C LEU A 300 -37.55 0.07 77.64
N ILE A 301 -36.59 0.90 77.22
CA ILE A 301 -35.19 0.52 77.31
C ILE A 301 -34.59 0.94 78.65
N GLU A 302 -35.04 2.05 79.21
CA GLU A 302 -34.35 2.68 80.32
C GLU A 302 -34.88 2.21 81.68
N ASP A 303 -34.04 2.37 82.69
CA ASP A 303 -34.42 2.17 84.09
C ASP A 303 -34.94 0.74 84.34
N ILE A 304 -34.05 -0.23 84.14
CA ILE A 304 -34.40 -1.62 84.42
C ILE A 304 -34.37 -1.88 85.93
N CYS A 305 -34.95 -3.01 86.33
CA CYS A 305 -34.98 -3.41 87.72
C CYS A 305 -34.99 -4.92 87.81
N GLY A 306 -34.57 -5.43 88.97
CA GLY A 306 -34.51 -6.86 89.22
C GLY A 306 -35.49 -7.39 90.24
N ASP A 307 -36.49 -6.62 90.66
CA ASP A 307 -37.45 -7.05 91.66
C ASP A 307 -38.87 -6.71 91.21
N TRP A 308 -39.80 -7.67 91.42
CA TRP A 308 -41.20 -7.47 91.08
C TRP A 308 -41.92 -6.53 92.04
N GLU A 309 -41.46 -6.44 93.28
CA GLU A 309 -42.15 -5.60 94.24
C GLU A 309 -41.99 -4.11 93.92
N LYS A 310 -41.03 -3.75 93.07
CA LYS A 310 -40.80 -2.34 92.75
C LYS A 310 -41.98 -1.78 91.97
N LYS A 311 -42.37 -0.56 92.31
CA LYS A 311 -43.49 0.12 91.66
C LYS A 311 -42.94 1.10 90.62
N LYS A 312 -43.24 0.84 89.35
CA LYS A 312 -42.71 1.64 88.26
C LYS A 312 -43.78 1.76 87.18
N PRO A 313 -43.58 2.65 86.21
CA PRO A 313 -44.55 2.74 85.11
C PRO A 313 -44.59 1.46 84.28
N VAL A 314 -45.73 1.27 83.61
CA VAL A 314 -45.96 0.03 82.87
C VAL A 314 -44.87 -0.22 81.83
N PRO A 315 -44.46 0.75 81.02
CA PRO A 315 -43.39 0.47 80.05
C PRO A 315 -42.12 -0.04 80.70
N VAL A 316 -41.76 0.50 81.86
CA VAL A 316 -40.56 0.06 82.54
C VAL A 316 -40.67 -1.42 82.91
N LEU A 317 -41.82 -1.81 83.48
CA LEU A 317 -42.01 -3.19 83.89
C LEU A 317 -41.98 -4.13 82.68
N LEU A 318 -42.68 -3.75 81.61
CA LEU A 318 -42.72 -4.62 80.43
C LEU A 318 -41.34 -4.75 79.79
N GLY A 319 -40.59 -3.65 79.71
CA GLY A 319 -39.24 -3.73 79.17
C GLY A 319 -38.33 -4.58 80.04
N SER A 320 -38.45 -4.45 81.36
CA SER A 320 -37.65 -5.27 82.26
C SER A 320 -37.97 -6.76 82.07
N LEU A 321 -39.26 -7.10 81.94
CA LEU A 321 -39.62 -8.49 81.71
C LEU A 321 -39.07 -8.98 80.38
N LEU A 322 -39.21 -8.18 79.32
CA LEU A 322 -38.71 -8.60 78.02
C LEU A 322 -37.19 -8.70 78.02
N ASN A 323 -36.51 -7.77 78.70
CA ASN A 323 -35.05 -7.76 78.75
C ASN A 323 -34.48 -8.85 79.66
N ARG A 324 -35.34 -9.67 80.27
CA ARG A 324 -34.90 -10.77 81.12
C ARG A 324 -34.07 -10.29 82.31
N VAL A 325 -34.43 -9.13 82.87
CA VAL A 325 -33.76 -8.66 84.09
C VAL A 325 -34.32 -9.34 85.34
N MET A 326 -35.50 -9.95 85.24
CA MET A 326 -36.16 -10.57 86.37
C MET A 326 -36.93 -11.78 85.87
N LEU A 327 -37.15 -12.74 86.76
CA LEU A 327 -37.79 -14.01 86.43
C LEU A 327 -37.09 -14.65 85.23
N PRO A 328 -35.76 -14.87 85.33
CA PRO A 328 -35.01 -15.33 84.15
C PRO A 328 -35.42 -16.70 83.65
N LYS A 329 -36.05 -17.53 84.47
CA LYS A 329 -36.34 -18.91 84.11
C LYS A 329 -37.69 -19.08 83.44
N ALA A 330 -38.43 -18.00 83.20
CA ALA A 330 -39.75 -18.10 82.62
C ALA A 330 -39.69 -18.18 81.10
N ALA A 331 -40.83 -18.54 80.50
CA ALA A 331 -40.98 -18.61 79.06
C ALA A 331 -42.01 -17.57 78.61
N LEU A 332 -41.78 -17.00 77.43
CA LEU A 332 -42.61 -15.90 76.95
C LEU A 332 -42.88 -16.06 75.45
N LEU A 333 -44.09 -15.71 75.04
CA LEU A 333 -44.52 -15.75 73.65
C LEU A 333 -45.37 -14.54 73.36
N VAL A 334 -45.11 -13.88 72.23
CA VAL A 334 -45.78 -12.63 71.88
C VAL A 334 -46.22 -12.67 70.42
N THR A 335 -47.23 -11.86 70.10
CA THR A 335 -47.70 -11.66 68.74
C THR A 335 -47.85 -10.16 68.52
N THR A 336 -47.41 -9.68 67.36
CA THR A 336 -47.42 -8.25 67.10
C THR A 336 -47.18 -7.98 65.62
N ARG A 337 -47.37 -6.73 65.23
CA ARG A 337 -47.09 -6.29 63.87
C ARG A 337 -45.58 -6.24 63.64
N PRO A 338 -45.15 -6.24 62.37
CA PRO A 338 -43.70 -6.30 62.09
C PRO A 338 -42.91 -5.16 62.69
N ARG A 339 -43.51 -3.97 62.86
CA ARG A 339 -42.74 -2.83 63.35
C ARG A 339 -42.23 -3.07 64.76
N ALA A 340 -42.86 -3.96 65.52
CA ALA A 340 -42.37 -4.31 66.85
C ALA A 340 -41.21 -5.29 66.81
N LEU A 341 -40.95 -5.90 65.66
CA LEU A 341 -39.85 -6.87 65.57
C LEU A 341 -38.51 -6.19 65.82
N ARG A 342 -38.29 -5.01 65.24
CA ARG A 342 -37.03 -4.30 65.44
C ARG A 342 -36.82 -3.98 66.91
N ASP A 343 -37.85 -3.44 67.56
CA ASP A 343 -37.74 -3.11 68.98
C ASP A 343 -37.46 -4.36 69.82
N LEU A 344 -38.14 -5.46 69.51
CA LEU A 344 -37.93 -6.68 70.28
C LEU A 344 -36.51 -7.23 70.11
N ARG A 345 -35.99 -7.22 68.87
CA ARG A 345 -34.64 -7.70 68.67
C ARG A 345 -33.61 -6.78 69.33
N ILE A 346 -33.92 -5.48 69.42
CA ILE A 346 -33.03 -4.59 70.14
C ILE A 346 -33.15 -4.78 71.66
N LEU A 347 -34.31 -5.23 72.13
CA LEU A 347 -34.63 -5.25 73.55
C LEU A 347 -34.49 -6.63 74.19
N ALA A 348 -34.85 -7.69 73.49
CA ALA A 348 -34.94 -9.02 74.08
C ALA A 348 -33.63 -9.79 73.89
N GLU A 349 -33.60 -11.01 74.41
CA GLU A 349 -32.45 -11.90 74.30
C GLU A 349 -32.93 -13.33 74.19
N GLU A 350 -32.06 -14.19 73.66
CA GLU A 350 -32.38 -15.58 73.39
C GLU A 350 -33.69 -15.72 72.60
N PRO A 351 -33.81 -15.02 71.47
CA PRO A 351 -35.09 -15.01 70.74
C PRO A 351 -35.17 -16.05 69.65
N ILE A 352 -36.40 -16.41 69.31
CA ILE A 352 -36.72 -17.21 68.13
C ILE A 352 -37.90 -16.55 67.43
N TYR A 353 -37.78 -16.35 66.12
CA TYR A 353 -38.75 -15.60 65.34
C TYR A 353 -39.46 -16.52 64.35
N ILE A 354 -40.78 -16.35 64.24
CA ILE A 354 -41.61 -17.14 63.32
C ILE A 354 -42.59 -16.20 62.64
N ARG A 355 -42.89 -16.49 61.38
CA ARG A 355 -43.83 -15.70 60.59
C ARG A 355 -45.12 -16.48 60.36
N VAL A 356 -46.21 -15.74 60.15
CA VAL A 356 -47.52 -16.30 59.90
C VAL A 356 -47.99 -15.84 58.52
N GLU A 357 -48.60 -16.77 57.78
CA GLU A 357 -49.06 -16.49 56.42
C GLU A 357 -50.58 -16.46 56.31
N GLY A 358 -51.27 -17.50 56.74
CA GLY A 358 -52.72 -17.52 56.72
C GLY A 358 -53.31 -18.53 55.75
N PHE A 359 -54.49 -18.23 55.22
CA PHE A 359 -55.19 -19.17 54.35
C PHE A 359 -54.42 -19.37 53.05
N LEU A 360 -54.34 -20.63 52.62
CA LEU A 360 -53.80 -20.97 51.32
C LEU A 360 -54.95 -21.07 50.31
N GLU A 361 -54.62 -21.40 49.06
CA GLU A 361 -55.66 -21.47 48.03
C GLU A 361 -56.70 -22.54 48.36
N GLU A 362 -56.24 -23.72 48.79
CA GLU A 362 -57.18 -24.78 49.15
C GLU A 362 -58.03 -24.38 50.35
N ASP A 363 -57.43 -23.66 51.30
CA ASP A 363 -58.20 -23.17 52.45
C ASP A 363 -59.29 -22.21 51.99
N ARG A 364 -58.97 -21.31 51.07
CA ARG A 364 -59.97 -20.38 50.55
C ARG A 364 -61.09 -21.13 49.83
N ARG A 365 -60.72 -22.13 49.02
CA ARG A 365 -61.74 -22.90 48.31
C ARG A 365 -62.65 -23.64 49.28
N ALA A 366 -62.07 -24.25 50.32
CA ALA A 366 -62.87 -24.94 51.31
C ALA A 366 -63.78 -23.97 52.06
N TYR A 367 -63.26 -22.78 52.39
CA TYR A 367 -64.09 -21.79 53.07
C TYR A 367 -65.26 -21.36 52.20
N PHE A 368 -65.02 -21.16 50.90
CA PHE A 368 -66.11 -20.81 50.00
C PHE A 368 -67.13 -21.94 49.92
N LEU A 369 -66.66 -23.18 49.83
CA LEU A 369 -67.58 -24.33 49.76
C LEU A 369 -68.44 -24.41 51.01
N ARG A 370 -67.84 -24.20 52.18
CA ARG A 370 -68.59 -24.28 53.43
C ARG A 370 -69.55 -23.10 53.57
N HIS A 371 -69.12 -21.90 53.20
CA HIS A 371 -69.97 -20.72 53.35
C HIS A 371 -71.17 -20.78 52.42
N PHE A 372 -70.93 -21.04 51.13
CA PHE A 372 -72.04 -21.06 50.17
C PHE A 372 -72.84 -22.35 50.28
N GLY A 373 -72.18 -23.47 50.55
CA GLY A 373 -72.86 -24.75 50.65
C GLY A 373 -73.17 -25.41 49.33
N ASP A 374 -72.79 -24.79 48.20
CA ASP A 374 -73.06 -25.33 46.88
C ASP A 374 -71.77 -25.34 46.07
N GLU A 375 -71.58 -26.40 45.30
CA GLU A 375 -70.35 -26.52 44.51
C GLU A 375 -70.26 -25.41 43.47
N ASP A 376 -71.33 -25.20 42.71
CA ASP A 376 -71.28 -24.23 41.61
C ASP A 376 -71.11 -22.81 42.13
N GLN A 377 -71.92 -22.42 43.12
CA GLN A 377 -71.80 -21.07 43.68
C GLN A 377 -70.46 -20.89 44.37
N ALA A 378 -69.98 -21.91 45.08
CA ALA A 378 -68.68 -21.81 45.73
C ALA A 378 -67.57 -21.59 44.72
N MET A 379 -67.59 -22.35 43.61
CA MET A 379 -66.57 -22.17 42.58
C MET A 379 -66.69 -20.81 41.91
N ARG A 380 -67.93 -20.34 41.70
CA ARG A 380 -68.11 -19.01 41.12
C ARG A 380 -67.51 -17.94 42.01
N ALA A 381 -67.78 -18.01 43.31
CA ALA A 381 -67.19 -17.04 44.24
C ALA A 381 -65.68 -17.14 44.27
N PHE A 382 -65.15 -18.38 44.28
CA PHE A 382 -63.70 -18.55 44.36
C PHE A 382 -63.01 -17.99 43.13
N GLU A 383 -63.56 -18.24 41.94
CA GLU A 383 -62.93 -17.75 40.72
C GLU A 383 -63.12 -16.25 40.56
N LEU A 384 -64.24 -15.71 41.07
CA LEU A 384 -64.42 -14.26 41.05
C LEU A 384 -63.36 -13.58 41.90
N MET A 385 -63.03 -14.15 43.06
CA MET A 385 -61.95 -13.60 43.87
C MET A 385 -60.60 -13.74 43.18
N ARG A 386 -60.36 -14.87 42.50
CA ARG A 386 -59.09 -15.07 41.81
C ARG A 386 -58.87 -14.06 40.70
N SER A 387 -59.93 -13.39 40.24
CA SER A 387 -59.79 -12.45 39.12
C SER A 387 -58.88 -11.29 39.47
N ASN A 388 -58.89 -10.84 40.72
CA ASN A 388 -58.11 -9.69 41.16
C ASN A 388 -56.90 -10.18 41.94
N ALA A 389 -55.70 -9.85 41.44
CA ALA A 389 -54.47 -10.35 42.06
C ALA A 389 -54.23 -9.70 43.42
N ALA A 390 -54.38 -8.38 43.50
CA ALA A 390 -54.14 -7.69 44.76
C ALA A 390 -55.14 -8.13 45.83
N LEU A 391 -56.41 -8.25 45.44
CA LEU A 391 -57.42 -8.78 46.37
C LEU A 391 -57.13 -10.22 46.73
N PHE A 392 -56.68 -11.02 45.76
CA PHE A 392 -56.36 -12.42 46.03
C PHE A 392 -55.26 -12.54 47.08
N GLN A 393 -54.21 -11.72 46.94
CA GLN A 393 -53.17 -11.70 47.97
C GLN A 393 -53.71 -11.13 49.27
N LEU A 394 -54.54 -10.10 49.21
CA LEU A 394 -55.17 -9.55 50.40
C LEU A 394 -56.14 -10.53 51.04
N GLY A 395 -56.50 -11.61 50.32
CA GLY A 395 -57.42 -12.59 50.85
C GLY A 395 -56.80 -13.62 51.79
N SER A 396 -55.51 -13.49 52.10
CA SER A 396 -54.89 -14.41 53.05
C SER A 396 -55.53 -14.32 54.42
N ALA A 397 -56.12 -13.17 54.77
CA ALA A 397 -56.74 -12.99 56.08
C ALA A 397 -58.15 -13.56 56.06
N PRO A 398 -58.51 -14.44 57.01
CA PRO A 398 -59.89 -14.95 57.03
C PRO A 398 -60.94 -13.86 57.16
N ALA A 399 -60.60 -12.72 57.77
CA ALA A 399 -61.55 -11.61 57.80
C ALA A 399 -61.85 -11.11 56.39
N VAL A 400 -60.83 -10.99 55.55
CA VAL A 400 -61.05 -10.61 54.17
C VAL A 400 -61.87 -11.68 53.45
N CYS A 401 -61.63 -12.95 53.77
CA CYS A 401 -62.42 -14.02 53.17
C CYS A 401 -63.89 -13.89 53.54
N TRP A 402 -64.17 -13.59 54.81
CA TRP A 402 -65.55 -13.40 55.25
C TRP A 402 -66.19 -12.21 54.54
N ILE A 403 -65.44 -11.11 54.41
CA ILE A 403 -65.97 -9.93 53.72
C ILE A 403 -66.31 -10.29 52.28
N VAL A 404 -65.39 -10.98 51.60
CA VAL A 404 -65.62 -11.34 50.20
C VAL A 404 -66.83 -12.25 50.09
N CYS A 405 -66.91 -13.26 50.96
CA CYS A 405 -68.02 -14.21 50.90
C CYS A 405 -69.35 -13.49 51.09
N THR A 406 -69.43 -12.63 52.11
CA THR A 406 -70.67 -11.92 52.37
C THR A 406 -71.04 -11.03 51.18
N THR A 407 -70.07 -10.27 50.67
CA THR A 407 -70.37 -9.35 49.57
C THR A 407 -70.84 -10.10 48.34
N LEU A 408 -70.13 -11.17 47.96
CA LEU A 408 -70.49 -11.90 46.75
C LEU A 408 -71.81 -12.64 46.92
N LYS A 409 -72.05 -13.23 48.10
CA LYS A 409 -73.33 -13.88 48.36
C LYS A 409 -74.48 -12.89 48.24
N LEU A 410 -74.32 -11.71 48.85
CA LEU A 410 -75.37 -10.71 48.78
C LEU A 410 -75.60 -10.23 47.36
N GLN A 411 -74.51 -10.03 46.60
CA GLN A 411 -74.65 -9.57 45.23
C GLN A 411 -75.34 -10.62 44.36
N MET A 412 -74.98 -11.89 44.54
CA MET A 412 -75.64 -12.95 43.79
C MET A 412 -77.11 -13.05 44.14
N GLU A 413 -77.45 -12.94 45.43
CA GLU A 413 -78.85 -13.00 45.83
C GLU A 413 -79.62 -11.81 45.27
N LYS A 414 -79.03 -10.62 45.30
CA LYS A 414 -79.68 -9.42 44.81
C LYS A 414 -79.67 -9.32 43.29
N GLY A 415 -78.81 -10.08 42.62
CA GLY A 415 -78.73 -10.05 41.17
C GLY A 415 -77.71 -9.09 40.60
N GLU A 416 -76.80 -8.57 41.43
CA GLU A 416 -75.77 -7.66 40.95
C GLU A 416 -74.63 -8.42 40.28
N ASP A 417 -74.06 -7.82 39.25
CA ASP A 417 -72.94 -8.44 38.55
C ASP A 417 -71.68 -8.32 39.40
N PRO A 418 -70.98 -9.42 39.72
CA PRO A 418 -69.88 -9.31 40.69
C PRO A 418 -68.53 -8.92 40.08
N VAL A 419 -68.32 -9.17 38.78
CA VAL A 419 -67.00 -8.90 38.19
C VAL A 419 -66.62 -7.43 38.29
N PRO A 420 -67.50 -6.46 38.04
CA PRO A 420 -67.07 -5.06 38.22
C PRO A 420 -66.70 -4.75 39.66
N THR A 421 -67.40 -5.36 40.61
CA THR A 421 -67.06 -5.18 42.02
C THR A 421 -65.68 -5.76 42.33
N CYS A 422 -65.37 -6.92 41.76
CA CYS A 422 -64.06 -7.55 41.99
C CYS A 422 -62.95 -6.91 41.16
N LEU A 423 -63.29 -6.01 40.23
CA LEU A 423 -62.26 -5.39 39.42
C LEU A 423 -61.26 -4.62 40.28
N THR A 424 -61.75 -3.87 41.27
CA THR A 424 -60.91 -3.10 42.17
C THR A 424 -61.30 -3.37 43.60
N ARG A 425 -60.30 -3.48 44.49
CA ARG A 425 -60.56 -3.81 45.88
C ARG A 425 -61.16 -2.63 46.64
N THR A 426 -60.88 -1.40 46.21
CA THR A 426 -61.56 -0.25 46.79
C THR A 426 -63.06 -0.36 46.59
N GLY A 427 -63.49 -0.77 45.40
CA GLY A 427 -64.90 -1.00 45.17
C GLY A 427 -65.47 -2.08 46.08
N LEU A 428 -64.71 -3.15 46.31
CA LEU A 428 -65.19 -4.21 47.19
C LEU A 428 -65.38 -3.69 48.61
N PHE A 429 -64.41 -2.94 49.13
CA PHE A 429 -64.53 -2.42 50.48
C PHE A 429 -65.68 -1.42 50.58
N LEU A 430 -65.85 -0.57 49.57
CA LEU A 430 -66.96 0.38 49.58
C LEU A 430 -68.30 -0.34 49.54
N ARG A 431 -68.40 -1.41 48.74
CA ARG A 431 -69.63 -2.19 48.69
C ARG A 431 -69.92 -2.84 50.04
N PHE A 432 -68.89 -3.38 50.68
CA PHE A 432 -69.08 -3.98 52.01
C PHE A 432 -69.56 -2.93 53.01
N LEU A 433 -68.95 -1.75 52.98
CA LEU A 433 -69.37 -0.68 53.88
C LEU A 433 -70.82 -0.30 53.62
N CYS A 434 -71.20 -0.18 52.36
CA CYS A 434 -72.57 0.18 52.01
C CYS A 434 -73.56 -0.88 52.50
N SER A 435 -73.21 -2.16 52.31
CA SER A 435 -74.14 -3.23 52.66
C SER A 435 -74.28 -3.40 54.17
N ARG A 436 -73.18 -3.27 54.91
CA ARG A 436 -73.19 -3.67 56.32
C ARG A 436 -74.02 -2.72 57.18
N PHE A 437 -73.85 -1.42 57.01
CA PHE A 437 -74.47 -0.51 57.97
C PHE A 437 -75.99 -0.49 57.78
N PRO A 438 -76.76 -0.42 58.88
CA PRO A 438 -78.21 -0.36 58.75
C PRO A 438 -78.68 0.94 58.12
N GLN A 439 -79.98 1.02 57.89
CA GLN A 439 -80.61 2.21 57.34
C GLN A 439 -80.90 3.21 58.46
N GLY A 440 -81.23 4.43 58.06
CA GLY A 440 -81.58 5.46 59.02
C GLY A 440 -81.33 6.85 58.46
N ALA A 441 -81.04 7.78 59.37
CA ALA A 441 -80.77 9.17 59.02
C ALA A 441 -79.59 9.66 59.84
N GLN A 442 -79.11 10.86 59.48
CA GLN A 442 -77.96 11.49 60.11
C GLN A 442 -76.85 10.48 60.42
N LEU A 443 -76.58 9.58 59.47
CA LEU A 443 -75.40 8.71 59.58
C LEU A 443 -74.10 9.47 59.40
N ARG A 444 -74.18 10.73 58.97
CA ARG A 444 -72.97 11.50 58.69
C ARG A 444 -72.11 11.65 59.94
N GLY A 445 -72.73 11.93 61.09
CA GLY A 445 -71.94 12.07 62.31
C GLY A 445 -71.25 10.78 62.71
N ALA A 446 -71.95 9.65 62.61
CA ALA A 446 -71.35 8.37 62.95
C ALA A 446 -70.17 8.06 62.03
N LEU A 447 -70.36 8.27 60.72
CA LEU A 447 -69.27 8.00 59.78
C LEU A 447 -68.10 8.95 60.03
N ARG A 448 -68.38 10.21 60.33
CA ARG A 448 -67.30 11.17 60.60
C ARG A 448 -66.51 10.77 61.83
N THR A 449 -67.19 10.37 62.90
CA THR A 449 -66.48 9.93 64.10
C THR A 449 -65.67 8.67 63.84
N LEU A 450 -66.24 7.72 63.10
CA LEU A 450 -65.49 6.52 62.74
C LEU A 450 -64.23 6.86 61.97
N SER A 451 -64.36 7.75 60.98
CA SER A 451 -63.21 8.11 60.15
C SER A 451 -62.17 8.87 60.97
N LEU A 452 -62.62 9.74 61.87
CA LEU A 452 -61.69 10.46 62.75
C LEU A 452 -60.91 9.49 63.62
N LEU A 453 -61.60 8.52 64.23
CA LEU A 453 -60.91 7.54 65.08
C LEU A 453 -59.94 6.70 64.26
N ALA A 454 -60.34 6.30 63.04
CA ALA A 454 -59.46 5.51 62.20
C ALA A 454 -58.19 6.30 61.86
N ALA A 455 -58.34 7.57 61.49
CA ALA A 455 -57.19 8.39 61.16
C ALA A 455 -56.28 8.57 62.38
N GLN A 456 -56.88 8.84 63.55
CA GLN A 456 -56.09 9.01 64.75
C GLN A 456 -55.30 7.76 65.08
N GLY A 457 -55.93 6.59 64.96
CA GLY A 457 -55.22 5.35 65.19
C GLY A 457 -54.11 5.12 64.18
N LEU A 458 -54.38 5.41 62.91
CA LEU A 458 -53.38 5.17 61.86
C LEU A 458 -52.16 6.06 62.06
N TRP A 459 -52.37 7.33 62.41
CA TRP A 459 -51.24 8.22 62.67
C TRP A 459 -50.36 7.67 63.78
N ALA A 460 -50.97 7.18 64.86
CA ALA A 460 -50.22 6.59 65.96
C ALA A 460 -49.83 5.14 65.69
N GLN A 461 -50.20 4.59 64.54
CA GLN A 461 -49.87 3.21 64.18
C GLN A 461 -50.53 2.23 65.14
N THR A 462 -51.84 2.38 65.32
CA THR A 462 -52.62 1.52 66.20
C THR A 462 -53.96 1.22 65.55
N SER A 463 -54.59 0.15 66.01
CA SER A 463 -55.88 -0.28 65.50
C SER A 463 -56.87 -0.62 66.62
N VAL A 464 -56.73 0.03 67.78
CA VAL A 464 -57.55 -0.25 68.94
C VAL A 464 -58.15 1.05 69.45
N LEU A 465 -59.36 0.94 70.02
CA LEU A 465 -60.04 2.06 70.64
C LEU A 465 -60.31 1.75 72.11
N HIS A 466 -60.19 2.76 72.96
CA HIS A 466 -60.41 2.62 74.39
C HIS A 466 -61.55 3.51 74.83
N ARG A 467 -62.25 3.09 75.89
CA ARG A 467 -63.39 3.85 76.38
C ARG A 467 -62.96 5.16 77.01
N GLU A 468 -61.74 5.23 77.56
CA GLU A 468 -61.29 6.47 78.18
C GLU A 468 -61.20 7.60 77.16
N ASP A 469 -60.50 7.35 76.06
CA ASP A 469 -60.37 8.37 75.03
C ASP A 469 -61.71 8.68 74.39
N LEU A 470 -62.54 7.65 74.18
CA LEU A 470 -63.87 7.87 73.61
C LEU A 470 -64.70 8.78 74.50
N GLU A 471 -64.67 8.55 75.81
CA GLU A 471 -65.45 9.37 76.73
C GLU A 471 -64.90 10.79 76.81
N ARG A 472 -63.58 10.94 76.86
CA ARG A 472 -63.00 12.27 76.90
C ARG A 472 -63.31 13.04 75.61
N LEU A 473 -63.40 12.33 74.49
CA LEU A 473 -63.78 12.98 73.23
C LEU A 473 -65.27 13.27 73.16
N GLY A 474 -66.10 12.39 73.74
CA GLY A 474 -67.53 12.61 73.76
C GLY A 474 -68.29 11.84 72.71
N VAL A 475 -68.01 10.54 72.59
CA VAL A 475 -68.70 9.69 71.62
C VAL A 475 -70.08 9.35 72.15
N GLN A 476 -71.05 9.25 71.24
CA GLN A 476 -72.40 8.82 71.60
C GLN A 476 -72.43 7.31 71.80
N GLU A 477 -73.27 6.88 72.76
CA GLU A 477 -73.46 5.45 72.97
C GLU A 477 -74.06 4.79 71.74
N SER A 478 -75.00 5.48 71.09
CA SER A 478 -75.65 4.91 69.91
C SER A 478 -74.65 4.66 68.79
N ASP A 479 -73.69 5.57 68.60
CA ASP A 479 -72.71 5.39 67.53
C ASP A 479 -71.85 4.16 67.78
N LEU A 480 -71.35 4.00 69.00
CA LEU A 480 -70.55 2.83 69.32
C LEU A 480 -71.37 1.56 69.17
N ARG A 481 -72.63 1.58 69.64
CA ARG A 481 -73.50 0.42 69.46
C ARG A 481 -73.64 0.07 67.99
N LEU A 482 -73.98 1.06 67.15
CA LEU A 482 -74.14 0.81 65.72
C LEU A 482 -72.88 0.24 65.12
N PHE A 483 -71.72 0.78 65.48
CA PHE A 483 -70.46 0.21 65.01
C PHE A 483 -70.36 -1.26 65.40
N LEU A 484 -70.80 -1.61 66.62
CA LEU A 484 -70.69 -2.98 67.09
C LEU A 484 -71.63 -3.91 66.33
N ASP A 485 -72.88 -3.51 66.13
CA ASP A 485 -73.85 -4.40 65.48
C ASP A 485 -73.43 -4.74 64.06
N GLY A 486 -72.74 -3.83 63.36
CA GLY A 486 -72.29 -4.10 62.01
C GLY A 486 -71.02 -4.90 61.91
N ASP A 487 -70.45 -5.33 63.03
CA ASP A 487 -69.19 -6.06 63.06
C ASP A 487 -68.03 -5.24 62.50
N ILE A 488 -68.21 -3.93 62.38
CA ILE A 488 -67.14 -3.07 61.88
C ILE A 488 -66.00 -3.02 62.88
N LEU A 489 -66.32 -2.91 64.17
CA LEU A 489 -65.35 -3.04 65.24
C LEU A 489 -65.86 -4.06 66.24
N ARG A 490 -64.94 -4.86 66.78
CA ARG A 490 -65.27 -6.00 67.63
C ARG A 490 -64.63 -5.83 68.99
N GLN A 491 -65.34 -6.27 70.03
CA GLN A 491 -64.88 -6.21 71.41
C GLN A 491 -64.69 -7.63 71.94
N ASP A 492 -63.66 -7.79 72.77
CA ASP A 492 -63.41 -9.05 73.47
C ASP A 492 -63.69 -8.85 74.95
N ARG A 493 -64.56 -9.69 75.51
CA ARG A 493 -64.92 -9.55 76.92
C ARG A 493 -63.75 -9.80 77.86
N VAL A 494 -62.67 -10.40 77.37
CA VAL A 494 -61.46 -10.53 78.18
C VAL A 494 -60.87 -9.15 78.46
N SER A 495 -61.07 -8.20 77.55
CA SER A 495 -60.57 -6.85 77.71
C SER A 495 -61.71 -5.84 77.57
N LYS A 496 -62.82 -6.08 78.27
CA LYS A 496 -63.97 -5.19 78.22
C LYS A 496 -63.52 -3.74 78.33
N GLY A 497 -64.17 -2.87 77.56
CA GLY A 497 -63.78 -1.47 77.46
C GLY A 497 -62.82 -1.18 76.33
N CYS A 498 -62.35 -2.19 75.60
CA CYS A 498 -61.46 -2.02 74.48
C CYS A 498 -62.09 -2.60 73.22
N TYR A 499 -61.82 -1.95 72.08
CA TYR A 499 -62.39 -2.35 70.81
C TYR A 499 -61.32 -2.34 69.74
N SER A 500 -61.53 -3.15 68.70
CA SER A 500 -60.58 -3.27 67.60
C SER A 500 -61.34 -3.21 66.28
N PHE A 501 -60.65 -2.73 65.25
CA PHE A 501 -61.23 -2.65 63.91
C PHE A 501 -61.29 -4.04 63.28
N ILE A 502 -62.15 -4.17 62.27
CA ILE A 502 -62.31 -5.46 61.61
C ILE A 502 -61.01 -5.86 60.91
N HIS A 503 -60.38 -4.92 60.22
CA HIS A 503 -59.10 -5.21 59.58
C HIS A 503 -58.39 -3.89 59.27
N LEU A 504 -57.07 -3.98 59.06
CA LEU A 504 -56.27 -2.79 58.81
C LEU A 504 -56.58 -2.16 57.47
N SER A 505 -56.94 -2.96 56.47
CA SER A 505 -57.32 -2.41 55.17
C SER A 505 -58.54 -1.51 55.30
N PHE A 506 -59.53 -1.93 56.08
CA PHE A 506 -60.69 -1.09 56.32
C PHE A 506 -60.31 0.19 57.05
N GLN A 507 -59.36 0.10 57.99
CA GLN A 507 -58.92 1.31 58.68
C GLN A 507 -58.25 2.29 57.73
N GLN A 508 -57.41 1.78 56.82
CA GLN A 508 -56.77 2.65 55.84
C GLN A 508 -57.81 3.27 54.91
N PHE A 509 -58.79 2.47 54.48
CA PHE A 509 -59.88 3.00 53.66
C PHE A 509 -60.61 4.11 54.39
N LEU A 510 -60.90 3.90 55.67
CA LEU A 510 -61.60 4.92 56.45
C LEU A 510 -60.75 6.17 56.65
N THR A 511 -59.43 6.02 56.78
CA THR A 511 -58.56 7.18 56.90
C THR A 511 -58.54 7.99 55.59
N ALA A 512 -58.43 7.29 54.46
CA ALA A 512 -58.50 7.98 53.18
C ALA A 512 -59.85 8.69 53.02
N LEU A 513 -60.93 8.04 53.46
CA LEU A 513 -62.24 8.67 53.41
C LEU A 513 -62.30 9.89 54.31
N PHE A 514 -61.70 9.80 55.51
CA PHE A 514 -61.60 10.95 56.39
C PHE A 514 -60.99 12.13 55.66
N TYR A 515 -59.84 11.90 55.01
CA TYR A 515 -59.23 12.97 54.24
C TYR A 515 -60.10 13.39 53.07
N THR A 516 -60.98 12.51 52.60
CA THR A 516 -61.86 12.83 51.47
C THR A 516 -63.07 13.66 51.88
N LEU A 517 -63.43 13.68 53.16
CA LEU A 517 -64.63 14.38 53.60
C LEU A 517 -64.38 15.88 53.73
N GLU A 518 -65.44 16.66 53.55
CA GLU A 518 -65.36 18.10 53.76
C GLU A 518 -65.22 18.39 55.25
N LYS A 519 -64.34 19.33 55.58
CA LYS A 519 -64.00 19.62 56.97
C LYS A 519 -64.86 20.78 57.47
N GLU A 520 -65.45 20.60 58.65
CA GLU A 520 -66.30 21.61 59.26
C GLU A 520 -65.52 22.38 60.32
N GLU A 521 -65.92 23.64 60.53
CA GLU A 521 -65.22 24.50 61.48
C GLU A 521 -65.61 24.22 62.93
N GLU A 522 -66.73 23.52 63.16
CA GLU A 522 -67.15 23.25 64.52
C GLU A 522 -66.12 22.40 65.26
N GLU A 523 -65.59 21.36 64.60
CA GLU A 523 -64.58 20.53 65.23
C GLU A 523 -63.32 21.33 65.52
N ASP A 524 -62.91 22.20 64.59
CA ASP A 524 -61.72 23.02 64.82
C ASP A 524 -61.92 23.95 66.02
N ARG A 525 -63.11 24.53 66.14
CA ARG A 525 -63.39 25.42 67.27
C ARG A 525 -63.39 24.69 68.60
N ASP A 526 -63.48 23.36 68.58
CA ASP A 526 -63.52 22.60 69.83
C ASP A 526 -62.18 22.66 70.55
N GLY A 527 -62.23 22.45 71.87
CA GLY A 527 -61.02 22.47 72.67
C GLY A 527 -60.20 21.20 72.62
N HIS A 528 -60.71 20.14 72.00
CA HIS A 528 -59.96 18.90 71.90
C HIS A 528 -58.78 19.07 70.95
N THR A 529 -57.70 18.35 71.24
CA THR A 529 -56.46 18.43 70.47
C THR A 529 -56.20 17.10 69.79
N TRP A 530 -55.89 17.14 68.49
CA TRP A 530 -55.56 15.96 67.72
C TRP A 530 -54.23 16.17 67.01
N ASP A 531 -53.51 15.07 66.80
CA ASP A 531 -52.25 15.08 66.05
C ASP A 531 -52.44 14.80 64.58
N ILE A 532 -53.62 15.13 64.03
CA ILE A 532 -53.94 14.81 62.64
C ILE A 532 -53.20 15.81 61.74
N GLY A 533 -52.46 15.28 60.78
CA GLY A 533 -51.81 16.11 59.79
C GLY A 533 -52.77 16.46 58.66
N ASP A 534 -52.19 17.02 57.60
CA ASP A 534 -52.95 17.40 56.42
C ASP A 534 -52.70 16.39 55.29
N VAL A 535 -53.41 16.59 54.18
CA VAL A 535 -53.32 15.64 53.06
C VAL A 535 -51.92 15.64 52.47
N GLN A 536 -51.35 16.83 52.27
CA GLN A 536 -50.01 16.90 51.71
C GLN A 536 -48.98 16.28 52.64
N LYS A 537 -49.19 16.39 53.95
CA LYS A 537 -48.31 15.72 54.90
C LYS A 537 -48.36 14.21 54.70
N LEU A 538 -49.56 13.66 54.48
CA LEU A 538 -49.67 12.24 54.18
C LEU A 538 -48.96 11.89 52.88
N LEU A 539 -49.08 12.75 51.87
CA LEU A 539 -48.47 12.47 50.57
C LEU A 539 -46.96 12.69 50.57
N SER A 540 -46.43 13.42 51.55
CA SER A 540 -45.00 13.70 51.57
C SER A 540 -44.21 12.41 51.77
N GLY A 541 -43.09 12.29 51.04
CA GLY A 541 -42.30 11.08 51.09
C GLY A 541 -41.66 10.83 52.44
N VAL A 542 -41.26 11.90 53.14
CA VAL A 542 -40.63 11.72 54.45
C VAL A 542 -41.59 11.04 55.39
N GLU A 543 -42.88 11.42 55.36
CA GLU A 543 -43.86 10.75 56.20
C GLU A 543 -44.09 9.32 55.74
N ARG A 544 -44.01 9.05 54.43
CA ARG A 544 -44.06 7.67 53.97
C ARG A 544 -42.96 6.84 54.60
N LEU A 545 -41.74 7.40 54.65
CA LEU A 545 -40.63 6.72 55.32
C LEU A 545 -40.93 6.54 56.80
N ARG A 546 -41.51 7.55 57.44
CA ARG A 546 -41.83 7.47 58.86
C ARG A 546 -42.91 6.43 59.13
N ASN A 547 -44.01 6.49 58.37
CA ASN A 547 -45.16 5.62 58.59
C ASN A 547 -45.45 4.83 57.32
N PRO A 548 -45.13 3.53 57.28
CA PRO A 548 -45.40 2.75 56.07
C PRO A 548 -46.87 2.69 55.68
N ASP A 549 -47.78 2.84 56.64
CA ASP A 549 -49.20 2.69 56.34
C ASP A 549 -49.71 3.72 55.33
N LEU A 550 -48.97 4.82 55.14
CA LEU A 550 -49.48 5.92 54.33
C LEU A 550 -49.45 5.61 52.84
N ILE A 551 -48.59 4.69 52.38
CA ILE A 551 -48.58 4.35 50.96
C ILE A 551 -49.88 3.65 50.57
N GLN A 552 -50.34 2.72 51.40
CA GLN A 552 -51.65 2.12 51.18
C GLN A 552 -52.75 3.17 51.31
N ALA A 553 -52.58 4.09 52.25
CA ALA A 553 -53.52 5.21 52.35
C ALA A 553 -53.51 6.05 51.08
N GLY A 554 -52.32 6.27 50.50
CA GLY A 554 -52.26 6.96 49.22
C GLY A 554 -52.99 6.21 48.12
N TYR A 555 -52.80 4.88 48.06
CA TYR A 555 -53.51 4.06 47.09
C TYR A 555 -55.02 4.23 47.24
N TYR A 556 -55.51 4.16 48.48
CA TYR A 556 -56.95 4.18 48.71
C TYR A 556 -57.53 5.58 48.52
N SER A 557 -56.73 6.63 48.78
CA SER A 557 -57.18 7.98 48.45
C SER A 557 -57.25 8.19 46.95
N PHE A 558 -56.29 7.63 46.21
CA PHE A 558 -56.37 7.66 44.75
C PHE A 558 -57.63 6.93 44.29
N GLY A 559 -57.92 5.77 44.86
CA GLY A 559 -59.11 5.04 44.47
C GLY A 559 -60.39 5.81 44.78
N LEU A 560 -60.45 6.41 45.98
CA LEU A 560 -61.63 7.16 46.38
C LEU A 560 -61.81 8.44 45.58
N ALA A 561 -60.82 8.86 44.80
CA ALA A 561 -60.98 10.02 43.93
C ALA A 561 -61.98 9.76 42.80
N ASN A 562 -62.38 8.51 42.60
CA ASN A 562 -63.36 8.20 41.57
C ASN A 562 -64.68 8.92 41.84
N GLU A 563 -65.33 9.38 40.76
CA GLU A 563 -66.58 10.11 40.92
C GLU A 563 -67.74 9.18 41.27
N LYS A 564 -67.82 8.02 40.63
CA LYS A 564 -68.93 7.11 40.89
C LYS A 564 -68.92 6.63 42.33
N ARG A 565 -67.75 6.28 42.85
CA ARG A 565 -67.66 5.87 44.25
C ARG A 565 -68.09 7.00 45.17
N ALA A 566 -67.69 8.22 44.86
CA ALA A 566 -68.07 9.37 45.70
C ALA A 566 -69.58 9.56 45.70
N LYS A 567 -70.20 9.48 44.52
CA LYS A 567 -71.65 9.64 44.45
C LYS A 567 -72.35 8.54 45.23
N GLU A 568 -71.91 7.29 45.08
CA GLU A 568 -72.53 6.18 45.79
C GLU A 568 -72.41 6.38 47.30
N LEU A 569 -71.22 6.78 47.76
CA LEU A 569 -70.99 6.94 49.20
C LEU A 569 -71.83 8.10 49.74
N GLU A 570 -71.89 9.22 49.01
CA GLU A 570 -72.72 10.33 49.45
C GLU A 570 -74.19 9.91 49.53
N ALA A 571 -74.67 9.16 48.54
CA ALA A 571 -76.06 8.75 48.53
C ALA A 571 -76.36 7.82 49.71
N THR A 572 -75.49 6.84 49.96
CA THR A 572 -75.79 5.86 50.99
C THR A 572 -75.61 6.44 52.40
N PHE A 573 -74.55 7.22 52.62
CA PHE A 573 -74.24 7.72 53.96
C PHE A 573 -74.57 9.19 54.15
N GLY A 574 -74.90 9.91 53.09
CA GLY A 574 -75.27 11.31 53.21
C GLY A 574 -74.12 12.26 53.41
N CYS A 575 -72.88 11.79 53.30
CA CYS A 575 -71.73 12.66 53.50
C CYS A 575 -71.60 13.64 52.34
N ARG A 576 -70.63 14.55 52.47
CA ARG A 576 -70.34 15.55 51.44
C ARG A 576 -68.86 15.53 51.13
N MET A 577 -68.52 15.66 49.85
CA MET A 577 -67.14 15.62 49.38
C MET A 577 -66.68 17.01 48.98
N SER A 578 -65.38 17.26 49.09
CA SER A 578 -64.78 18.54 48.72
C SER A 578 -63.87 18.36 47.51
N PRO A 579 -63.86 19.30 46.57
CA PRO A 579 -62.97 19.16 45.40
C PRO A 579 -61.53 19.57 45.65
N ASP A 580 -61.27 20.36 46.70
CA ASP A 580 -59.91 20.78 46.97
C ASP A 580 -59.02 19.59 47.30
N ILE A 581 -59.56 18.60 48.01
CA ILE A 581 -58.79 17.40 48.32
C ILE A 581 -58.33 16.72 47.04
N LYS A 582 -59.18 16.73 46.01
CA LYS A 582 -58.78 16.15 44.73
C LYS A 582 -57.72 17.00 44.04
N GLN A 583 -57.77 18.32 44.20
CA GLN A 583 -56.74 19.18 43.64
C GLN A 583 -55.39 18.95 44.35
N GLU A 584 -55.42 18.52 45.61
CA GLU A 584 -54.18 18.18 46.28
C GLU A 584 -53.43 17.08 45.54
N LEU A 585 -54.15 16.13 44.94
CA LEU A 585 -53.49 15.07 44.18
C LEU A 585 -52.74 15.66 42.98
N LEU A 586 -53.36 16.59 42.27
CA LEU A 586 -52.66 17.23 41.15
C LEU A 586 -51.51 18.09 41.64
N ARG A 587 -51.62 18.65 42.85
CA ARG A 587 -50.56 19.50 43.37
C ARG A 587 -49.24 18.76 43.57
N CYS A 588 -49.27 17.44 43.63
CA CYS A 588 -48.06 16.63 43.75
C CYS A 588 -47.85 15.67 42.59
N ASP A 589 -48.92 15.02 42.12
CA ASP A 589 -48.88 14.15 40.94
C ASP A 589 -48.00 12.93 41.15
N ILE A 590 -47.42 12.76 42.34
CA ILE A 590 -46.41 11.74 42.57
C ILE A 590 -45.39 11.86 41.45
N SER A 591 -44.89 13.07 41.24
CA SER A 591 -44.06 13.41 40.09
C SER A 591 -43.03 12.33 39.79
N CYS A 592 -43.02 11.87 38.54
CA CYS A 592 -42.13 10.79 38.12
C CYS A 592 -41.41 11.04 36.80
N LYS A 593 -41.74 12.11 36.07
CA LYS A 593 -41.11 12.33 34.78
C LYS A 593 -39.61 12.54 34.91
N GLY A 594 -39.15 13.00 36.07
CA GLY A 594 -37.74 13.27 36.24
C GLY A 594 -36.90 12.02 36.36
N GLY A 595 -35.59 12.20 36.25
CA GLY A 595 -34.66 11.09 36.31
C GLY A 595 -34.37 10.58 37.70
N HIS A 596 -34.82 11.28 38.75
CA HIS A 596 -34.62 10.82 40.11
C HIS A 596 -35.55 9.67 40.49
N SER A 597 -36.53 9.36 39.64
CA SER A 597 -37.47 8.29 39.96
C SER A 597 -36.85 6.93 39.65
N THR A 598 -37.42 5.89 40.26
CA THR A 598 -37.03 4.52 40.01
C THR A 598 -38.07 3.85 39.10
N VAL A 599 -37.81 2.59 38.75
CA VAL A 599 -38.79 1.82 38.00
C VAL A 599 -40.00 1.53 38.88
N THR A 600 -39.75 1.17 40.15
CA THR A 600 -40.85 0.89 41.07
C THR A 600 -41.73 2.11 41.29
N ASP A 601 -41.14 3.32 41.26
CA ASP A 601 -41.94 4.53 41.41
C ASP A 601 -42.93 4.67 40.27
N LEU A 602 -42.47 4.46 39.03
CA LEU A 602 -43.37 4.53 37.88
C LEU A 602 -44.42 3.44 37.94
N GLN A 603 -44.03 2.23 38.35
CA GLN A 603 -44.99 1.15 38.48
C GLN A 603 -46.06 1.48 39.52
N GLU A 604 -45.66 2.08 40.64
CA GLU A 604 -46.62 2.45 41.67
C GLU A 604 -47.55 3.56 41.19
N LEU A 605 -47.01 4.53 40.46
CA LEU A 605 -47.87 5.57 39.89
C LEU A 605 -48.88 4.97 38.92
N LEU A 606 -48.43 4.03 38.08
CA LEU A 606 -49.33 3.35 37.17
C LEU A 606 -50.41 2.59 37.95
N GLY A 607 -50.01 1.92 39.03
CA GLY A 607 -50.99 1.19 39.83
C GLY A 607 -52.02 2.10 40.46
N CYS A 608 -51.59 3.24 40.99
CA CYS A 608 -52.54 4.19 41.57
C CYS A 608 -53.49 4.73 40.51
N LEU A 609 -52.96 5.09 39.33
CA LEU A 609 -53.82 5.59 38.27
C LEU A 609 -54.80 4.52 37.80
N TYR A 610 -54.35 3.27 37.72
CA TYR A 610 -55.25 2.17 37.36
C TYR A 610 -56.34 1.99 38.41
N GLU A 611 -55.98 2.11 39.68
CA GLU A 611 -56.97 2.00 40.75
C GLU A 611 -57.97 3.15 40.71
N SER A 612 -57.55 4.33 40.25
CA SER A 612 -58.45 5.47 40.18
C SER A 612 -59.62 5.18 39.26
N GLN A 613 -59.36 4.53 38.11
CA GLN A 613 -60.40 4.20 37.15
C GLN A 613 -61.14 5.45 36.69
N GLU A 614 -60.40 6.54 36.51
CA GLU A 614 -60.93 7.80 36.02
C GLU A 614 -60.04 8.30 34.90
N GLU A 615 -60.64 8.57 33.74
CA GLU A 615 -59.85 8.88 32.55
C GLU A 615 -59.17 10.25 32.64
N GLU A 616 -59.87 11.27 33.14
CA GLU A 616 -59.32 12.62 33.12
C GLU A 616 -58.09 12.74 34.01
N LEU A 617 -58.12 12.14 35.19
CA LEU A 617 -56.98 12.22 36.09
C LEU A 617 -55.76 11.54 35.49
N VAL A 618 -55.94 10.36 34.89
CA VAL A 618 -54.84 9.67 34.25
C VAL A 618 -54.31 10.49 33.08
N LYS A 619 -55.20 11.11 32.31
CA LYS A 619 -54.78 11.95 31.19
C LYS A 619 -53.92 13.11 31.69
N GLU A 620 -54.35 13.75 32.77
CA GLU A 620 -53.63 14.93 33.27
C GLU A 620 -52.31 14.54 33.93
N VAL A 621 -52.24 13.35 34.55
CA VAL A 621 -51.00 12.95 35.19
C VAL A 621 -50.01 12.39 34.17
N MET A 622 -50.50 11.81 33.07
CA MET A 622 -49.63 11.20 32.07
C MET A 622 -49.17 12.18 31.00
N ALA A 623 -49.77 13.37 30.93
CA ALA A 623 -49.35 14.34 29.92
C ALA A 623 -47.95 14.87 30.18
N GLN A 624 -47.46 14.75 31.42
CA GLN A 624 -46.15 15.30 31.75
C GLN A 624 -45.00 14.51 31.12
N PHE A 625 -45.27 13.32 30.60
CA PHE A 625 -44.21 12.43 30.15
C PHE A 625 -43.76 12.79 28.74
N LYS A 626 -42.50 13.17 28.60
CA LYS A 626 -41.86 13.32 27.30
C LYS A 626 -41.14 12.05 26.85
N GLU A 627 -40.71 11.23 27.80
CA GLU A 627 -40.12 9.93 27.51
C GLU A 627 -40.69 8.91 28.48
N ILE A 628 -40.63 7.64 28.09
CA ILE A 628 -41.23 6.56 28.86
C ILE A 628 -40.37 5.32 28.73
N SER A 629 -40.36 4.52 29.80
CA SER A 629 -39.60 3.27 29.81
C SER A 629 -40.36 2.28 30.69
N LEU A 630 -40.76 1.16 30.11
CA LEU A 630 -41.64 0.20 30.77
C LEU A 630 -40.98 -1.17 30.78
N HIS A 631 -41.09 -1.87 31.91
CA HIS A 631 -40.57 -3.22 32.07
C HIS A 631 -41.71 -4.11 32.55
N LEU A 632 -42.16 -5.01 31.69
CA LEU A 632 -43.47 -5.63 31.81
C LEU A 632 -43.35 -7.12 32.11
N ASN A 633 -44.10 -7.57 33.11
CA ASN A 633 -44.43 -8.97 33.31
C ASN A 633 -45.89 -9.19 32.93
N ALA A 634 -46.36 -10.43 33.11
CA ALA A 634 -47.75 -10.73 32.79
C ALA A 634 -48.71 -9.97 33.68
N VAL A 635 -48.33 -9.76 34.95
CA VAL A 635 -49.19 -9.02 35.87
C VAL A 635 -49.24 -7.54 35.52
N ASP A 636 -48.12 -6.97 35.07
CA ASP A 636 -48.01 -5.55 34.84
C ASP A 636 -48.59 -5.11 33.51
N VAL A 637 -49.16 -6.03 32.72
CA VAL A 637 -49.66 -5.66 31.40
C VAL A 637 -50.90 -4.79 31.52
N VAL A 638 -51.85 -5.15 32.38
CA VAL A 638 -53.14 -4.47 32.42
C VAL A 638 -53.00 -3.01 32.81
N PRO A 639 -52.29 -2.66 33.91
CA PRO A 639 -52.30 -1.26 34.31
C PRO A 639 -51.48 -0.40 33.39
N SER A 640 -50.34 -0.92 32.93
CA SER A 640 -49.51 -0.19 31.97
C SER A 640 -50.26 0.04 30.67
N SER A 641 -51.01 -0.97 30.22
CA SER A 641 -51.79 -0.80 29.00
C SER A 641 -52.87 0.27 29.19
N PHE A 642 -53.58 0.23 30.31
CA PHE A 642 -54.62 1.24 30.55
C PHE A 642 -54.01 2.64 30.58
N CYS A 643 -52.93 2.83 31.35
CA CYS A 643 -52.39 4.16 31.55
C CYS A 643 -51.69 4.70 30.30
N VAL A 644 -50.87 3.86 29.66
CA VAL A 644 -50.09 4.29 28.52
C VAL A 644 -50.97 4.65 27.34
N LYS A 645 -52.21 4.16 27.31
CA LYS A 645 -53.11 4.51 26.22
C LYS A 645 -53.42 6.00 26.18
N HIS A 646 -53.16 6.73 27.26
CA HIS A 646 -53.59 8.11 27.38
C HIS A 646 -52.48 9.12 27.15
N CYS A 647 -51.21 8.73 27.27
CA CYS A 647 -50.13 9.68 27.07
C CYS A 647 -50.01 10.04 25.60
N ARG A 648 -49.89 11.34 25.32
CA ARG A 648 -49.83 11.82 23.95
C ARG A 648 -48.79 12.92 23.76
N ASN A 649 -47.78 12.98 24.62
CA ASN A 649 -46.70 13.95 24.51
C ASN A 649 -45.33 13.29 24.44
N LEU A 650 -45.27 11.96 24.45
CA LEU A 650 -44.00 11.27 24.44
C LEU A 650 -43.32 11.37 23.09
N GLN A 651 -41.99 11.28 23.11
CA GLN A 651 -41.17 11.36 21.91
C GLN A 651 -40.32 10.12 21.71
N LYS A 652 -40.08 9.34 22.78
CA LYS A 652 -39.22 8.17 22.71
C LYS A 652 -39.79 7.13 23.67
N MET A 653 -39.53 5.85 23.37
CA MET A 653 -40.10 4.76 24.15
C MET A 653 -39.15 3.57 24.15
N SER A 654 -39.02 2.93 25.30
CA SER A 654 -38.22 1.73 25.46
C SER A 654 -39.07 0.64 26.07
N LEU A 655 -38.90 -0.59 25.61
CA LEU A 655 -39.68 -1.72 26.08
C LEU A 655 -38.77 -2.84 26.56
N GLN A 656 -39.25 -3.56 27.57
CA GLN A 656 -38.62 -4.81 27.98
C GLN A 656 -39.71 -5.69 28.57
N VAL A 657 -40.02 -6.79 27.88
CA VAL A 657 -40.98 -7.77 28.36
C VAL A 657 -40.20 -8.96 28.89
N ILE A 658 -40.34 -9.22 30.19
CA ILE A 658 -39.54 -10.22 30.87
C ILE A 658 -40.12 -11.60 30.62
N LYS A 659 -39.26 -12.61 30.64
CA LYS A 659 -39.66 -13.96 30.31
C LYS A 659 -40.47 -14.58 31.45
N GLU A 660 -41.64 -15.13 31.12
CA GLU A 660 -42.45 -15.84 32.09
C GLU A 660 -41.91 -17.24 32.33
N ASN A 661 -42.11 -17.74 33.55
CA ASN A 661 -41.66 -19.08 33.90
C ASN A 661 -42.79 -20.10 33.70
N ALA A 673 -46.02 -26.87 26.74
CA ALA A 673 -47.10 -26.18 27.48
C ALA A 673 -47.54 -24.91 26.75
N GLU A 674 -47.32 -24.89 25.43
CA GLU A 674 -47.71 -23.72 24.64
C GLU A 674 -49.23 -23.62 24.50
N VAL A 675 -49.94 -24.76 24.52
CA VAL A 675 -51.40 -24.72 24.44
C VAL A 675 -51.98 -24.06 25.68
N GLU A 676 -51.41 -24.37 26.85
CA GLU A 676 -51.85 -23.72 28.09
C GLU A 676 -51.66 -22.21 28.00
N ARG A 677 -50.56 -21.77 27.40
CA ARG A 677 -50.33 -20.34 27.24
C ARG A 677 -51.26 -19.73 26.20
N SER A 678 -51.62 -20.50 25.16
CA SER A 678 -52.56 -19.99 24.17
C SER A 678 -53.93 -19.75 24.81
N GLN A 679 -54.34 -20.65 25.71
CA GLN A 679 -55.62 -20.48 26.38
C GLN A 679 -55.69 -19.17 27.15
N ASP A 680 -54.55 -18.57 27.46
CA ASP A 680 -54.52 -17.26 28.08
C ASP A 680 -54.21 -16.15 27.08
N ASP A 681 -53.49 -16.44 25.99
CA ASP A 681 -53.26 -15.43 24.95
C ASP A 681 -54.57 -14.99 24.31
N GLN A 682 -55.52 -15.92 24.19
CA GLN A 682 -56.84 -15.53 23.69
C GLN A 682 -57.46 -14.44 24.57
N HIS A 683 -57.06 -14.37 25.83
CA HIS A 683 -57.49 -13.29 26.71
C HIS A 683 -56.55 -12.09 26.66
N MET A 684 -55.26 -12.32 26.40
CA MET A 684 -54.30 -11.21 26.41
C MET A 684 -54.39 -10.38 25.15
N LEU A 685 -55.08 -10.86 24.11
CA LEU A 685 -55.12 -10.14 22.84
C LEU A 685 -55.51 -8.67 22.97
N PRO A 686 -56.63 -8.31 23.61
CA PRO A 686 -57.00 -6.88 23.69
C PRO A 686 -55.95 -6.02 24.38
N PHE A 687 -55.31 -6.54 25.42
CA PHE A 687 -54.42 -5.73 26.25
C PHE A 687 -53.24 -5.22 25.42
N TRP A 688 -52.56 -6.12 24.71
CA TRP A 688 -51.45 -5.73 23.87
C TRP A 688 -51.93 -4.98 22.62
N THR A 689 -53.16 -5.21 22.19
CA THR A 689 -53.72 -4.39 21.13
C THR A 689 -53.78 -2.93 21.56
N ASP A 690 -54.19 -2.68 22.80
CA ASP A 690 -54.19 -1.31 23.32
C ASP A 690 -52.77 -0.76 23.43
N LEU A 691 -51.84 -1.57 23.94
CA LEU A 691 -50.49 -1.07 24.19
C LEU A 691 -49.78 -0.72 22.90
N CYS A 692 -50.11 -1.41 21.81
CA CYS A 692 -49.45 -1.17 20.54
C CYS A 692 -50.15 -0.11 19.69
N SER A 693 -51.21 0.51 20.21
CA SER A 693 -51.87 1.60 19.50
C SER A 693 -51.19 2.94 19.71
N ILE A 694 -50.15 3.00 20.54
CA ILE A 694 -49.52 4.27 20.86
C ILE A 694 -48.92 4.90 19.61
N PHE A 695 -48.34 4.08 18.73
CA PHE A 695 -47.63 4.62 17.58
C PHE A 695 -48.58 5.40 16.67
N GLY A 696 -49.77 4.86 16.42
CA GLY A 696 -50.74 5.53 15.58
C GLY A 696 -51.33 6.78 16.20
N SER A 697 -51.65 6.72 17.50
CA SER A 697 -52.31 7.85 18.15
C SER A 697 -51.36 9.04 18.24
N ASN A 698 -50.16 8.82 18.74
CA ASN A 698 -49.22 9.92 18.94
C ASN A 698 -48.62 10.36 17.62
N LYS A 699 -48.11 11.60 17.60
CA LYS A 699 -47.60 12.20 16.38
C LYS A 699 -46.19 12.78 16.54
N ASP A 700 -45.47 12.42 17.61
CA ASP A 700 -44.09 12.89 17.77
C ASP A 700 -43.18 11.80 18.32
N LEU A 701 -43.56 10.53 18.21
CA LEU A 701 -42.72 9.43 18.70
C LEU A 701 -41.79 8.99 17.58
N MET A 702 -40.66 9.68 17.49
CA MET A 702 -39.69 9.41 16.44
C MET A 702 -38.82 8.20 16.74
N GLY A 703 -38.59 7.89 18.01
CA GLY A 703 -37.64 6.86 18.39
C GLY A 703 -38.33 5.71 19.11
N LEU A 704 -37.75 4.52 18.95
CA LEU A 704 -38.24 3.31 19.62
C LEU A 704 -37.05 2.45 19.98
N ALA A 705 -37.23 1.61 21.00
CA ALA A 705 -36.21 0.65 21.38
C ALA A 705 -36.88 -0.53 22.08
N ILE A 706 -36.42 -1.74 21.78
CA ILE A 706 -36.89 -2.96 22.42
C ILE A 706 -35.65 -3.70 22.89
N ASN A 707 -35.45 -3.75 24.20
CA ASN A 707 -34.24 -4.29 24.80
C ASN A 707 -34.56 -5.54 25.60
N ASP A 708 -33.90 -6.64 25.26
CA ASP A 708 -34.00 -7.89 26.03
C ASP A 708 -35.46 -8.27 26.28
N SER A 709 -36.24 -8.32 25.21
CA SER A 709 -37.66 -8.62 25.29
C SER A 709 -37.94 -10.01 24.73
N PHE A 710 -38.69 -10.81 25.50
CA PHE A 710 -39.22 -12.08 25.02
C PHE A 710 -40.69 -11.89 24.69
N LEU A 711 -41.02 -11.94 23.40
CA LEU A 711 -42.35 -11.64 22.91
C LEU A 711 -43.09 -12.93 22.55
N SER A 712 -44.30 -12.76 22.03
CA SER A 712 -45.14 -13.88 21.63
C SER A 712 -45.69 -13.62 20.23
N ALA A 713 -46.29 -14.65 19.65
CA ALA A 713 -46.70 -14.56 18.25
C ALA A 713 -47.75 -13.47 18.05
N SER A 714 -48.76 -13.39 18.92
CA SER A 714 -49.82 -12.42 18.74
C SER A 714 -49.33 -11.00 18.94
N LEU A 715 -48.58 -10.77 20.01
CA LEU A 715 -48.01 -9.45 20.24
C LEU A 715 -47.14 -9.02 19.07
N VAL A 716 -46.30 -9.93 18.58
CA VAL A 716 -45.40 -9.60 17.48
C VAL A 716 -46.19 -9.33 16.20
N ARG A 717 -47.25 -10.09 15.96
CA ARG A 717 -48.09 -9.86 14.79
C ARG A 717 -48.69 -8.46 14.81
N ILE A 718 -49.33 -8.11 15.92
CA ILE A 718 -49.95 -6.78 16.02
C ILE A 718 -48.90 -5.69 15.93
N LEU A 719 -47.76 -5.89 16.60
CA LEU A 719 -46.70 -4.89 16.62
C LEU A 719 -46.12 -4.67 15.23
N CYS A 720 -45.89 -5.75 14.49
CA CYS A 720 -45.33 -5.63 13.15
C CYS A 720 -46.34 -4.99 12.20
N GLU A 721 -47.62 -5.31 12.35
CA GLU A 721 -48.63 -4.61 11.55
C GLU A 721 -48.60 -3.12 11.85
N GLN A 722 -48.53 -2.76 13.13
CA GLN A 722 -48.49 -1.34 13.50
C GLN A 722 -47.26 -0.66 12.91
N ILE A 723 -46.10 -1.33 12.97
CA ILE A 723 -44.88 -0.75 12.43
C ILE A 723 -45.00 -0.55 10.93
N ALA A 724 -45.58 -1.54 10.23
CA ALA A 724 -45.64 -1.49 8.77
C ALA A 724 -46.71 -0.54 8.25
N SER A 725 -47.65 -0.12 9.10
CA SER A 725 -48.74 0.72 8.64
C SER A 725 -48.22 2.09 8.20
N ASP A 726 -49.06 2.81 7.45
CA ASP A 726 -48.72 4.14 6.97
C ASP A 726 -48.88 5.23 8.02
N THR A 727 -49.45 4.90 9.18
CA THR A 727 -49.60 5.86 10.26
C THR A 727 -48.36 5.95 11.15
N CYS A 728 -47.40 5.06 10.97
CA CYS A 728 -46.19 5.07 11.80
C CYS A 728 -45.21 6.13 11.29
N HIS A 729 -44.48 6.73 12.24
CA HIS A 729 -43.54 7.79 11.90
C HIS A 729 -42.21 7.63 12.62
N LEU A 730 -41.80 6.41 12.92
CA LEU A 730 -40.50 6.19 13.55
C LEU A 730 -39.38 6.65 12.63
N GLN A 731 -38.39 7.33 13.22
CA GLN A 731 -37.18 7.74 12.52
C GLN A 731 -35.94 7.00 13.00
N ARG A 732 -35.93 6.51 14.23
CA ARG A 732 -34.83 5.73 14.77
C ARG A 732 -35.40 4.48 15.41
N VAL A 733 -34.65 3.38 15.33
CA VAL A 733 -35.11 2.09 15.84
C VAL A 733 -33.90 1.30 16.30
N VAL A 734 -34.09 0.50 17.35
CA VAL A 734 -33.03 -0.30 17.94
C VAL A 734 -33.65 -1.60 18.41
N PHE A 735 -33.18 -2.72 17.87
CA PHE A 735 -33.56 -4.04 18.33
C PHE A 735 -32.33 -4.76 18.85
N LYS A 736 -32.35 -5.14 20.13
CA LYS A 736 -31.23 -5.83 20.75
C LYS A 736 -31.77 -6.94 21.65
N ASN A 737 -31.20 -8.14 21.50
CA ASN A 737 -31.54 -9.27 22.37
C ASN A 737 -33.03 -9.60 22.34
N ILE A 738 -33.65 -9.51 21.17
CA ILE A 738 -35.04 -9.93 21.02
C ILE A 738 -35.11 -11.43 20.84
N SER A 739 -36.04 -12.07 21.52
CA SER A 739 -36.23 -13.52 21.46
C SER A 739 -37.72 -13.81 21.38
N PRO A 740 -38.11 -14.93 20.74
CA PRO A 740 -37.27 -15.91 20.02
C PRO A 740 -36.85 -15.42 18.64
N ALA A 741 -36.16 -16.26 17.89
CA ALA A 741 -35.60 -15.83 16.61
C ALA A 741 -36.71 -15.43 15.63
N ASP A 742 -37.82 -16.16 15.62
CA ASP A 742 -38.87 -15.88 14.67
C ASP A 742 -39.42 -14.47 14.85
N ALA A 743 -39.61 -14.05 16.11
CA ALA A 743 -40.10 -12.71 16.38
C ALA A 743 -39.15 -11.64 15.85
N HIS A 744 -37.85 -11.84 16.05
CA HIS A 744 -36.88 -10.87 15.56
C HIS A 744 -36.89 -10.81 14.05
N ARG A 745 -36.94 -11.98 13.39
CA ARG A 745 -36.99 -12.01 11.94
C ARG A 745 -38.23 -11.29 11.43
N ASN A 746 -39.38 -11.51 12.07
CA ASN A 746 -40.61 -10.86 11.65
C ASN A 746 -40.51 -9.35 11.85
N LEU A 747 -39.92 -8.92 12.96
CA LEU A 747 -39.75 -7.48 13.19
C LEU A 747 -38.90 -6.85 12.11
N CYS A 748 -37.75 -7.46 11.80
CA CYS A 748 -36.89 -6.91 10.76
C CYS A 748 -37.59 -6.90 9.41
N LEU A 749 -38.48 -7.86 9.17
CA LEU A 749 -39.23 -7.88 7.92
C LEU A 749 -40.24 -6.75 7.86
N ALA A 750 -40.71 -6.28 9.01
CA ALA A 750 -41.66 -5.18 9.02
C ALA A 750 -41.07 -3.90 8.43
N LEU A 751 -39.75 -3.75 8.48
CA LEU A 751 -39.08 -2.56 7.97
C LEU A 751 -38.93 -2.55 6.46
N ARG A 752 -39.25 -3.65 5.79
CA ARG A 752 -39.03 -3.75 4.35
C ARG A 752 -39.82 -2.68 3.61
N GLY A 753 -39.13 -1.72 3.01
CA GLY A 753 -39.78 -0.66 2.28
C GLY A 753 -40.31 0.48 3.12
N HIS A 754 -39.90 0.58 4.38
CA HIS A 754 -40.41 1.63 5.25
C HIS A 754 -40.06 3.00 4.69
N LYS A 755 -40.98 3.95 4.83
CA LYS A 755 -40.85 5.28 4.25
C LYS A 755 -40.33 6.31 5.25
N THR A 756 -40.06 5.92 6.50
CA THR A 756 -39.68 6.89 7.53
C THR A 756 -38.45 6.50 8.34
N VAL A 757 -38.08 5.23 8.43
CA VAL A 757 -36.93 4.83 9.25
C VAL A 757 -35.66 5.19 8.49
N THR A 758 -34.82 6.02 9.10
CA THR A 758 -33.54 6.40 8.51
C THR A 758 -32.34 5.93 9.34
N TYR A 759 -32.56 5.37 10.53
CA TYR A 759 -31.52 4.75 11.32
C TYR A 759 -31.94 3.33 11.66
N LEU A 760 -30.95 2.47 11.94
CA LEU A 760 -31.25 1.13 12.42
C LEU A 760 -29.99 0.54 13.01
N THR A 761 -30.08 0.05 14.23
CA THR A 761 -28.99 -0.64 14.91
C THR A 761 -29.48 -2.02 15.32
N LEU A 762 -28.58 -2.99 15.32
CA LEU A 762 -28.94 -4.37 15.58
C LEU A 762 -27.96 -5.02 16.54
N GLN A 763 -28.44 -5.99 17.30
CA GLN A 763 -27.62 -6.74 18.24
C GLN A 763 -28.41 -7.96 18.71
N GLY A 764 -27.70 -9.03 19.01
CA GLY A 764 -28.36 -10.24 19.44
C GLY A 764 -27.38 -11.27 19.95
N ASN A 765 -27.93 -12.34 20.52
CA ASN A 765 -27.10 -13.44 21.00
C ASN A 765 -26.89 -14.50 19.92
N ASP A 766 -27.96 -14.85 19.19
CA ASP A 766 -27.88 -15.79 18.08
C ASP A 766 -28.28 -15.05 16.81
N GLN A 767 -27.63 -15.41 15.69
CA GLN A 767 -27.75 -14.65 14.46
C GLN A 767 -27.91 -15.53 13.23
N ASP A 768 -28.21 -16.81 13.39
CA ASP A 768 -28.26 -17.71 12.24
C ASP A 768 -29.26 -17.28 11.19
N ASP A 769 -30.31 -16.53 11.56
CA ASP A 769 -31.28 -16.07 10.59
C ASP A 769 -31.38 -14.55 10.54
N MET A 770 -30.53 -13.83 11.26
CA MET A 770 -30.54 -12.37 11.17
C MET A 770 -30.16 -11.91 9.77
N PHE A 771 -29.15 -12.55 9.18
CA PHE A 771 -28.60 -12.06 7.91
C PHE A 771 -29.57 -12.17 6.75
N PRO A 772 -30.32 -13.26 6.58
CA PRO A 772 -31.30 -13.27 5.48
C PRO A 772 -32.26 -12.09 5.53
N ALA A 773 -32.81 -11.79 6.71
CA ALA A 773 -33.72 -10.67 6.83
C ALA A 773 -33.01 -9.35 6.59
N LEU A 774 -31.82 -9.17 7.15
CA LEU A 774 -31.09 -7.93 6.94
C LEU A 774 -30.77 -7.72 5.45
N CYS A 775 -30.35 -8.79 4.77
CA CYS A 775 -30.01 -8.70 3.36
C CYS A 775 -31.25 -8.47 2.50
N GLU A 776 -32.39 -9.04 2.87
CA GLU A 776 -33.62 -8.69 2.18
C GLU A 776 -33.94 -7.21 2.36
N VAL A 777 -33.77 -6.71 3.58
CA VAL A 777 -34.04 -5.30 3.84
C VAL A 777 -33.14 -4.41 2.99
N LEU A 778 -31.88 -4.80 2.84
CA LEU A 778 -30.93 -3.99 2.08
C LEU A 778 -31.15 -4.12 0.58
N ARG A 779 -31.52 -5.31 0.11
CA ARG A 779 -31.72 -5.50 -1.32
C ARG A 779 -32.97 -4.78 -1.84
N HIS A 780 -33.86 -4.38 -0.95
CA HIS A 780 -35.09 -3.73 -1.40
C HIS A 780 -34.75 -2.46 -2.17
N PRO A 781 -35.46 -2.16 -3.26
CA PRO A 781 -35.17 -0.94 -4.01
C PRO A 781 -35.71 0.33 -3.37
N GLU A 782 -36.49 0.21 -2.30
CA GLU A 782 -37.14 1.36 -1.69
C GLU A 782 -36.66 1.64 -0.28
N CYS A 783 -35.85 0.77 0.32
CA CYS A 783 -35.32 1.03 1.65
C CYS A 783 -34.38 2.24 1.60
N ASN A 784 -34.52 3.12 2.60
CA ASN A 784 -33.80 4.39 2.61
C ASN A 784 -33.14 4.65 3.95
N LEU A 785 -32.80 3.58 4.69
CA LEU A 785 -32.08 3.76 5.94
C LEU A 785 -30.68 4.29 5.65
N ARG A 786 -30.39 5.49 6.14
CA ARG A 786 -29.14 6.19 5.87
C ARG A 786 -27.99 5.70 6.73
N TYR A 787 -28.25 5.11 7.88
CA TYR A 787 -27.21 4.65 8.80
C TYR A 787 -27.53 3.23 9.24
N LEU A 788 -26.51 2.39 9.28
CA LEU A 788 -26.65 0.99 9.67
C LEU A 788 -25.59 0.64 10.69
N GLY A 789 -26.00 0.02 11.79
CA GLY A 789 -25.08 -0.35 12.83
C GLY A 789 -25.26 -1.76 13.32
N LEU A 790 -24.22 -2.58 13.19
CA LEU A 790 -24.22 -3.97 13.66
C LEU A 790 -23.25 -4.05 14.82
N VAL A 791 -23.73 -4.57 15.96
CA VAL A 791 -22.96 -4.62 17.20
C VAL A 791 -22.88 -6.07 17.66
N SER A 792 -21.66 -6.55 17.84
CA SER A 792 -21.37 -7.84 18.47
C SER A 792 -22.04 -9.02 17.78
N CYS A 793 -22.56 -8.84 16.56
CA CYS A 793 -23.25 -9.93 15.89
C CYS A 793 -22.25 -10.98 15.43
N SER A 794 -22.53 -12.24 15.77
CA SER A 794 -21.73 -13.35 15.28
C SER A 794 -22.19 -13.75 13.88
N ALA A 795 -21.26 -14.26 13.08
CA ALA A 795 -21.53 -14.57 11.68
C ALA A 795 -20.49 -15.55 11.18
N THR A 796 -20.64 -15.93 9.90
CA THR A 796 -19.69 -16.76 9.20
C THR A 796 -19.35 -16.11 7.87
N THR A 797 -18.38 -16.70 7.17
CA THR A 797 -17.85 -16.06 5.97
C THR A 797 -18.92 -15.89 4.91
N GLN A 798 -19.78 -16.89 4.72
CA GLN A 798 -20.85 -16.76 3.73
C GLN A 798 -21.80 -15.63 4.09
N GLN A 799 -22.09 -15.46 5.38
CA GLN A 799 -22.95 -14.37 5.81
C GLN A 799 -22.33 -13.02 5.48
N TRP A 800 -21.03 -12.87 5.73
CA TRP A 800 -20.34 -11.65 5.32
C TRP A 800 -20.40 -11.48 3.80
N ALA A 801 -20.27 -12.58 3.06
CA ALA A 801 -20.28 -12.49 1.60
C ALA A 801 -21.61 -11.94 1.10
N ASP A 802 -22.73 -12.52 1.53
CA ASP A 802 -24.01 -12.04 1.02
C ASP A 802 -24.36 -10.66 1.57
N LEU A 803 -23.91 -10.33 2.78
CA LEU A 803 -24.10 -8.96 3.25
C LEU A 803 -23.33 -7.97 2.38
N SER A 804 -22.10 -8.32 1.99
CA SER A 804 -21.33 -7.45 1.12
C SER A 804 -21.97 -7.31 -0.25
N LEU A 805 -22.52 -8.41 -0.79
CA LEU A 805 -23.24 -8.30 -2.06
C LEU A 805 -24.48 -7.42 -1.92
N ALA A 806 -25.19 -7.53 -0.80
CA ALA A 806 -26.33 -6.65 -0.57
C ALA A 806 -25.89 -5.19 -0.53
N LEU A 807 -24.79 -4.90 0.16
CA LEU A 807 -24.28 -3.53 0.21
C LEU A 807 -23.83 -3.08 -1.17
N GLU A 808 -23.37 -4.00 -2.01
CA GLU A 808 -23.15 -3.67 -3.41
C GLU A 808 -24.44 -3.22 -4.07
N VAL A 809 -25.53 -3.94 -3.80
CA VAL A 809 -26.81 -3.61 -4.43
C VAL A 809 -27.37 -2.30 -3.87
N ASN A 810 -27.20 -2.06 -2.58
CA ASN A 810 -27.84 -0.92 -1.94
C ASN A 810 -27.27 0.40 -2.44
N GLN A 811 -28.10 1.44 -2.37
CA GLN A 811 -27.75 2.76 -2.89
C GLN A 811 -28.17 3.88 -1.96
N SER A 812 -28.39 3.60 -0.67
CA SER A 812 -28.95 4.58 0.23
C SER A 812 -28.03 4.96 1.38
N LEU A 813 -27.52 4.00 2.14
CA LEU A 813 -26.80 4.33 3.38
C LEU A 813 -25.42 4.88 3.08
N THR A 814 -24.98 5.79 3.96
CA THR A 814 -23.66 6.41 3.84
C THR A 814 -22.75 6.15 5.04
N CYS A 815 -23.28 5.65 6.15
CA CYS A 815 -22.49 5.38 7.34
C CYS A 815 -22.74 3.95 7.79
N VAL A 816 -21.67 3.20 8.03
CA VAL A 816 -21.75 1.82 8.48
C VAL A 816 -20.86 1.68 9.72
N ASN A 817 -21.39 1.05 10.76
CA ASN A 817 -20.69 0.89 12.03
C ASN A 817 -20.63 -0.60 12.37
N LEU A 818 -19.45 -1.19 12.23
CA LEU A 818 -19.21 -2.59 12.60
C LEU A 818 -18.25 -2.60 13.76
N SER A 819 -18.74 -2.93 14.95
CA SER A 819 -17.94 -2.90 16.17
C SER A 819 -18.07 -4.23 16.90
N ASP A 820 -16.93 -4.83 17.22
CA ASP A 820 -16.87 -6.07 18.00
C ASP A 820 -17.31 -7.28 17.19
N ASN A 821 -17.78 -7.07 15.96
CA ASN A 821 -18.12 -8.20 15.11
C ASN A 821 -16.86 -9.03 14.85
N GLU A 822 -17.00 -10.35 14.96
CA GLU A 822 -15.86 -11.24 14.79
C GLU A 822 -15.54 -11.40 13.30
N LEU A 823 -15.12 -10.31 12.69
CA LEU A 823 -14.55 -10.38 11.36
C LEU A 823 -13.17 -11.03 11.42
N LEU A 824 -12.82 -11.71 10.34
CA LEU A 824 -11.47 -12.21 10.12
C LEU A 824 -10.92 -11.51 8.88
N ASP A 825 -9.76 -11.96 8.42
CA ASP A 825 -9.17 -11.34 7.25
C ASP A 825 -10.08 -11.49 6.04
N GLU A 826 -10.67 -12.67 5.86
CA GLU A 826 -11.44 -12.96 4.66
C GLU A 826 -12.62 -12.00 4.50
N GLY A 827 -13.42 -11.83 5.56
CA GLY A 827 -14.54 -10.91 5.49
C GLY A 827 -14.10 -9.49 5.18
N ALA A 828 -12.94 -9.09 5.72
CA ALA A 828 -12.40 -7.79 5.39
C ALA A 828 -12.09 -7.69 3.90
N LYS A 829 -11.53 -8.75 3.31
CA LYS A 829 -11.25 -8.71 1.89
C LYS A 829 -12.54 -8.58 1.09
N LEU A 830 -13.58 -9.31 1.48
CA LEU A 830 -14.85 -9.20 0.76
C LEU A 830 -15.43 -7.79 0.86
N LEU A 831 -15.41 -7.21 2.06
CA LEU A 831 -15.93 -5.87 2.22
C LEU A 831 -15.11 -4.87 1.42
N TYR A 832 -13.80 -5.03 1.38
CA TYR A 832 -12.97 -4.14 0.58
C TYR A 832 -13.32 -4.27 -0.90
N THR A 833 -13.48 -5.49 -1.39
CA THR A 833 -13.89 -5.69 -2.77
C THR A 833 -15.21 -4.99 -3.06
N THR A 834 -16.11 -4.97 -2.08
CA THR A 834 -17.32 -4.17 -2.22
C THR A 834 -17.02 -2.68 -2.29
N LEU A 835 -16.07 -2.22 -1.48
CA LEU A 835 -15.79 -0.77 -1.41
C LEU A 835 -15.09 -0.25 -2.65
N ARG A 836 -14.36 -1.10 -3.38
CA ARG A 836 -13.71 -0.66 -4.61
C ARG A 836 -14.67 -0.58 -5.78
N HIS A 837 -15.89 -1.07 -5.64
CA HIS A 837 -16.84 -1.01 -6.73
C HIS A 837 -17.13 0.45 -7.06
N PRO A 838 -17.14 0.83 -8.34
CA PRO A 838 -17.17 2.26 -8.65
C PRO A 838 -18.48 2.96 -8.35
N LYS A 839 -19.45 2.25 -7.76
CA LYS A 839 -20.79 2.80 -7.59
C LYS A 839 -21.25 2.81 -6.14
N CYS A 840 -20.33 2.73 -5.17
CA CYS A 840 -20.70 2.77 -3.76
C CYS A 840 -20.36 4.14 -3.17
N PHE A 841 -21.25 4.61 -2.28
CA PHE A 841 -21.14 5.94 -1.69
C PHE A 841 -21.05 5.87 -0.18
N LEU A 842 -20.27 4.93 0.36
CA LEU A 842 -20.08 4.83 1.79
C LEU A 842 -19.09 5.90 2.22
N GLN A 843 -19.54 6.84 3.07
CA GLN A 843 -18.72 7.98 3.44
C GLN A 843 -18.00 7.78 4.77
N ARG A 844 -18.65 7.17 5.75
CA ARG A 844 -18.04 6.87 7.04
C ARG A 844 -18.03 5.36 7.23
N LEU A 845 -17.09 4.86 8.02
CA LEU A 845 -16.97 3.42 8.21
C LEU A 845 -16.10 3.15 9.43
N SER A 846 -16.58 2.30 10.33
CA SER A 846 -15.88 1.97 11.56
C SER A 846 -15.59 0.48 11.60
N LEU A 847 -14.34 0.13 11.94
CA LEU A 847 -13.93 -1.25 12.15
C LEU A 847 -13.20 -1.30 13.48
N GLU A 848 -13.95 -1.45 14.57
CA GLU A 848 -13.41 -1.44 15.92
C GLU A 848 -13.46 -2.85 16.51
N ASN A 849 -12.37 -3.28 17.12
CA ASN A 849 -12.29 -4.60 17.73
C ASN A 849 -12.75 -5.68 16.74
N CYS A 850 -12.37 -5.53 15.48
CA CYS A 850 -12.69 -6.49 14.45
C CYS A 850 -11.59 -7.52 14.25
N HIS A 851 -10.50 -7.42 14.99
CA HIS A 851 -9.43 -8.41 14.94
C HIS A 851 -8.74 -8.41 13.57
N LEU A 852 -8.42 -7.22 13.07
CA LEU A 852 -7.79 -7.08 11.76
C LEU A 852 -6.29 -7.31 11.86
N THR A 853 -5.61 -7.20 10.72
CA THR A 853 -4.18 -7.45 10.65
C THR A 853 -3.60 -6.72 9.43
N GLU A 854 -2.26 -6.66 9.39
CA GLU A 854 -1.57 -5.79 8.44
C GLU A 854 -1.94 -6.08 6.99
N ALA A 855 -2.14 -7.35 6.63
CA ALA A 855 -2.47 -7.65 5.24
C ALA A 855 -3.77 -6.97 4.81
N ASN A 856 -4.78 -7.03 5.68
CA ASN A 856 -5.98 -6.24 5.45
C ASN A 856 -5.63 -4.77 5.31
N CYS A 857 -4.57 -4.33 5.99
CA CYS A 857 -4.15 -2.93 5.87
C CYS A 857 -3.63 -2.63 4.47
N LYS A 858 -2.87 -3.55 3.88
CA LYS A 858 -2.39 -3.33 2.51
C LYS A 858 -3.57 -3.29 1.53
N ASP A 859 -4.52 -4.22 1.69
CA ASP A 859 -5.71 -4.18 0.86
C ASP A 859 -6.46 -2.88 1.06
N LEU A 860 -6.51 -2.39 2.30
CA LEU A 860 -7.19 -1.13 2.58
C LEU A 860 -6.44 0.04 1.95
N ALA A 861 -5.12 -0.04 1.86
CA ALA A 861 -4.37 1.00 1.15
C ALA A 861 -4.76 1.03 -0.32
N ALA A 862 -4.92 -0.14 -0.91
CA ALA A 862 -5.44 -0.18 -2.29
C ALA A 862 -6.82 0.45 -2.36
N VAL A 863 -7.68 0.14 -1.40
CA VAL A 863 -9.01 0.75 -1.34
C VAL A 863 -8.89 2.28 -1.30
N LEU A 864 -8.03 2.79 -0.43
CA LEU A 864 -7.88 4.23 -0.27
C LEU A 864 -7.44 4.87 -1.58
N VAL A 865 -6.48 4.24 -2.28
CA VAL A 865 -6.06 4.78 -3.57
C VAL A 865 -7.25 4.81 -4.53
N VAL A 866 -8.06 3.76 -4.55
CA VAL A 866 -9.07 3.60 -5.59
C VAL A 866 -10.35 4.35 -5.23
N SER A 867 -10.87 4.15 -4.01
CA SER A 867 -12.20 4.64 -3.64
C SER A 867 -12.35 6.13 -3.89
N ARG A 868 -13.59 6.63 -3.97
CA ARG A 868 -13.82 8.02 -4.35
C ARG A 868 -14.92 8.69 -3.52
N GLU A 869 -15.29 8.10 -2.38
CA GLU A 869 -16.21 8.77 -1.46
C GLU A 869 -15.80 8.67 0.00
N LEU A 870 -14.97 7.70 0.39
CA LEU A 870 -14.68 7.44 1.79
C LEU A 870 -13.87 8.56 2.41
N THR A 871 -14.45 9.30 3.36
CA THR A 871 -13.78 10.41 4.00
C THR A 871 -13.33 10.09 5.43
N HIS A 872 -14.23 9.66 6.29
CA HIS A 872 -13.90 9.30 7.66
C HIS A 872 -13.67 7.80 7.77
N LEU A 873 -12.69 7.40 8.56
CA LEU A 873 -12.36 6.00 8.74
C LEU A 873 -11.79 5.78 10.13
N CYS A 874 -12.27 4.76 10.82
CA CYS A 874 -11.88 4.48 12.19
C CYS A 874 -11.32 3.07 12.28
N LEU A 875 -10.15 2.93 12.90
CA LEU A 875 -9.51 1.64 13.11
C LEU A 875 -8.97 1.65 14.55
N ALA A 876 -9.80 1.21 15.49
CA ALA A 876 -9.46 1.23 16.90
C ALA A 876 -9.34 -0.18 17.43
N LYS A 877 -8.42 -0.38 18.36
CA LYS A 877 -8.17 -1.69 18.96
C LYS A 877 -7.78 -2.73 17.90
N ASN A 878 -6.97 -2.30 16.94
CA ASN A 878 -6.46 -3.17 15.88
C ASN A 878 -4.95 -3.19 15.93
N PRO A 879 -4.30 -4.34 16.12
CA PRO A 879 -2.82 -4.35 16.14
C PRO A 879 -2.21 -4.19 14.74
N ILE A 880 -2.18 -2.94 14.28
CA ILE A 880 -1.70 -2.60 12.94
C ILE A 880 -0.64 -1.52 13.05
N GLY A 881 0.13 -1.53 14.13
CA GLY A 881 1.02 -0.44 14.46
C GLY A 881 1.98 0.02 13.38
N ASN A 882 2.97 -0.80 13.03
CA ASN A 882 4.08 -0.32 12.21
C ASN A 882 3.86 -0.62 10.72
N THR A 883 3.71 -1.89 10.37
CA THR A 883 3.53 -2.23 8.96
C THR A 883 2.20 -1.67 8.45
N GLY A 884 1.17 -1.70 9.29
CA GLY A 884 -0.10 -1.13 8.89
C GLY A 884 0.00 0.35 8.56
N VAL A 885 0.68 1.12 9.41
CA VAL A 885 0.84 2.54 9.15
C VAL A 885 1.74 2.77 7.94
N LYS A 886 2.73 1.91 7.73
CA LYS A 886 3.55 2.02 6.53
C LYS A 886 2.70 1.86 5.27
N PHE A 887 1.84 0.83 5.25
CA PHE A 887 0.98 0.62 4.09
C PHE A 887 -0.03 1.74 3.94
N LEU A 888 -0.58 2.23 5.04
CA LEU A 888 -1.51 3.36 4.96
C LEU A 888 -0.82 4.60 4.42
N CYS A 889 0.45 4.81 4.78
CA CYS A 889 1.20 5.89 4.15
C CYS A 889 1.34 5.66 2.66
N GLU A 890 1.70 4.44 2.26
CA GLU A 890 1.77 4.14 0.83
C GLU A 890 0.47 4.50 0.13
N GLY A 891 -0.66 4.28 0.80
CA GLY A 891 -1.95 4.60 0.21
C GLY A 891 -2.32 6.07 0.28
N LEU A 892 -1.77 6.78 1.26
CA LEU A 892 -2.13 8.18 1.50
C LEU A 892 -1.16 9.17 0.88
N ARG A 893 0.08 8.75 0.60
CA ARG A 893 1.01 9.63 -0.10
C ARG A 893 0.50 9.96 -1.50
N TYR A 894 -0.44 9.18 -2.01
CA TYR A 894 -0.94 9.39 -3.36
C TYR A 894 -1.56 10.79 -3.46
N PRO A 895 -1.14 11.62 -4.42
CA PRO A 895 -1.52 13.04 -4.41
C PRO A 895 -3.01 13.32 -4.48
N GLU A 896 -3.84 12.30 -4.68
CA GLU A 896 -5.27 12.51 -4.89
C GLU A 896 -6.13 11.68 -3.92
N CYS A 897 -5.63 11.39 -2.72
CA CYS A 897 -6.45 10.71 -1.73
C CYS A 897 -7.52 11.65 -1.21
N LYS A 898 -8.64 11.07 -0.75
CA LYS A 898 -9.80 11.83 -0.32
C LYS A 898 -10.02 11.78 1.19
N LEU A 899 -9.33 10.90 1.91
CA LEU A 899 -9.60 10.71 3.33
C LEU A 899 -9.38 12.02 4.09
N GLN A 900 -10.31 12.33 4.99
CA GLN A 900 -10.26 13.54 5.79
C GLN A 900 -10.02 13.29 7.27
N THR A 901 -10.45 12.14 7.79
CA THR A 901 -10.30 11.82 9.20
C THR A 901 -9.85 10.38 9.34
N LEU A 902 -8.83 10.15 10.15
CA LEU A 902 -8.39 8.82 10.52
C LEU A 902 -8.30 8.75 12.03
N VAL A 903 -8.68 7.61 12.60
CA VAL A 903 -8.66 7.40 14.04
C VAL A 903 -7.75 6.22 14.34
N LEU A 904 -6.78 6.43 15.22
CA LEU A 904 -5.93 5.37 15.73
C LEU A 904 -6.01 5.36 17.24
N TRP A 905 -6.21 4.17 17.82
CA TRP A 905 -6.40 4.05 19.26
C TRP A 905 -6.09 2.61 19.64
N ASN A 906 -5.12 2.43 20.54
CA ASN A 906 -4.68 1.09 20.94
C ASN A 906 -4.14 0.30 19.76
N CYS A 907 -3.56 0.98 18.78
CA CYS A 907 -3.03 0.37 17.58
C CYS A 907 -1.53 0.11 17.65
N ASP A 908 -0.90 0.37 18.79
CA ASP A 908 0.53 0.11 18.99
C ASP A 908 1.40 1.06 18.17
N ILE A 909 0.91 2.28 17.92
CA ILE A 909 1.71 3.27 17.21
C ILE A 909 2.98 3.53 17.99
N THR A 910 4.09 3.64 17.26
CA THR A 910 5.42 3.84 17.87
C THR A 910 6.15 4.91 17.07
N SER A 911 7.42 5.14 17.42
CA SER A 911 8.18 6.22 16.81
C SER A 911 8.20 6.10 15.28
N ASP A 912 8.29 4.88 14.76
CA ASP A 912 8.32 4.70 13.31
C ASP A 912 7.03 5.20 12.67
N GLY A 913 5.90 4.85 13.27
CA GLY A 913 4.64 5.35 12.76
C GLY A 913 4.53 6.86 12.86
N CYS A 914 5.08 7.43 13.94
CA CYS A 914 5.10 8.89 14.06
C CYS A 914 5.93 9.52 12.94
N CYS A 915 7.07 8.91 12.62
CA CYS A 915 7.90 9.44 11.53
C CYS A 915 7.16 9.39 10.21
N ASP A 916 6.50 8.26 9.92
CA ASP A 916 5.74 8.15 8.67
C ASP A 916 4.61 9.16 8.63
N LEU A 917 3.89 9.32 9.75
CA LEU A 917 2.81 10.28 9.80
C LEU A 917 3.31 11.71 9.60
N THR A 918 4.46 12.03 10.19
CA THR A 918 5.05 13.36 9.97
C THR A 918 5.39 13.56 8.50
N LYS A 919 6.01 12.56 7.88
CA LYS A 919 6.32 12.66 6.46
C LYS A 919 5.06 12.90 5.64
N LEU A 920 3.96 12.26 6.04
CA LEU A 920 2.69 12.53 5.38
C LEU A 920 2.25 13.98 5.62
N LEU A 921 2.36 14.45 6.86
CA LEU A 921 1.80 15.75 7.22
C LEU A 921 2.54 16.90 6.55
N GLN A 922 3.87 16.82 6.48
CA GLN A 922 4.64 17.96 5.97
C GLN A 922 4.21 18.35 4.56
N GLU A 923 3.81 17.38 3.74
CA GLU A 923 3.27 17.68 2.42
C GLU A 923 1.88 18.27 2.57
N LYS A 924 1.26 18.65 1.45
CA LYS A 924 -0.16 19.03 1.48
C LYS A 924 -0.97 17.76 1.31
N SER A 925 -1.43 17.20 2.42
CA SER A 925 -2.25 16.01 2.42
C SER A 925 -3.70 16.39 2.67
N SER A 926 -4.56 15.38 2.72
CA SER A 926 -5.99 15.59 2.80
C SER A 926 -6.50 15.59 4.24
N LEU A 927 -6.03 14.67 5.07
CA LEU A 927 -6.63 14.47 6.39
C LEU A 927 -6.53 15.74 7.22
N LEU A 928 -7.64 16.12 7.83
CA LEU A 928 -7.68 17.28 8.73
C LEU A 928 -7.53 16.87 10.19
N CYS A 929 -7.93 15.67 10.54
CA CYS A 929 -7.90 15.20 11.92
C CYS A 929 -7.11 13.91 12.01
N LEU A 930 -6.46 13.71 13.15
CA LEU A 930 -5.69 12.50 13.43
C LEU A 930 -5.80 12.25 14.91
N ASP A 931 -6.09 11.00 15.29
CA ASP A 931 -6.28 10.64 16.69
C ASP A 931 -5.25 9.59 17.08
N LEU A 932 -4.67 9.75 18.27
CA LEU A 932 -3.72 8.79 18.83
C LEU A 932 -4.09 8.53 20.28
N GLY A 933 -3.97 7.27 20.71
CA GLY A 933 -4.31 6.89 22.06
C GLY A 933 -3.62 5.62 22.51
N LEU A 934 -3.27 5.54 23.78
CA LEU A 934 -2.50 4.41 24.30
C LEU A 934 -1.26 4.16 23.46
N ASN A 935 -0.71 5.23 22.88
CA ASN A 935 0.45 5.15 21.99
C ASN A 935 1.62 5.85 22.69
N HIS A 936 2.62 5.07 23.09
CA HIS A 936 3.81 5.63 23.72
C HIS A 936 4.75 6.15 22.64
N ILE A 937 4.75 7.46 22.44
CA ILE A 937 5.52 8.11 21.38
C ILE A 937 6.35 9.24 21.98
N GLY A 938 6.70 9.10 23.26
CA GLY A 938 7.21 10.21 24.05
C GLY A 938 8.27 11.09 23.41
N VAL A 939 9.47 10.54 23.20
CA VAL A 939 10.61 11.39 22.86
C VAL A 939 10.74 11.52 21.35
N LYS A 940 10.99 10.41 20.66
CA LYS A 940 11.23 10.49 19.21
C LYS A 940 9.93 10.80 18.46
N GLY A 941 8.84 10.15 18.84
CA GLY A 941 7.57 10.43 18.20
C GLY A 941 7.17 11.88 18.34
N MET A 942 7.36 12.45 19.53
CA MET A 942 6.99 13.86 19.72
C MET A 942 7.98 14.79 19.04
N LYS A 943 9.26 14.42 18.97
CA LYS A 943 10.20 15.18 18.16
C LYS A 943 9.68 15.31 16.74
N PHE A 944 9.32 14.17 16.14
CA PHE A 944 8.80 14.19 14.78
C PHE A 944 7.52 15.01 14.69
N LEU A 945 6.60 14.79 15.63
CA LEU A 945 5.31 15.47 15.56
C LEU A 945 5.46 16.98 15.69
N CYS A 946 6.31 17.45 16.61
CA CYS A 946 6.46 18.88 16.81
C CYS A 946 7.20 19.51 15.64
N GLU A 947 8.25 18.86 15.13
CA GLU A 947 8.91 19.43 13.96
C GLU A 947 7.98 19.41 12.76
N ALA A 948 6.98 18.53 12.76
CA ALA A 948 5.94 18.59 11.73
C ALA A 948 5.04 19.80 11.94
N LEU A 949 4.58 20.02 13.17
CA LEU A 949 3.62 21.09 13.44
C LEU A 949 4.24 22.48 13.24
N ARG A 950 5.56 22.60 13.39
CA ARG A 950 6.18 23.93 13.37
C ARG A 950 6.00 24.62 12.03
N LYS A 951 5.91 23.86 10.94
CA LYS A 951 6.02 24.46 9.62
C LYS A 951 4.78 25.30 9.29
N PRO A 952 4.91 26.28 8.38
CA PRO A 952 3.74 27.09 8.00
C PRO A 952 2.73 26.36 7.15
N LEU A 953 3.07 25.20 6.59
CA LEU A 953 2.23 24.57 5.58
C LEU A 953 1.15 23.66 6.16
N CYS A 954 1.30 23.20 7.39
CA CYS A 954 0.35 22.23 7.94
C CYS A 954 -1.06 22.81 7.96
N ASN A 955 -2.02 21.96 7.57
CA ASN A 955 -3.44 22.31 7.62
C ASN A 955 -4.21 21.42 8.58
N LEU A 956 -3.52 20.69 9.44
CA LEU A 956 -4.20 19.85 10.42
C LEU A 956 -5.04 20.70 11.36
N ARG A 957 -6.27 20.27 11.61
CA ARG A 957 -7.20 21.00 12.47
C ARG A 957 -7.18 20.52 13.91
N CYS A 958 -7.40 19.23 14.14
CA CYS A 958 -7.52 18.68 15.47
C CYS A 958 -6.52 17.56 15.67
N LEU A 959 -5.90 17.53 16.84
CA LEU A 959 -4.93 16.51 17.20
C LEU A 959 -5.22 16.04 18.62
N TRP A 960 -5.32 14.73 18.80
CA TRP A 960 -5.66 14.14 20.09
C TRP A 960 -4.47 13.33 20.61
N LEU A 961 -4.04 13.62 21.83
CA LEU A 961 -2.96 12.91 22.48
C LEU A 961 -3.41 12.52 23.88
N TRP A 962 -3.51 11.22 24.14
CA TRP A 962 -3.99 10.70 25.42
C TRP A 962 -3.20 9.45 25.77
N GLY A 963 -2.76 9.37 27.02
CA GLY A 963 -1.99 8.22 27.46
C GLY A 963 -0.74 7.99 26.64
N CYS A 964 -0.04 9.07 26.28
CA CYS A 964 1.11 8.99 25.39
C CYS A 964 2.43 9.28 26.08
N SER A 965 2.41 9.67 27.36
CA SER A 965 3.63 9.81 28.17
C SER A 965 4.61 10.81 27.53
N ILE A 966 4.18 12.08 27.50
CA ILE A 966 5.01 13.16 26.99
C ILE A 966 5.92 13.66 28.12
N PRO A 967 7.23 13.52 28.02
CA PRO A 967 8.12 13.99 29.11
C PRO A 967 8.36 15.49 29.03
N PRO A 968 8.87 16.10 30.10
CA PRO A 968 9.20 17.54 30.05
C PRO A 968 10.20 17.91 28.95
N PHE A 969 11.22 17.09 28.73
CA PHE A 969 12.21 17.43 27.71
C PHE A 969 11.57 17.43 26.33
N SER A 970 10.54 16.61 26.13
CA SER A 970 9.73 16.74 24.92
C SER A 970 8.79 17.93 25.02
N CYS A 971 8.41 18.33 26.24
CA CYS A 971 7.48 19.43 26.39
C CYS A 971 8.11 20.75 25.97
N GLU A 972 9.43 20.89 26.13
CA GLU A 972 10.07 22.12 25.66
C GLU A 972 9.90 22.29 24.15
N ASP A 973 10.15 21.22 23.40
CA ASP A 973 9.95 21.27 21.96
C ASP A 973 8.47 21.41 21.63
N LEU A 974 7.60 20.79 22.42
CA LEU A 974 6.17 20.94 22.24
C LEU A 974 5.78 22.40 22.34
N CYS A 975 6.24 23.10 23.37
CA CYS A 975 5.90 24.49 23.57
C CYS A 975 6.45 25.36 22.45
N SER A 976 7.68 25.09 22.01
CA SER A 976 8.21 25.81 20.87
C SER A 976 7.30 25.64 19.65
N ALA A 977 6.87 24.40 19.40
CA ALA A 977 5.99 24.15 18.26
C ALA A 977 4.66 24.87 18.40
N LEU A 978 4.06 24.83 19.59
CA LEU A 978 2.79 25.52 19.79
C LEU A 978 2.95 27.02 19.54
N SER A 979 4.04 27.61 20.02
CA SER A 979 4.30 29.01 19.73
C SER A 979 4.43 29.24 18.23
N CYS A 980 5.05 28.29 17.52
CA CYS A 980 5.28 28.48 16.09
C CYS A 980 4.02 28.27 15.26
N ASN A 981 3.17 27.31 15.65
CA ASN A 981 2.05 26.92 14.79
C ASN A 981 0.97 28.01 14.79
N GLN A 982 0.20 28.04 13.69
CA GLN A 982 -0.82 29.06 13.51
C GLN A 982 -2.10 28.50 12.91
N SER A 983 -2.16 27.20 12.61
CA SER A 983 -3.32 26.63 11.93
C SER A 983 -4.11 25.61 12.76
N LEU A 984 -3.50 24.99 13.77
CA LEU A 984 -4.23 24.02 14.58
C LEU A 984 -5.34 24.72 15.38
N VAL A 985 -6.44 24.02 15.58
CA VAL A 985 -7.61 24.58 16.25
C VAL A 985 -7.97 23.87 17.54
N THR A 986 -7.55 22.61 17.73
CA THR A 986 -7.91 21.87 18.92
C THR A 986 -6.77 20.95 19.32
N LEU A 987 -6.59 20.80 20.63
CA LEU A 987 -5.56 19.95 21.21
C LEU A 987 -6.10 19.31 22.48
N ASP A 988 -5.72 18.06 22.73
CA ASP A 988 -6.13 17.34 23.92
C ASP A 988 -4.92 16.67 24.56
N LEU A 989 -4.86 16.70 25.89
CA LEU A 989 -3.83 16.02 26.65
C LEU A 989 -4.45 15.33 27.85
N GLY A 990 -3.84 14.21 28.25
CA GLY A 990 -4.35 13.45 29.38
C GLY A 990 -3.49 12.25 29.73
N GLN A 991 -3.37 11.97 31.03
CA GLN A 991 -2.57 10.87 31.55
C GLN A 991 -1.08 11.04 31.27
N ASN A 992 -0.66 12.20 30.77
CA ASN A 992 0.74 12.44 30.43
C ASN A 992 1.43 13.16 31.59
N PRO A 993 2.58 12.68 32.08
CA PRO A 993 3.24 13.35 33.21
C PRO A 993 3.87 14.68 32.84
N LEU A 994 3.07 15.74 32.81
CA LEU A 994 3.54 17.10 32.55
C LEU A 994 3.67 17.94 33.80
N GLY A 995 3.45 17.36 34.97
CA GLY A 995 3.10 18.11 36.18
C GLY A 995 3.93 19.32 36.55
N SER A 996 5.17 19.12 36.99
CA SER A 996 5.88 20.18 37.71
C SER A 996 6.41 21.25 36.77
N SER A 997 7.35 20.88 35.89
CA SER A 997 7.96 21.85 35.00
C SER A 997 7.19 21.98 33.69
N GLY A 998 6.65 20.87 33.20
CA GLY A 998 5.96 20.89 31.92
C GLY A 998 4.75 21.80 31.93
N VAL A 999 3.91 21.67 32.97
CA VAL A 999 2.70 22.49 33.03
C VAL A 999 3.06 23.96 33.15
N LYS A 1000 4.04 24.29 33.97
CA LYS A 1000 4.43 25.69 34.15
C LYS A 1000 4.95 26.28 32.85
N MET A 1001 5.84 25.56 32.17
CA MET A 1001 6.37 26.06 30.90
C MET A 1001 5.27 26.20 29.87
N LEU A 1002 4.38 25.21 29.80
CA LEU A 1002 3.25 25.27 28.87
C LEU A 1002 2.39 26.50 29.13
N PHE A 1003 2.03 26.73 30.39
CA PHE A 1003 1.14 27.85 30.70
C PHE A 1003 1.82 29.18 30.40
N GLU A 1004 3.11 29.29 30.72
CA GLU A 1004 3.83 30.52 30.43
C GLU A 1004 3.86 30.79 28.93
N THR A 1005 4.20 29.78 28.14
CA THR A 1005 4.23 29.97 26.69
C THR A 1005 2.85 30.26 26.13
N LEU A 1006 1.80 29.66 26.72
CA LEU A 1006 0.44 29.95 26.28
C LEU A 1006 0.09 31.41 26.55
N THR A 1007 0.46 31.93 27.73
CA THR A 1007 0.25 33.35 27.99
C THR A 1007 1.00 34.20 26.99
N CYS A 1008 2.25 33.83 26.69
CA CYS A 1008 3.05 34.64 25.77
C CYS A 1008 2.53 34.58 24.34
N SER A 1009 2.07 33.42 23.88
CA SER A 1009 1.70 33.25 22.49
C SER A 1009 0.22 33.56 22.25
N SER A 1010 -0.14 33.64 20.97
CA SER A 1010 -1.50 34.00 20.54
C SER A 1010 -1.94 33.05 19.44
N GLY A 1011 -1.78 31.75 19.66
CA GLY A 1011 -2.11 30.78 18.64
C GLY A 1011 -3.60 30.71 18.34
N THR A 1012 -3.92 30.04 17.23
CA THR A 1012 -5.28 29.96 16.74
C THR A 1012 -6.16 28.98 17.52
N LEU A 1013 -5.57 28.05 18.27
CA LEU A 1013 -6.35 27.02 18.91
C LEU A 1013 -7.36 27.61 19.89
N ARG A 1014 -8.58 27.11 19.84
CA ARG A 1014 -9.66 27.57 20.72
C ARG A 1014 -9.71 26.76 22.01
N THR A 1015 -9.80 25.45 21.90
CA THR A 1015 -9.98 24.57 23.05
C THR A 1015 -8.69 23.82 23.35
N LEU A 1016 -8.47 23.56 24.64
CA LEU A 1016 -7.29 22.85 25.11
C LEU A 1016 -7.61 22.20 26.44
N ARG A 1017 -7.17 20.96 26.63
CA ARG A 1017 -7.49 20.21 27.84
C ARG A 1017 -6.22 19.55 28.37
N LEU A 1018 -6.21 19.30 29.68
CA LEU A 1018 -5.03 18.79 30.36
C LEU A 1018 -5.46 18.23 31.70
N LYS A 1019 -4.54 17.53 32.36
CA LYS A 1019 -4.75 17.05 33.73
C LYS A 1019 -3.52 17.41 34.55
N ILE A 1020 -3.74 17.96 35.74
CA ILE A 1020 -2.67 18.49 36.58
C ILE A 1020 -2.53 17.60 37.80
N ASP A 1021 -1.30 17.17 38.08
CA ASP A 1021 -1.05 16.34 39.25
C ASP A 1021 -1.33 17.10 40.53
N ASP A 1022 -0.90 18.36 40.60
CA ASP A 1022 -1.14 19.19 41.77
C ASP A 1022 -0.86 20.64 41.40
N PHE A 1023 -1.78 21.53 41.76
CA PHE A 1023 -1.71 22.93 41.38
C PHE A 1023 -1.60 23.80 42.62
N ASN A 1024 -1.17 25.05 42.40
CA ASN A 1024 -0.99 26.04 43.45
C ASN A 1024 -1.67 27.34 43.04
N ASP A 1025 -1.58 28.33 43.93
CA ASP A 1025 -2.12 29.65 43.62
C ASP A 1025 -1.41 30.27 42.43
N GLU A 1026 -0.09 30.10 42.34
CA GLU A 1026 0.64 30.61 41.18
C GLU A 1026 0.09 30.03 39.88
N LEU A 1027 -0.28 28.75 39.88
CA LEU A 1027 -0.85 28.14 38.68
C LEU A 1027 -2.22 28.72 38.36
N ASN A 1028 -3.02 29.02 39.39
CA ASN A 1028 -4.31 29.66 39.16
C ASN A 1028 -4.14 31.03 38.52
N LYS A 1029 -3.19 31.83 39.04
CA LYS A 1029 -2.96 33.13 38.42
C LYS A 1029 -2.36 32.99 37.03
N LEU A 1030 -1.63 31.91 36.78
CA LEU A 1030 -1.15 31.62 35.43
C LEU A 1030 -2.32 31.35 34.49
N LEU A 1031 -3.31 30.61 34.96
CA LEU A 1031 -4.52 30.39 34.16
C LEU A 1031 -5.24 31.70 33.89
N GLU A 1032 -5.34 32.56 34.91
CA GLU A 1032 -5.95 33.87 34.70
C GLU A 1032 -5.16 34.68 33.68
N GLU A 1033 -3.83 34.59 33.73
CA GLU A 1033 -2.99 35.28 32.75
C GLU A 1033 -3.26 34.74 31.35
N ILE A 1034 -3.42 33.42 31.22
CA ILE A 1034 -3.74 32.84 29.92
C ILE A 1034 -5.05 33.43 29.41
N GLU A 1035 -6.06 33.49 30.28
CA GLU A 1035 -7.36 34.02 29.86
C GLU A 1035 -7.23 35.48 29.42
N GLU A 1036 -6.55 36.31 30.20
CA GLU A 1036 -6.49 37.73 29.90
C GLU A 1036 -5.63 38.00 28.67
N LYS A 1037 -4.51 37.31 28.52
CA LYS A 1037 -3.64 37.54 27.37
C LYS A 1037 -4.35 37.20 26.06
N ASN A 1038 -5.04 36.06 26.03
CA ASN A 1038 -5.81 35.64 24.86
C ASN A 1038 -7.21 35.26 25.33
N PRO A 1039 -8.25 35.99 24.89
CA PRO A 1039 -9.60 35.69 25.42
C PRO A 1039 -10.30 34.51 24.77
N GLN A 1040 -9.89 34.11 23.56
CA GLN A 1040 -10.63 33.09 22.82
C GLN A 1040 -10.30 31.67 23.26
N LEU A 1041 -9.26 31.47 24.07
CA LEU A 1041 -8.88 30.13 24.48
C LEU A 1041 -9.74 29.65 25.65
N ILE A 1042 -10.25 28.43 25.52
CA ILE A 1042 -11.02 27.77 26.58
C ILE A 1042 -10.23 26.57 27.05
N ILE A 1043 -9.93 26.53 28.34
CA ILE A 1043 -9.04 25.52 28.92
C ILE A 1043 -9.78 24.80 30.04
N ASP A 1044 -9.72 23.48 30.03
CA ASP A 1044 -10.36 22.65 31.04
C ASP A 1044 -9.33 21.70 31.64
N THR A 1045 -9.54 21.36 32.92
CA THR A 1045 -8.65 20.44 33.61
C THR A 1045 -9.41 19.44 34.46
N GLU A 1046 -10.66 19.12 34.11
CA GLU A 1046 -11.45 18.16 34.86
C GLU A 1046 -10.88 16.76 34.68
N GLU A 1053 -17.66 7.75 27.47
CA GLU A 1053 -16.74 8.45 26.52
C GLU A 1053 -17.14 8.22 25.07
N ARG A 1054 -18.16 7.38 24.86
CA ARG A 1054 -18.62 7.10 23.50
C ARG A 1054 -18.99 8.36 22.74
N PRO A 1055 -19.68 9.36 23.32
CA PRO A 1055 -20.06 10.54 22.55
C PRO A 1055 -18.92 11.50 22.27
N SER A 1056 -17.67 11.06 22.46
CA SER A 1056 -16.51 11.92 22.26
C SER A 1056 -16.59 12.65 20.92
N SER A 1057 -15.92 13.81 20.84
CA SER A 1057 -16.12 14.71 19.70
C SER A 1057 -15.88 13.99 18.38
N HIS A 1058 -14.75 13.30 18.25
CA HIS A 1058 -14.49 12.58 17.01
C HIS A 1058 -15.57 11.53 16.76
N ASP A 1059 -15.86 10.69 17.75
CA ASP A 1059 -16.90 9.69 17.59
C ASP A 1059 -18.23 10.34 17.27
N PHE A 1060 -18.47 11.55 17.79
CA PHE A 1060 -19.66 12.29 17.41
C PHE A 1060 -19.64 12.62 15.93
N MET A 1061 -18.46 12.93 15.39
CA MET A 1061 -18.38 13.24 13.96
C MET A 1061 -18.50 11.98 13.11
N ILE A 1062 -17.84 10.89 13.50
CA ILE A 1062 -18.05 9.61 12.82
C ILE A 1062 -19.23 8.92 13.47
N LEU B 58 23.92 22.60 -48.81
CA LEU B 58 23.96 21.30 -49.54
C LEU B 58 24.43 20.17 -48.65
N THR B 59 25.54 20.40 -47.94
CA THR B 59 26.06 19.38 -47.05
C THR B 59 25.19 19.22 -45.81
N PHE B 60 24.65 20.32 -45.30
CA PHE B 60 23.85 20.27 -44.08
C PHE B 60 22.64 19.36 -44.24
N SER B 61 22.02 19.35 -45.42
CA SER B 61 20.86 18.51 -45.66
C SER B 61 21.21 17.04 -45.82
N SER B 62 22.33 16.74 -46.47
CA SER B 62 22.74 15.35 -46.63
C SER B 62 23.30 14.77 -45.34
N TYR B 63 23.78 15.60 -44.43
CA TYR B 63 24.29 15.09 -43.16
C TYR B 63 23.18 14.38 -42.38
N GLY B 64 22.02 15.02 -42.26
CA GLY B 64 20.91 14.41 -41.55
C GLY B 64 20.42 13.15 -42.24
N LEU B 65 20.34 13.16 -43.57
CA LEU B 65 19.93 11.97 -44.30
C LEU B 65 20.89 10.83 -44.02
N GLN B 66 22.18 11.07 -44.17
CA GLN B 66 23.17 10.04 -43.85
C GLN B 66 22.94 9.49 -42.45
N TRP B 67 22.61 10.36 -41.50
CA TRP B 67 22.45 9.87 -40.13
C TRP B 67 21.14 9.11 -39.94
N CYS B 68 20.15 9.36 -40.81
CA CYS B 68 18.91 8.58 -40.75
C CYS B 68 19.11 7.16 -41.29
N LEU B 69 19.85 7.03 -42.39
CA LEU B 69 20.05 5.72 -42.99
C LEU B 69 20.88 4.79 -42.12
N TYR B 70 21.73 5.33 -41.24
CA TYR B 70 22.55 4.49 -40.38
C TYR B 70 21.71 3.65 -39.42
N GLU B 71 20.44 3.98 -39.25
CA GLU B 71 19.58 3.17 -38.39
C GLU B 71 19.24 1.84 -39.04
N LEU B 72 19.23 1.78 -40.38
CA LEU B 72 18.87 0.57 -41.09
C LEU B 72 19.95 -0.48 -40.95
N ASP B 73 19.55 -1.74 -40.87
CA ASP B 73 20.48 -2.84 -40.75
C ASP B 73 20.97 -3.26 -42.14
N LYS B 74 21.92 -4.21 -42.17
CA LYS B 74 22.49 -4.65 -43.43
C LYS B 74 21.43 -5.28 -44.34
N GLU B 75 20.62 -6.19 -43.79
CA GLU B 75 19.52 -6.75 -44.57
C GLU B 75 18.52 -5.66 -44.94
N GLU B 76 18.20 -4.77 -44.00
CA GLU B 76 17.33 -3.65 -44.31
C GLU B 76 17.98 -2.74 -45.36
N PHE B 77 19.31 -2.59 -45.31
CA PHE B 77 19.99 -1.78 -46.31
C PHE B 77 19.87 -2.40 -47.70
N GLN B 78 20.03 -3.72 -47.80
CA GLN B 78 19.87 -4.37 -49.09
C GLN B 78 18.45 -4.25 -49.60
N THR B 79 17.46 -4.41 -48.71
CA THR B 79 16.07 -4.22 -49.11
C THR B 79 15.83 -2.79 -49.59
N PHE B 80 16.41 -1.82 -48.90
CA PHE B 80 16.29 -0.43 -49.31
C PHE B 80 16.88 -0.21 -50.69
N LYS B 81 18.06 -0.78 -50.94
CA LYS B 81 18.68 -0.62 -52.26
C LYS B 81 17.84 -1.25 -53.35
N GLU B 82 17.29 -2.44 -53.09
CA GLU B 82 16.46 -3.10 -54.10
C GLU B 82 15.19 -2.30 -54.38
N LEU B 83 14.54 -1.79 -53.33
CA LEU B 83 13.34 -0.99 -53.52
C LEU B 83 13.66 0.28 -54.28
N LEU B 84 14.82 0.88 -54.01
CA LEU B 84 15.24 2.05 -54.77
C LEU B 84 15.48 1.69 -56.23
N LYS B 85 16.06 0.53 -56.49
CA LYS B 85 16.21 0.06 -57.87
C LYS B 85 14.86 0.02 -58.56
N LYS B 86 13.87 -0.58 -57.91
CA LYS B 86 12.54 -0.66 -58.52
C LYS B 86 11.96 0.72 -58.76
N LYS B 87 12.08 1.62 -57.78
CA LYS B 87 11.55 2.97 -57.92
C LYS B 87 12.19 3.68 -59.11
N SER B 88 13.51 3.58 -59.24
CA SER B 88 14.19 4.22 -60.36
C SER B 88 13.74 3.60 -61.68
N SER B 89 13.61 2.29 -61.73
CA SER B 89 13.22 1.63 -62.98
C SER B 89 11.83 2.09 -63.42
N GLU B 90 10.89 2.19 -62.48
CA GLU B 90 9.52 2.57 -62.86
C GLU B 90 9.48 3.98 -63.42
N SER B 91 10.18 4.93 -62.81
CA SER B 91 10.12 6.31 -63.25
C SER B 91 10.91 6.52 -64.53
N THR B 92 10.46 7.48 -65.33
CA THR B 92 11.12 7.85 -66.58
C THR B 92 11.70 9.25 -66.58
N THR B 93 11.16 10.17 -65.77
CA THR B 93 11.66 11.55 -65.77
C THR B 93 13.12 11.60 -65.32
N CYS B 94 13.46 10.88 -64.25
CA CYS B 94 14.81 10.85 -63.73
C CYS B 94 15.29 9.40 -63.65
N SER B 95 16.57 9.20 -63.97
CA SER B 95 17.14 7.86 -64.09
C SER B 95 18.37 7.72 -63.19
N ILE B 96 18.68 6.49 -62.83
CA ILE B 96 19.87 6.19 -62.04
C ILE B 96 20.49 4.90 -62.58
N PRO B 97 21.81 4.83 -62.77
CA PRO B 97 22.43 3.56 -63.14
C PRO B 97 22.28 2.53 -62.03
N GLN B 98 22.10 1.27 -62.45
CA GLN B 98 21.90 0.19 -61.49
C GLN B 98 23.21 -0.20 -60.80
N PHE B 99 24.28 -0.32 -61.57
CA PHE B 99 25.57 -0.70 -60.98
C PHE B 99 26.06 0.34 -60.00
N GLU B 100 25.68 1.61 -60.18
CA GLU B 100 26.09 2.63 -59.23
C GLU B 100 25.29 2.56 -57.95
N ILE B 101 24.00 2.22 -58.04
CA ILE B 101 23.22 1.97 -56.84
C ILE B 101 23.79 0.79 -56.08
N GLU B 102 24.18 -0.26 -56.80
CA GLU B 102 24.69 -1.47 -56.15
C GLU B 102 26.01 -1.21 -55.43
N ASN B 103 26.92 -0.46 -56.06
CA ASN B 103 28.26 -0.35 -55.50
C ASN B 103 28.34 0.60 -54.31
N ALA B 104 27.34 1.44 -54.11
CA ALA B 104 27.41 2.50 -53.11
C ALA B 104 27.05 1.97 -51.73
N ASN B 105 27.74 2.48 -50.71
CA ASN B 105 27.39 2.21 -49.32
C ASN B 105 26.53 3.36 -48.80
N VAL B 106 26.27 3.39 -47.49
CA VAL B 106 25.25 4.28 -46.95
C VAL B 106 25.61 5.73 -47.22
N GLU B 107 26.85 6.13 -46.96
CA GLU B 107 27.24 7.53 -47.11
C GLU B 107 27.19 7.94 -48.58
N CYS B 108 27.83 7.14 -49.44
CA CYS B 108 27.74 7.39 -50.86
C CYS B 108 26.30 7.31 -51.34
N LEU B 109 25.48 6.45 -50.74
CA LEU B 109 24.08 6.35 -51.15
C LEU B 109 23.36 7.66 -50.90
N ALA B 110 23.50 8.21 -49.68
CA ALA B 110 22.82 9.46 -49.37
C ALA B 110 23.31 10.60 -50.27
N LEU B 111 24.63 10.69 -50.46
CA LEU B 111 25.14 11.80 -51.26
C LEU B 111 24.71 11.65 -52.72
N LEU B 112 24.71 10.43 -53.25
CA LEU B 112 24.25 10.18 -54.61
C LEU B 112 22.77 10.52 -54.76
N LEU B 113 21.96 10.12 -53.77
CA LEU B 113 20.53 10.40 -53.78
C LEU B 113 20.30 11.90 -53.85
N HIS B 114 21.04 12.66 -53.04
CA HIS B 114 20.90 14.11 -53.09
C HIS B 114 21.42 14.69 -54.38
N GLU B 115 22.48 14.11 -54.94
CA GLU B 115 23.03 14.64 -56.20
C GLU B 115 22.00 14.54 -57.31
N TYR B 116 21.29 13.41 -57.40
CA TYR B 116 20.32 13.24 -58.47
C TYR B 116 18.97 13.89 -58.15
N TYR B 117 18.27 13.42 -57.11
CA TYR B 117 16.92 13.90 -56.88
C TYR B 117 16.86 15.34 -56.45
N GLY B 118 17.72 15.75 -55.51
CA GLY B 118 17.58 17.01 -54.82
C GLY B 118 17.23 16.80 -53.36
N ALA B 119 17.33 17.90 -52.59
CA ALA B 119 17.21 17.79 -51.15
C ALA B 119 15.83 17.27 -50.74
N SER B 120 14.78 18.05 -51.01
CA SER B 120 13.45 17.68 -50.56
C SER B 120 13.00 16.39 -51.23
N LEU B 121 13.29 16.25 -52.51
CA LEU B 121 12.84 15.06 -53.23
C LEU B 121 13.53 13.80 -52.71
N ALA B 122 14.82 13.87 -52.42
CA ALA B 122 15.52 12.72 -51.85
C ALA B 122 14.98 12.39 -50.47
N TRP B 123 14.73 13.41 -49.65
CA TRP B 123 14.15 13.15 -48.34
C TRP B 123 12.79 12.48 -48.47
N ALA B 124 11.95 12.98 -49.37
CA ALA B 124 10.62 12.39 -49.55
C ALA B 124 10.71 10.96 -50.04
N THR B 125 11.63 10.69 -50.98
CA THR B 125 11.81 9.33 -51.46
C THR B 125 12.22 8.40 -50.33
N SER B 126 13.18 8.82 -49.52
CA SER B 126 13.61 7.98 -48.41
C SER B 126 12.47 7.74 -47.43
N ILE B 127 11.67 8.78 -47.16
CA ILE B 127 10.54 8.62 -46.24
C ILE B 127 9.55 7.62 -46.78
N SER B 128 9.21 7.73 -48.08
CA SER B 128 8.25 6.81 -48.66
C SER B 128 8.76 5.39 -48.62
N ILE B 129 10.03 5.19 -48.94
CA ILE B 129 10.58 3.84 -48.90
C ILE B 129 10.54 3.30 -47.48
N PHE B 130 10.95 4.12 -46.50
CA PHE B 130 10.83 3.72 -45.10
C PHE B 130 9.43 3.24 -44.79
N GLU B 131 8.42 4.00 -45.20
CA GLU B 131 7.04 3.57 -44.94
C GLU B 131 6.75 2.24 -45.63
N ASN B 132 7.31 2.03 -46.81
CA ASN B 132 7.05 0.78 -47.55
C ASN B 132 7.59 -0.43 -46.81
N MET B 133 8.77 -0.32 -46.19
CA MET B 133 9.30 -1.47 -45.47
C MET B 133 8.63 -1.68 -44.12
N ASN B 134 7.49 -1.04 -43.86
CA ASN B 134 6.73 -1.29 -42.63
C ASN B 134 7.44 -0.67 -41.42
N LEU B 135 8.34 0.28 -41.68
CA LEU B 135 8.97 1.08 -40.62
C LEU B 135 8.20 2.39 -40.48
N ARG B 136 7.63 2.61 -39.29
CA ARG B 136 6.87 3.84 -39.04
C ARG B 136 7.57 4.80 -38.10
N THR B 137 8.38 4.32 -37.16
CA THR B 137 9.09 5.23 -36.26
C THR B 137 10.17 6.00 -37.01
N LEU B 138 10.98 5.29 -37.80
CA LEU B 138 12.01 5.96 -38.57
C LEU B 138 11.41 6.97 -39.53
N SER B 139 10.19 6.72 -40.01
CA SER B 139 9.55 7.70 -40.88
C SER B 139 9.29 9.01 -40.16
N GLU B 140 8.80 8.94 -38.92
CA GLU B 140 8.53 10.18 -38.17
C GLU B 140 9.83 10.87 -37.77
N LYS B 141 10.83 10.09 -37.34
CA LYS B 141 12.12 10.69 -37.04
C LYS B 141 12.68 11.40 -38.27
N ALA B 142 12.56 10.76 -39.43
CA ALA B 142 13.05 11.36 -40.66
C ALA B 142 12.28 12.63 -41.00
N ARG B 143 10.97 12.62 -40.79
CA ARG B 143 10.19 13.82 -41.08
C ARG B 143 10.62 14.98 -40.19
N ASP B 144 10.85 14.70 -38.90
CA ASP B 144 11.31 15.76 -38.00
C ASP B 144 12.69 16.26 -38.38
N ASP B 145 13.62 15.34 -38.66
CA ASP B 145 14.96 15.75 -39.02
C ASP B 145 14.98 16.48 -40.36
N MET B 146 14.00 16.21 -41.22
CA MET B 146 13.86 17.00 -42.44
C MET B 146 13.34 18.40 -42.13
N LYS B 147 12.36 18.47 -41.24
CA LYS B 147 11.86 19.78 -40.81
C LYS B 147 12.97 20.64 -40.26
N ARG B 148 13.94 20.02 -39.59
CA ARG B 148 15.06 20.77 -39.00
C ARG B 148 16.21 21.01 -39.99
N HIS B 149 16.55 20.02 -40.82
CA HIS B 149 17.69 20.14 -41.71
C HIS B 149 17.35 20.79 -43.03
N SER B 150 16.15 20.59 -43.55
CA SER B 150 15.76 21.21 -44.81
C SER B 150 15.45 22.69 -44.59
N PRO B 151 16.17 23.61 -45.21
CA PRO B 151 15.82 25.03 -45.07
C PRO B 151 14.48 25.34 -45.72
N GLU B 152 13.77 26.30 -45.15
CA GLU B 152 12.48 26.70 -45.67
C GLU B 152 12.62 27.29 -47.07
N ASP B 153 11.74 26.87 -47.97
CA ASP B 153 11.72 27.38 -49.33
C ASP B 153 10.40 28.06 -49.64
N GLY B 230 34.31 58.06 -8.17
CA GLY B 230 35.27 58.49 -7.17
C GLY B 230 35.71 57.36 -6.25
N ASP B 231 34.85 57.04 -5.27
CA ASP B 231 35.18 55.99 -4.32
C ASP B 231 35.32 54.64 -5.02
N THR B 232 34.42 54.34 -5.97
CA THR B 232 34.52 53.09 -6.71
C THR B 232 35.80 53.02 -7.52
N TRP B 233 36.17 54.12 -8.18
CA TRP B 233 37.40 54.15 -8.96
C TRP B 233 38.62 53.95 -8.06
N ASP B 234 38.63 54.60 -6.89
CA ASP B 234 39.72 54.40 -5.96
C ASP B 234 39.79 52.95 -5.50
N TYR B 235 38.64 52.35 -5.21
CA TYR B 235 38.62 50.96 -4.77
C TYR B 235 39.18 50.03 -5.83
N LYS B 236 38.76 50.22 -7.10
CA LYS B 236 39.21 49.33 -8.14
C LYS B 236 40.69 49.54 -8.45
N SER B 237 41.18 50.78 -8.36
CA SER B 237 42.61 51.01 -8.53
C SER B 237 43.42 50.35 -7.41
N HIS B 238 42.94 50.45 -6.17
CA HIS B 238 43.64 49.82 -5.06
C HIS B 238 43.66 48.31 -5.22
N VAL B 239 42.54 47.72 -5.66
CA VAL B 239 42.51 46.28 -5.92
C VAL B 239 43.49 45.92 -7.03
N MET B 240 43.56 46.75 -8.07
CA MET B 240 44.53 46.53 -9.13
C MET B 240 45.94 46.43 -8.55
N THR B 241 46.32 47.42 -7.74
CA THR B 241 47.65 47.43 -7.16
C THR B 241 47.87 46.18 -6.30
N LYS B 242 46.89 45.83 -5.47
CA LYS B 242 47.04 44.72 -4.55
C LYS B 242 47.28 43.42 -5.31
N PHE B 243 46.41 43.09 -6.26
CA PHE B 243 46.56 41.79 -6.92
C PHE B 243 47.75 41.80 -7.86
N ALA B 244 48.10 42.96 -8.43
CA ALA B 244 49.32 43.02 -9.23
C ALA B 244 50.53 42.66 -8.39
N GLU B 245 50.63 43.24 -7.19
CA GLU B 245 51.75 42.92 -6.32
C GLU B 245 51.77 41.45 -5.94
N GLU B 246 50.63 40.94 -5.44
CA GLU B 246 50.64 39.57 -4.92
C GLU B 246 50.67 38.52 -6.03
N GLU B 247 50.45 38.90 -7.29
CA GLU B 247 50.69 37.99 -8.40
C GLU B 247 52.12 38.08 -8.90
N ASP B 248 52.73 39.26 -8.83
CA ASP B 248 54.17 39.34 -9.07
C ASP B 248 54.93 38.51 -8.03
N VAL B 249 54.37 38.39 -6.83
CA VAL B 249 55.01 37.54 -5.81
C VAL B 249 54.99 36.08 -6.26
N ARG B 250 53.84 35.59 -6.71
CA ARG B 250 53.73 34.21 -7.17
C ARG B 250 52.72 34.10 -8.31
N PRO B 261 42.59 37.39 -27.88
CA PRO B 261 42.59 35.93 -27.81
C PRO B 261 41.42 35.40 -26.96
N GLU B 262 41.68 34.96 -25.72
CA GLU B 262 40.60 34.46 -24.88
C GLU B 262 39.75 35.58 -24.31
N MET B 263 40.27 36.81 -24.30
CA MET B 263 39.53 37.92 -23.73
C MET B 263 38.26 38.18 -24.52
N GLN B 264 38.30 37.99 -25.84
CA GLN B 264 37.10 38.15 -26.65
C GLN B 264 36.02 37.16 -26.22
N THR B 265 36.40 35.90 -26.00
CA THR B 265 35.43 34.91 -25.55
C THR B 265 34.91 35.25 -24.16
N LEU B 266 35.80 35.64 -23.24
CA LEU B 266 35.36 35.97 -21.89
C LEU B 266 34.45 37.19 -21.87
N ALA B 267 34.61 38.10 -22.83
CA ALA B 267 33.71 39.25 -22.93
C ALA B 267 32.35 38.85 -23.46
N GLY B 268 32.28 37.79 -24.27
CA GLY B 268 31.01 37.30 -24.77
C GLY B 268 30.31 36.33 -23.86
N ALA B 269 30.85 36.09 -22.66
CA ALA B 269 30.30 35.07 -21.78
C ALA B 269 28.88 35.40 -21.34
N PHE B 270 28.61 36.68 -21.04
CA PHE B 270 27.33 37.10 -20.51
C PHE B 270 26.40 37.69 -21.58
N ASP B 271 26.73 37.50 -22.85
CA ASP B 271 25.85 37.96 -23.92
C ASP B 271 24.76 36.92 -24.20
N SER B 272 23.80 37.31 -25.04
CA SER B 272 22.67 36.46 -25.37
C SER B 272 22.98 35.68 -26.65
N ASP B 273 22.54 34.42 -26.67
CA ASP B 273 22.77 33.54 -27.80
C ASP B 273 21.62 33.65 -28.80
N ARG B 274 21.69 32.84 -29.87
CA ARG B 274 20.64 32.88 -30.89
C ARG B 274 19.34 32.26 -30.40
N TRP B 275 19.40 31.37 -29.40
CA TRP B 275 18.17 30.91 -28.77
C TRP B 275 17.43 32.06 -28.11
N GLY B 276 18.17 32.93 -27.41
CA GLY B 276 17.61 33.99 -26.62
C GLY B 276 17.64 33.60 -25.15
N PHE B 277 18.67 34.03 -24.43
CA PHE B 277 18.86 33.60 -23.07
C PHE B 277 20.01 34.40 -22.47
N ARG B 278 19.83 34.85 -21.23
CA ARG B 278 20.85 35.63 -20.53
C ARG B 278 21.25 34.88 -19.26
N PRO B 279 22.37 34.18 -19.24
CA PRO B 279 22.74 33.42 -18.04
C PRO B 279 23.30 34.31 -16.94
N ARG B 280 23.08 33.91 -15.69
CA ARG B 280 23.59 34.63 -14.54
C ARG B 280 24.77 33.93 -13.88
N THR B 281 24.95 32.64 -14.11
CA THR B 281 26.07 31.89 -13.59
C THR B 281 26.83 31.22 -14.72
N VAL B 282 28.16 31.28 -14.66
CA VAL B 282 29.04 30.68 -15.67
C VAL B 282 30.09 29.86 -14.94
N VAL B 283 30.37 28.67 -15.45
CA VAL B 283 31.32 27.74 -14.83
C VAL B 283 32.38 27.38 -15.86
N LEU B 284 33.64 27.38 -15.44
CA LEU B 284 34.77 27.06 -16.30
C LEU B 284 35.43 25.77 -15.80
N HIS B 285 35.82 24.91 -16.73
CA HIS B 285 36.50 23.67 -16.41
C HIS B 285 37.51 23.35 -17.50
N GLY B 286 38.51 22.53 -17.15
CA GLY B 286 39.51 22.14 -18.12
C GLY B 286 40.70 21.48 -17.45
N LYS B 287 41.79 21.39 -18.21
CA LYS B 287 43.01 20.75 -17.74
C LYS B 287 43.64 21.55 -16.60
N SER B 288 44.39 20.83 -15.75
CA SER B 288 45.02 21.43 -14.58
C SER B 288 46.25 22.26 -14.90
N GLY B 289 46.83 22.11 -16.09
CA GLY B 289 48.04 22.83 -16.41
C GLY B 289 47.84 24.34 -16.37
N ILE B 290 46.72 24.82 -16.90
CA ILE B 290 46.45 26.25 -16.88
C ILE B 290 46.08 26.69 -15.47
N GLY B 291 46.49 27.91 -15.12
CA GLY B 291 46.20 28.47 -13.81
C GLY B 291 44.86 29.16 -13.73
N LYS B 292 43.89 28.52 -13.09
CA LYS B 292 42.57 29.12 -12.96
C LYS B 292 42.64 30.42 -12.16
N SER B 293 43.45 30.43 -11.10
CA SER B 293 43.64 31.66 -10.32
C SER B 293 44.16 32.78 -11.20
N ALA B 294 45.15 32.47 -12.06
CA ALA B 294 45.69 33.48 -12.95
C ALA B 294 44.62 34.00 -13.90
N LEU B 295 43.79 33.10 -14.44
CA LEU B 295 42.74 33.52 -15.37
C LEU B 295 41.74 34.44 -14.68
N ALA B 296 41.29 34.06 -13.49
CA ALA B 296 40.33 34.89 -12.76
C ALA B 296 40.94 36.25 -12.41
N ARG B 297 42.20 36.26 -11.97
CA ARG B 297 42.83 37.52 -11.59
C ARG B 297 43.04 38.41 -12.80
N ARG B 298 43.33 37.82 -13.96
CA ARG B 298 43.44 38.62 -15.19
C ARG B 298 42.08 39.14 -15.63
N ILE B 299 41.01 38.39 -15.38
CA ILE B 299 39.67 38.91 -15.63
C ILE B 299 39.41 40.14 -14.75
N VAL B 300 39.77 40.03 -13.47
CA VAL B 300 39.61 41.16 -12.57
C VAL B 300 40.45 42.34 -13.05
N LEU B 301 41.65 42.07 -13.55
CA LEU B 301 42.52 43.12 -14.07
C LEU B 301 41.87 43.83 -15.25
N CYS B 302 41.36 43.05 -16.21
CA CYS B 302 40.70 43.64 -17.37
C CYS B 302 39.50 44.47 -16.96
N TRP B 303 38.73 44.01 -15.96
CA TRP B 303 37.64 44.84 -15.46
C TRP B 303 38.17 46.13 -14.83
N ALA B 304 39.28 46.04 -14.10
CA ALA B 304 39.85 47.22 -13.46
C ALA B 304 40.24 48.27 -14.49
N GLN B 305 40.93 47.85 -15.55
CA GLN B 305 41.25 48.80 -16.62
C GLN B 305 39.99 49.25 -17.36
N GLY B 306 38.97 48.40 -17.42
CA GLY B 306 37.70 48.77 -18.02
C GLY B 306 37.51 48.31 -19.45
N GLY B 307 38.45 47.58 -20.03
CA GLY B 307 38.29 47.07 -21.38
C GLY B 307 37.41 45.85 -21.47
N LEU B 308 36.94 45.33 -20.34
CA LEU B 308 36.11 44.13 -20.30
C LEU B 308 34.90 44.39 -19.40
N TYR B 309 33.71 44.33 -19.98
CA TYR B 309 32.46 44.53 -19.24
C TYR B 309 32.45 45.91 -18.58
N GLN B 310 32.49 46.94 -19.43
CA GLN B 310 32.52 48.32 -18.93
C GLN B 310 31.14 48.81 -18.54
N GLY B 311 30.10 48.31 -19.20
CA GLY B 311 28.76 48.88 -19.03
C GLY B 311 27.79 48.06 -18.21
N MET B 312 28.21 46.89 -17.72
CA MET B 312 27.26 45.99 -17.08
C MET B 312 27.18 46.22 -15.57
N PHE B 313 28.30 46.05 -14.87
CA PHE B 313 28.32 46.05 -13.41
C PHE B 313 29.42 46.97 -12.90
N SER B 314 29.28 47.36 -11.63
CA SER B 314 30.15 48.35 -11.03
C SER B 314 31.04 47.81 -9.92
N TYR B 315 30.78 46.60 -9.43
CA TYR B 315 31.57 46.03 -8.33
C TYR B 315 32.00 44.62 -8.68
N VAL B 316 33.19 44.25 -8.20
CA VAL B 316 33.75 42.93 -8.38
C VAL B 316 34.26 42.44 -7.03
N PHE B 317 33.85 41.23 -6.64
CA PHE B 317 34.33 40.60 -5.43
C PHE B 317 35.01 39.30 -5.81
N PHE B 318 36.28 39.15 -5.42
CA PHE B 318 37.05 37.94 -5.68
C PHE B 318 37.05 37.12 -4.41
N LEU B 319 36.73 35.84 -4.52
CA LEU B 319 36.59 34.98 -3.35
C LEU B 319 37.52 33.78 -3.43
N PRO B 320 38.60 33.72 -2.64
CA PRO B 320 39.40 32.49 -2.58
C PRO B 320 38.91 31.56 -1.49
N VAL B 321 38.92 30.25 -1.77
CA VAL B 321 38.29 29.29 -0.86
C VAL B 321 39.19 28.96 0.33
N ARG B 322 40.51 28.84 0.11
CA ARG B 322 41.41 28.51 1.21
C ARG B 322 41.29 29.53 2.34
N GLU B 323 41.24 30.81 1.99
CA GLU B 323 41.12 31.85 3.01
C GLU B 323 39.84 31.69 3.82
N MET B 324 38.71 31.37 3.17
CA MET B 324 37.52 31.03 3.93
C MET B 324 37.78 29.88 4.89
N GLN B 325 38.41 28.80 4.42
CA GLN B 325 38.66 27.70 5.34
C GLN B 325 39.57 28.11 6.49
N ARG B 326 40.37 29.17 6.31
CA ARG B 326 41.23 29.62 7.40
C ARG B 326 40.44 30.16 8.59
N LYS B 327 39.25 30.71 8.35
CA LYS B 327 38.42 31.25 9.40
C LYS B 327 37.18 30.38 9.62
N LYS B 328 36.92 30.03 10.87
CA LYS B 328 35.76 29.20 11.17
C LYS B 328 34.45 29.96 10.99
N GLU B 329 34.40 31.21 11.45
CA GLU B 329 33.21 32.04 11.37
C GLU B 329 33.48 33.20 10.42
N SER B 330 32.55 33.45 9.50
CA SER B 330 32.72 34.50 8.51
C SER B 330 31.36 34.95 8.01
N SER B 331 31.34 36.13 7.38
CA SER B 331 30.15 36.66 6.76
C SER B 331 30.58 37.58 5.61
N VAL B 332 29.64 37.82 4.69
CA VAL B 332 29.94 38.68 3.54
C VAL B 332 30.26 40.10 4.00
N THR B 333 29.65 40.55 5.09
CA THR B 333 29.97 41.87 5.62
C THR B 333 31.44 41.96 5.97
N GLU B 334 31.97 40.94 6.65
CA GLU B 334 33.38 40.92 6.99
C GLU B 334 34.25 40.91 5.74
N PHE B 335 33.82 40.19 4.70
CA PHE B 335 34.59 40.15 3.46
C PHE B 335 34.66 41.54 2.82
N ILE B 336 33.51 42.20 2.66
CA ILE B 336 33.50 43.50 2.00
C ILE B 336 34.26 44.52 2.84
N SER B 337 34.20 44.40 4.17
CA SER B 337 35.05 45.25 5.00
C SER B 337 36.53 44.95 4.78
N ARG B 338 36.88 43.68 4.64
CA ARG B 338 38.28 43.30 4.43
C ARG B 338 38.82 43.90 3.14
N GLU B 339 38.05 43.80 2.05
CA GLU B 339 38.60 44.13 0.74
C GLU B 339 38.94 45.62 0.62
N TRP B 340 38.10 46.50 1.16
CA TRP B 340 38.36 47.93 1.03
C TRP B 340 39.56 48.34 1.88
N PRO B 341 40.34 49.33 1.43
CA PRO B 341 41.49 49.77 2.23
C PRO B 341 41.10 50.35 3.58
N ASP B 342 40.15 51.29 3.60
CA ASP B 342 39.73 51.90 4.86
C ASP B 342 38.99 50.91 5.76
N SER B 343 38.55 49.78 5.21
CA SER B 343 37.85 48.72 5.92
C SER B 343 36.44 49.12 6.36
N GLN B 344 35.89 50.19 5.80
CA GLN B 344 34.52 50.61 6.08
C GLN B 344 33.83 50.93 4.76
N ALA B 345 32.62 50.40 4.58
CA ALA B 345 31.87 50.60 3.36
C ALA B 345 30.41 50.90 3.68
N PRO B 346 29.70 51.62 2.79
CA PRO B 346 28.26 51.83 2.99
C PRO B 346 27.47 50.59 2.60
N VAL B 347 26.93 49.91 3.61
CA VAL B 347 26.18 48.69 3.34
C VAL B 347 24.97 48.97 2.45
N THR B 348 24.32 50.10 2.66
CA THR B 348 23.17 50.46 1.82
C THR B 348 23.58 50.60 0.36
N GLU B 349 24.72 51.25 0.11
CA GLU B 349 25.18 51.41 -1.26
C GLU B 349 25.47 50.05 -1.91
N ILE B 350 26.11 49.15 -1.17
CA ILE B 350 26.46 47.84 -1.72
C ILE B 350 25.19 47.08 -2.10
N MET B 351 24.19 47.09 -1.23
CA MET B 351 22.94 46.38 -1.47
C MET B 351 21.97 47.15 -2.36
N SER B 352 22.39 48.33 -2.86
CA SER B 352 21.46 49.20 -3.55
C SER B 352 20.85 48.53 -4.77
N ARG B 353 21.68 47.96 -5.65
CA ARG B 353 21.20 47.40 -6.90
C ARG B 353 21.78 46.03 -7.14
N PRO B 354 21.03 45.14 -7.82
CA PRO B 354 21.51 43.77 -8.06
C PRO B 354 22.55 43.67 -9.16
N GLU B 355 22.32 44.37 -10.27
CA GLU B 355 23.17 44.23 -11.45
C GLU B 355 24.58 44.72 -11.21
N ARG B 356 24.80 45.53 -10.17
CA ARG B 356 26.10 46.14 -9.96
C ARG B 356 27.12 45.21 -9.33
N LEU B 357 26.71 44.01 -8.91
CA LEU B 357 27.57 43.11 -8.16
C LEU B 357 27.98 41.91 -9.01
N LEU B 358 29.26 41.54 -8.91
CA LEU B 358 29.78 40.31 -9.51
C LEU B 358 30.66 39.62 -8.50
N PHE B 359 30.53 38.30 -8.41
CA PHE B 359 31.34 37.49 -7.50
C PHE B 359 32.15 36.49 -8.32
N ILE B 360 33.34 36.16 -7.83
CA ILE B 360 34.21 35.16 -8.45
C ILE B 360 34.63 34.17 -7.38
N ILE B 361 34.34 32.89 -7.60
CA ILE B 361 34.72 31.81 -6.69
C ILE B 361 35.74 30.95 -7.41
N ASP B 362 36.88 30.70 -6.75
CA ASP B 362 38.00 30.02 -7.37
C ASP B 362 38.34 28.76 -6.60
N GLY B 363 38.71 27.70 -7.33
CA GLY B 363 39.16 26.47 -6.73
C GLY B 363 38.12 25.76 -5.90
N PHE B 364 36.91 25.61 -6.45
CA PHE B 364 35.85 24.94 -5.71
C PHE B 364 36.23 23.50 -5.38
N ASP B 365 37.04 22.86 -6.22
CA ASP B 365 37.40 21.46 -6.01
C ASP B 365 38.45 21.27 -4.93
N ASP B 366 39.18 22.33 -4.57
CA ASP B 366 40.26 22.17 -3.60
C ASP B 366 39.76 21.67 -2.26
N LEU B 367 38.52 22.00 -1.89
CA LEU B 367 37.94 21.58 -0.62
C LEU B 367 36.47 21.24 -0.84
N GLY B 368 36.09 20.02 -0.48
CA GLY B 368 34.71 19.59 -0.60
C GLY B 368 34.18 18.86 0.62
N SER B 369 35.09 18.50 1.55
CA SER B 369 34.67 17.74 2.72
C SER B 369 33.72 18.56 3.59
N VAL B 370 34.05 19.83 3.83
CA VAL B 370 33.19 20.67 4.65
C VAL B 370 31.89 20.98 3.91
N LEU B 371 31.97 21.19 2.60
CA LEU B 371 30.78 21.48 1.81
C LEU B 371 29.81 20.30 1.77
N ASN B 372 30.29 19.07 1.99
CA ASN B 372 29.41 17.92 1.95
C ASN B 372 28.33 17.99 3.01
N ASN B 373 28.61 18.66 4.13
CA ASN B 373 27.64 18.76 5.22
C ASN B 373 26.41 19.53 4.77
N ASP B 374 25.28 19.22 5.38
CA ASP B 374 23.99 19.84 5.04
C ASP B 374 23.55 20.74 6.17
N THR B 375 23.32 22.01 5.84
CA THR B 375 22.80 22.99 6.79
C THR B 375 21.84 23.92 6.07
N LYS B 376 20.90 24.48 6.83
CA LYS B 376 19.89 25.35 6.24
C LYS B 376 20.54 26.62 5.70
N LEU B 377 20.04 27.08 4.55
CA LEU B 377 20.61 28.24 3.89
C LEU B 377 20.20 29.52 4.60
N CYS B 378 21.05 30.54 4.48
CA CYS B 378 20.87 31.81 5.16
C CYS B 378 20.27 32.84 4.22
N LYS B 379 19.10 33.37 4.57
CA LYS B 379 18.47 34.41 3.77
C LYS B 379 19.15 35.76 3.99
N ASP B 380 19.59 36.03 5.21
CA ASP B 380 20.20 37.31 5.55
C ASP B 380 21.68 37.29 5.17
N TRP B 381 22.10 38.31 4.42
CA TRP B 381 23.50 38.40 3.99
C TRP B 381 24.42 38.68 5.17
N ALA B 382 23.98 39.51 6.12
CA ALA B 382 24.87 39.97 7.17
C ALA B 382 25.13 38.90 8.22
N GLU B 383 24.22 37.94 8.38
CA GLU B 383 24.34 36.96 9.45
C GLU B 383 25.62 36.15 9.28
N LYS B 384 26.25 35.83 10.42
CA LYS B 384 27.47 35.04 10.41
C LYS B 384 27.12 33.54 10.37
N GLN B 385 27.80 32.81 9.50
CA GLN B 385 27.57 31.38 9.33
C GLN B 385 28.87 30.74 8.87
N PRO B 386 28.97 29.42 8.94
CA PRO B 386 30.18 28.75 8.45
C PRO B 386 30.41 29.06 6.98
N PRO B 387 31.67 29.15 6.53
CA PRO B 387 31.90 29.52 5.13
C PRO B 387 31.25 28.57 4.14
N PHE B 388 31.22 27.28 4.44
CA PHE B 388 30.62 26.33 3.52
C PHE B 388 29.13 26.60 3.33
N THR B 389 28.45 26.99 4.41
CA THR B 389 27.03 27.37 4.29
C THR B 389 26.88 28.59 3.39
N LEU B 390 27.77 29.57 3.52
CA LEU B 390 27.70 30.75 2.67
C LEU B 390 27.88 30.37 1.21
N ILE B 391 28.87 29.54 0.91
CA ILE B 391 29.11 29.14 -0.48
C ILE B 391 27.91 28.36 -1.01
N ARG B 392 27.37 27.44 -0.19
CA ARG B 392 26.22 26.67 -0.60
C ARG B 392 25.03 27.57 -0.91
N SER B 393 24.70 28.49 0.00
CA SER B 393 23.59 29.40 -0.25
C SER B 393 23.82 30.25 -1.49
N LEU B 394 25.06 30.72 -1.67
CA LEU B 394 25.36 31.59 -2.80
C LEU B 394 25.19 30.85 -4.13
N LEU B 395 25.65 29.60 -4.19
CA LEU B 395 25.52 28.85 -5.45
C LEU B 395 24.07 28.47 -5.72
N ARG B 396 23.32 28.08 -4.69
CA ARG B 396 21.93 27.68 -4.86
C ARG B 396 21.03 28.84 -5.26
N LYS B 397 21.53 30.08 -5.20
CA LYS B 397 20.78 31.27 -5.57
C LYS B 397 19.68 31.61 -4.57
N VAL B 398 19.68 30.96 -3.41
CA VAL B 398 18.79 31.39 -2.33
C VAL B 398 19.28 32.71 -1.76
N LEU B 399 20.59 32.87 -1.62
CA LEU B 399 21.18 34.11 -1.14
C LEU B 399 21.49 35.01 -2.32
N LEU B 400 20.99 36.25 -2.26
CA LEU B 400 21.17 37.21 -3.33
C LEU B 400 20.73 36.62 -4.66
N PRO B 401 19.46 36.26 -4.81
CA PRO B 401 19.02 35.58 -6.04
C PRO B 401 19.16 36.42 -7.29
N GLU B 402 19.32 37.73 -7.17
CA GLU B 402 19.33 38.60 -8.34
C GLU B 402 20.72 38.86 -8.91
N SER B 403 21.78 38.56 -8.17
CA SER B 403 23.13 38.80 -8.67
C SER B 403 23.55 37.69 -9.62
N PHE B 404 24.75 37.84 -10.20
CA PHE B 404 25.31 36.89 -11.14
C PHE B 404 26.70 36.48 -10.69
N LEU B 405 27.09 35.25 -11.04
CA LEU B 405 28.28 34.60 -10.51
C LEU B 405 29.22 34.19 -11.64
N ILE B 406 30.34 33.59 -11.25
CA ILE B 406 31.26 32.91 -12.15
C ILE B 406 32.16 32.02 -11.31
N VAL B 407 32.42 30.80 -11.77
CA VAL B 407 33.14 29.80 -10.98
C VAL B 407 34.18 29.12 -11.87
N THR B 408 35.30 28.75 -11.27
CA THR B 408 36.35 27.97 -11.93
C THR B 408 36.54 26.67 -11.15
N VAL B 409 36.61 25.56 -11.89
CA VAL B 409 36.65 24.23 -11.28
C VAL B 409 37.39 23.29 -12.21
N ARG B 410 37.72 22.10 -11.71
CA ARG B 410 38.34 21.02 -12.47
C ARG B 410 37.30 19.92 -12.74
N ASP B 411 37.73 18.88 -13.45
CA ASP B 411 36.79 17.87 -13.93
C ASP B 411 36.09 17.16 -12.76
N VAL B 412 36.86 16.69 -11.78
CA VAL B 412 36.25 16.06 -10.61
C VAL B 412 35.36 17.07 -9.89
N GLY B 413 35.81 18.32 -9.81
CA GLY B 413 35.02 19.34 -9.16
C GLY B 413 33.70 19.60 -9.85
N THR B 414 33.70 19.60 -11.19
CA THR B 414 32.43 19.78 -11.91
C THR B 414 31.58 18.53 -11.84
N GLU B 415 32.20 17.36 -11.66
CA GLU B 415 31.41 16.16 -11.38
C GLU B 415 30.65 16.31 -10.08
N LYS B 416 31.30 16.85 -9.05
CA LYS B 416 30.63 17.07 -7.77
C LYS B 416 29.68 18.27 -7.80
N LEU B 417 29.93 19.25 -8.66
CA LEU B 417 29.26 20.54 -8.60
C LEU B 417 28.04 20.64 -9.51
N LYS B 418 27.93 19.79 -10.52
CA LYS B 418 26.86 19.92 -11.51
C LYS B 418 25.48 19.86 -10.89
N SER B 419 25.35 19.24 -9.71
CA SER B 419 24.05 19.11 -9.07
C SER B 419 23.64 20.34 -8.27
N GLU B 420 24.55 21.29 -8.06
CA GLU B 420 24.26 22.46 -7.25
C GLU B 420 23.79 23.65 -8.09
N VAL B 421 24.62 24.09 -9.05
CA VAL B 421 24.29 25.27 -9.82
C VAL B 421 22.98 25.05 -10.59
N VAL B 422 22.36 26.15 -10.99
CA VAL B 422 21.07 26.14 -11.68
C VAL B 422 21.22 26.83 -13.02
N SER B 423 20.84 26.14 -14.10
CA SER B 423 20.85 26.68 -15.45
C SER B 423 22.17 27.39 -15.78
N PRO B 424 23.29 26.69 -15.68
CA PRO B 424 24.59 27.33 -15.91
C PRO B 424 25.01 27.30 -17.37
N ARG B 425 26.13 27.99 -17.63
CA ARG B 425 26.79 27.99 -18.94
C ARG B 425 28.21 27.48 -18.72
N TYR B 426 28.52 26.33 -19.31
CA TYR B 426 29.83 25.71 -19.14
C TYR B 426 30.79 26.21 -20.20
N LEU B 427 32.00 26.55 -19.78
CA LEU B 427 33.08 26.95 -20.67
C LEU B 427 34.27 26.01 -20.48
N LEU B 428 34.79 25.51 -21.60
CA LEU B 428 35.85 24.51 -21.58
C LEU B 428 37.16 25.14 -22.01
N VAL B 429 38.20 24.95 -21.19
CA VAL B 429 39.51 25.58 -21.39
C VAL B 429 40.52 24.51 -21.74
N ARG B 430 41.23 24.72 -22.85
CA ARG B 430 42.30 23.82 -23.25
C ARG B 430 43.31 24.55 -24.14
N ALA B 472 50.28 21.10 -18.86
CA ALA B 472 51.57 21.32 -19.50
C ALA B 472 52.18 19.99 -19.94
N VAL B 473 51.34 19.15 -20.56
CA VAL B 473 51.79 17.81 -20.94
C VAL B 473 52.88 17.90 -22.00
N GLY B 474 52.71 18.77 -22.99
CA GLY B 474 53.71 18.87 -24.05
C GLY B 474 55.06 19.34 -23.55
N SER B 475 55.07 20.39 -22.73
CA SER B 475 56.32 20.87 -22.16
C SER B 475 56.98 19.79 -21.31
N LEU B 476 56.20 19.11 -20.48
CA LEU B 476 56.74 18.05 -19.65
C LEU B 476 57.34 16.93 -20.50
N ILE B 477 56.64 16.55 -21.58
CA ILE B 477 57.10 15.45 -22.41
C ILE B 477 58.40 15.83 -23.11
N CYS B 478 58.49 17.05 -23.65
CA CYS B 478 59.72 17.42 -24.36
C CYS B 478 60.87 17.59 -23.38
N VAL B 479 60.59 18.08 -22.17
CA VAL B 479 61.65 18.18 -21.16
C VAL B 479 62.15 16.79 -20.79
N ALA B 480 61.24 15.82 -20.63
CA ALA B 480 61.65 14.46 -20.34
C ALA B 480 62.48 13.88 -21.49
N LEU B 481 62.07 14.15 -22.73
CA LEU B 481 62.84 13.70 -23.88
C LEU B 481 64.24 14.29 -23.86
N GLN B 482 64.37 15.55 -23.47
CA GLN B 482 65.68 16.19 -23.41
C GLN B 482 66.59 15.51 -22.40
N LEU B 483 66.02 15.00 -21.30
CA LEU B 483 66.79 14.41 -20.21
C LEU B 483 66.87 12.89 -20.31
N GLN B 484 66.64 12.33 -21.49
CA GLN B 484 66.73 10.88 -21.67
C GLN B 484 68.19 10.42 -21.67
N PHE B 494 63.17 2.57 -23.93
CA PHE B 494 62.02 3.12 -23.20
C PHE B 494 61.13 3.94 -24.12
N ASN B 495 61.37 3.85 -25.43
CA ASN B 495 60.53 4.53 -26.40
C ASN B 495 59.23 3.79 -26.69
N GLN B 496 59.13 2.53 -26.29
CA GLN B 496 57.94 1.74 -26.61
C GLN B 496 56.72 2.25 -25.84
N THR B 497 56.92 2.72 -24.61
CA THR B 497 55.82 3.10 -23.74
C THR B 497 56.16 4.41 -23.04
N LEU B 498 55.11 5.12 -22.61
CA LEU B 498 55.31 6.36 -21.88
C LEU B 498 55.79 6.11 -20.46
N THR B 499 55.38 4.98 -19.86
CA THR B 499 55.84 4.67 -18.51
C THR B 499 57.35 4.54 -18.46
N GLY B 500 57.97 3.95 -19.49
CA GLY B 500 59.41 3.88 -19.53
C GLY B 500 60.07 5.25 -19.58
N LEU B 501 59.50 6.16 -20.38
CA LEU B 501 60.04 7.51 -20.46
C LEU B 501 59.96 8.22 -19.13
N HIS B 502 58.80 8.14 -18.47
CA HIS B 502 58.66 8.79 -17.17
C HIS B 502 59.59 8.15 -16.13
N ALA B 503 59.74 6.83 -16.18
CA ALA B 503 60.65 6.16 -15.26
C ALA B 503 62.08 6.64 -15.48
N ALA B 504 62.49 6.76 -16.75
CA ALA B 504 63.83 7.26 -17.04
C ALA B 504 64.01 8.66 -16.46
N PHE B 505 63.05 9.54 -16.70
CA PHE B 505 63.17 10.92 -16.19
C PHE B 505 63.26 10.94 -14.67
N VAL B 506 62.36 10.21 -14.00
CA VAL B 506 62.31 10.26 -12.54
C VAL B 506 63.58 9.65 -11.94
N PHE B 507 64.03 8.53 -12.48
CA PHE B 507 65.26 7.92 -11.97
C PHE B 507 66.46 8.81 -12.22
N HIS B 508 66.54 9.46 -13.38
CA HIS B 508 67.63 10.40 -13.62
C HIS B 508 67.60 11.54 -12.61
N GLN B 509 66.42 12.08 -12.32
CA GLN B 509 66.32 13.14 -11.33
C GLN B 509 66.73 12.67 -9.94
N LEU B 510 66.34 11.44 -9.59
CA LEU B 510 66.64 10.92 -8.26
C LEU B 510 68.13 10.72 -8.01
N THR B 511 68.93 10.59 -9.06
CA THR B 511 70.36 10.42 -8.88
C THR B 511 70.94 11.66 -8.20
N PRO B 512 71.91 11.51 -7.29
CA PRO B 512 72.53 12.69 -6.69
C PRO B 512 73.17 13.58 -7.75
N ARG B 513 73.03 14.88 -7.56
CA ARG B 513 73.56 15.84 -8.53
C ARG B 513 75.07 15.78 -8.56
N GLY B 514 75.65 15.72 -9.76
CA GLY B 514 77.08 15.62 -9.93
C GLY B 514 77.65 14.23 -9.77
N VAL B 515 76.81 13.24 -9.48
CA VAL B 515 77.24 11.85 -9.31
C VAL B 515 76.32 10.96 -10.11
N VAL B 516 76.85 9.80 -10.52
CA VAL B 516 76.15 8.88 -11.41
C VAL B 516 75.91 7.57 -10.66
N ARG B 517 74.64 7.13 -10.62
CA ARG B 517 74.27 5.82 -10.14
C ARG B 517 74.80 5.57 -8.73
N ARG B 518 74.67 6.56 -7.86
CA ARG B 518 75.10 6.42 -6.48
C ARG B 518 73.95 5.86 -5.63
N CYS B 519 74.30 4.92 -4.76
CA CYS B 519 73.30 4.31 -3.89
C CYS B 519 72.73 5.34 -2.92
N LEU B 520 71.42 5.32 -2.74
CA LEU B 520 70.77 6.28 -1.84
C LEU B 520 71.01 5.88 -0.39
N ASN B 521 71.11 6.88 0.48
CA ASN B 521 71.29 6.64 1.90
C ASN B 521 69.93 6.40 2.56
N LEU B 522 69.99 5.99 3.84
CA LEU B 522 68.78 5.59 4.54
C LEU B 522 67.78 6.74 4.64
N GLU B 523 68.25 7.94 5.02
CA GLU B 523 67.34 9.07 5.16
C GLU B 523 66.70 9.44 3.83
N GLU B 524 67.47 9.34 2.74
CA GLU B 524 66.90 9.62 1.43
C GLU B 524 65.76 8.66 1.11
N ARG B 525 65.94 7.38 1.42
CA ARG B 525 64.89 6.40 1.18
C ARG B 525 63.67 6.68 2.04
N VAL B 526 63.89 7.06 3.31
CA VAL B 526 62.76 7.35 4.20
C VAL B 526 61.96 8.54 3.67
N VAL B 527 62.66 9.61 3.28
CA VAL B 527 61.96 10.79 2.78
C VAL B 527 61.27 10.49 1.45
N LEU B 528 61.88 9.64 0.61
CA LEU B 528 61.23 9.26 -0.64
C LEU B 528 59.94 8.48 -0.36
N LYS B 529 59.98 7.56 0.61
CA LYS B 529 58.76 6.85 0.97
C LYS B 529 57.69 7.80 1.48
N ARG B 530 58.07 8.77 2.31
CA ARG B 530 57.09 9.74 2.79
C ARG B 530 56.51 10.57 1.65
N PHE B 531 57.36 11.00 0.72
CA PHE B 531 56.88 11.76 -0.43
C PHE B 531 55.89 10.94 -1.26
N CYS B 532 56.22 9.67 -1.50
CA CYS B 532 55.34 8.82 -2.30
C CYS B 532 54.02 8.58 -1.57
N ARG B 533 54.06 8.43 -0.24
CA ARG B 533 52.81 8.29 0.50
C ARG B 533 51.97 9.54 0.40
N MET B 534 52.59 10.72 0.49
CA MET B 534 51.84 11.95 0.32
C MET B 534 51.21 12.00 -1.07
N ALA B 535 51.95 11.53 -2.08
CA ALA B 535 51.40 11.51 -3.43
C ALA B 535 50.17 10.60 -3.52
N VAL B 536 50.24 9.41 -2.91
CA VAL B 536 49.09 8.51 -2.99
C VAL B 536 47.92 9.08 -2.20
N GLU B 537 48.19 9.76 -1.08
CA GLU B 537 47.09 10.40 -0.34
C GLU B 537 46.43 11.49 -1.19
N GLY B 538 47.24 12.29 -1.89
CA GLY B 538 46.67 13.28 -2.78
C GLY B 538 45.84 12.66 -3.88
N VAL B 539 46.29 11.52 -4.41
CA VAL B 539 45.53 10.82 -5.44
C VAL B 539 44.20 10.33 -4.88
N TRP B 540 44.24 9.65 -3.74
CA TRP B 540 43.02 9.10 -3.16
C TRP B 540 42.02 10.20 -2.82
N ASN B 541 42.50 11.30 -2.23
CA ASN B 541 41.64 12.40 -1.82
C ASN B 541 41.32 13.37 -2.94
N ARG B 542 41.88 13.17 -4.13
CA ARG B 542 41.52 13.95 -5.31
C ARG B 542 41.80 15.43 -5.11
N LYS B 543 42.94 15.74 -4.48
CA LYS B 543 43.41 17.11 -4.33
C LYS B 543 44.85 17.18 -4.79
N SER B 544 45.14 18.13 -5.68
CA SER B 544 46.47 18.28 -6.25
C SER B 544 47.21 19.51 -5.72
N VAL B 545 46.70 20.16 -4.68
CA VAL B 545 47.32 21.34 -4.09
C VAL B 545 47.74 21.00 -2.67
N PHE B 546 49.02 21.16 -2.37
CA PHE B 546 49.57 20.86 -1.05
C PHE B 546 49.88 22.15 -0.32
N ASP B 547 49.48 22.23 0.95
CA ASP B 547 49.78 23.36 1.80
C ASP B 547 50.98 23.04 2.69
N GLY B 548 51.53 24.10 3.29
CA GLY B 548 52.74 23.95 4.09
C GLY B 548 52.51 23.14 5.36
N ASP B 549 51.36 23.34 6.01
CA ASP B 549 51.11 22.67 7.29
C ASP B 549 51.04 21.15 7.10
N ASP B 550 50.40 20.70 6.01
CA ASP B 550 50.36 19.26 5.74
C ASP B 550 51.77 18.71 5.49
N LEU B 551 52.59 19.48 4.77
CA LEU B 551 53.97 19.08 4.57
C LEU B 551 54.72 18.95 5.89
N MET B 552 54.49 19.89 6.81
CA MET B 552 55.08 19.78 8.13
C MET B 552 54.59 18.53 8.85
N VAL B 553 53.29 18.24 8.72
CA VAL B 553 52.74 17.04 9.35
C VAL B 553 53.43 15.79 8.84
N GLN B 554 53.67 15.72 7.53
CA GLN B 554 54.39 14.57 6.99
C GLN B 554 55.79 14.47 7.55
N GLY B 555 56.50 15.60 7.62
CA GLY B 555 57.81 15.65 8.24
C GLY B 555 58.99 15.71 7.28
N LEU B 556 58.75 15.86 5.98
CA LEU B 556 59.85 15.93 5.03
C LEU B 556 60.34 17.37 4.87
N GLY B 557 61.62 17.50 4.52
CA GLY B 557 62.20 18.82 4.37
C GLY B 557 61.86 19.46 3.04
N GLU B 558 61.89 20.80 3.03
CA GLU B 558 61.52 21.54 1.82
C GLU B 558 62.59 21.43 0.75
N SER B 559 63.87 21.60 1.12
CA SER B 559 64.93 21.54 0.12
C SER B 559 65.03 20.15 -0.50
N GLU B 560 64.94 19.10 0.33
CA GLU B 560 64.98 17.75 -0.19
C GLU B 560 63.80 17.48 -1.10
N LEU B 561 62.61 17.96 -0.73
CA LEU B 561 61.45 17.79 -1.58
C LEU B 561 61.66 18.47 -2.93
N ARG B 562 62.15 19.71 -2.91
CA ARG B 562 62.40 20.42 -4.16
C ARG B 562 63.44 19.70 -4.99
N ALA B 563 64.41 19.05 -4.35
CA ALA B 563 65.38 18.25 -5.08
C ALA B 563 64.73 17.02 -5.70
N LEU B 564 63.74 16.44 -5.03
CA LEU B 564 63.11 15.23 -5.53
C LEU B 564 62.20 15.50 -6.73
N PHE B 565 61.48 16.62 -6.73
CA PHE B 565 60.52 16.94 -7.78
C PHE B 565 60.97 18.17 -8.55
N HIS B 566 60.69 18.17 -9.86
CA HIS B 566 61.00 19.29 -10.74
C HIS B 566 59.76 20.12 -11.07
N MET B 567 58.70 19.48 -11.52
CA MET B 567 57.43 20.17 -11.79
C MET B 567 56.33 19.63 -10.90
N HIS B 584 52.88 18.20 -11.58
CA HIS B 584 51.91 17.77 -12.58
C HIS B 584 51.21 16.49 -12.11
N LEU B 585 49.93 16.34 -12.49
CA LEU B 585 49.17 15.18 -12.05
C LEU B 585 49.74 13.89 -12.58
N SER B 586 50.33 13.90 -13.79
CA SER B 586 50.93 12.69 -14.33
C SER B 586 52.08 12.22 -13.45
N LEU B 587 52.95 13.13 -13.02
CA LEU B 587 54.02 12.77 -12.11
C LEU B 587 53.48 12.30 -10.77
N GLN B 588 52.39 12.89 -10.31
CA GLN B 588 51.78 12.43 -9.06
C GLN B 588 51.31 10.99 -9.17
N ASP B 589 50.66 10.65 -10.29
CA ASP B 589 50.19 9.28 -10.50
C ASP B 589 51.36 8.32 -10.61
N PHE B 590 52.42 8.73 -11.31
CA PHE B 590 53.60 7.87 -11.40
C PHE B 590 54.22 7.65 -10.02
N CYS B 591 54.27 8.71 -9.20
CA CYS B 591 54.80 8.55 -7.85
C CYS B 591 53.93 7.64 -7.01
N ALA B 592 52.61 7.69 -7.21
CA ALA B 592 51.73 6.76 -6.50
C ALA B 592 51.99 5.32 -6.91
N ALA B 593 52.15 5.08 -8.21
CA ALA B 593 52.51 3.74 -8.66
C ALA B 593 53.84 3.30 -8.06
N LEU B 594 54.80 4.22 -7.99
CA LEU B 594 56.10 3.91 -7.38
C LEU B 594 55.94 3.58 -5.90
N TYR B 595 55.06 4.29 -5.20
CA TYR B 595 54.73 3.90 -3.82
C TYR B 595 54.30 2.45 -3.79
N TYR B 596 53.32 2.10 -4.63
CA TYR B 596 52.82 0.74 -4.62
C TYR B 596 53.93 -0.26 -4.96
N VAL B 597 54.95 0.18 -5.70
CA VAL B 597 56.09 -0.69 -5.96
C VAL B 597 56.86 -0.97 -4.68
N LEU B 598 57.18 0.07 -3.92
CA LEU B 598 58.02 -0.06 -2.74
C LEU B 598 57.26 -0.68 -1.57
N LYS B 614 44.05 5.35 8.85
CA LYS B 614 42.79 6.02 8.56
C LYS B 614 41.61 5.09 8.78
N THR B 615 40.40 5.57 8.48
CA THR B 615 39.20 4.81 8.75
C THR B 615 39.17 3.52 7.94
N LYS B 616 38.44 2.54 8.47
CA LYS B 616 38.26 1.28 7.74
C LYS B 616 37.58 1.52 6.39
N ARG B 617 36.51 2.32 6.39
CA ARG B 617 35.77 2.64 5.17
C ARG B 617 35.71 4.16 5.05
N SER B 618 35.95 4.67 3.85
CA SER B 618 35.98 6.11 3.62
C SER B 618 35.36 6.42 2.26
N MET B 619 34.86 7.65 2.13
CA MET B 619 34.31 8.11 0.86
C MET B 619 35.41 8.25 -0.19
N GLU B 620 36.63 8.57 0.24
CA GLU B 620 37.74 8.67 -0.71
C GLU B 620 37.94 7.37 -1.47
N LEU B 621 37.60 6.24 -0.84
CA LEU B 621 37.73 4.96 -1.51
C LEU B 621 36.88 4.92 -2.78
N LYS B 622 35.60 5.26 -2.65
CA LYS B 622 34.71 5.21 -3.82
C LYS B 622 34.99 6.37 -4.78
N GLN B 623 35.40 7.53 -4.26
CA GLN B 623 35.70 8.65 -5.15
C GLN B 623 36.88 8.33 -6.05
N ALA B 624 37.98 7.83 -5.47
CA ALA B 624 39.14 7.47 -6.28
C ALA B 624 38.90 6.20 -7.08
N GLY B 625 37.90 5.39 -6.71
CA GLY B 625 37.55 4.22 -7.48
C GLY B 625 36.77 4.51 -8.74
N PHE B 626 36.40 5.76 -8.96
CA PHE B 626 35.71 6.16 -10.18
C PHE B 626 36.56 5.93 -11.43
N HIS B 627 37.88 5.81 -11.27
CA HIS B 627 38.80 5.36 -12.31
C HIS B 627 38.75 6.22 -13.57
N ILE B 628 38.52 7.52 -13.42
CA ILE B 628 38.72 8.42 -14.55
C ILE B 628 40.15 8.98 -14.53
N HIS B 629 40.65 9.32 -13.35
CA HIS B 629 42.04 9.73 -13.17
C HIS B 629 42.91 8.62 -12.59
N SER B 630 42.29 7.65 -11.90
CA SER B 630 43.03 6.51 -11.38
C SER B 630 43.48 5.57 -12.49
N LEU B 631 42.92 5.71 -13.69
CA LEU B 631 43.31 4.85 -14.81
C LEU B 631 44.81 4.98 -15.09
N TRP B 632 45.34 6.20 -15.03
CA TRP B 632 46.76 6.40 -15.30
C TRP B 632 47.62 5.72 -14.25
N MET B 633 47.21 5.81 -12.98
CA MET B 633 48.00 5.16 -11.93
C MET B 633 47.96 3.65 -12.13
N LYS B 634 46.80 3.10 -12.50
CA LYS B 634 46.72 1.67 -12.79
C LYS B 634 47.65 1.29 -13.94
N ARG B 635 47.64 2.10 -15.00
CA ARG B 635 48.48 1.82 -16.16
C ARG B 635 49.96 1.81 -15.77
N PHE B 636 50.38 2.80 -15.00
CA PHE B 636 51.78 2.87 -14.59
C PHE B 636 52.12 1.72 -13.64
N LEU B 637 51.20 1.34 -12.77
CA LEU B 637 51.43 0.19 -11.90
C LEU B 637 51.63 -1.08 -12.72
N PHE B 638 50.83 -1.27 -13.77
CA PHE B 638 51.04 -2.40 -14.65
C PHE B 638 52.38 -2.32 -15.35
N GLY B 639 52.76 -1.12 -15.81
CA GLY B 639 53.99 -0.95 -16.56
C GLY B 639 55.25 -0.99 -15.72
N LEU B 640 55.13 -1.01 -14.39
CA LEU B 640 56.30 -1.01 -13.52
C LEU B 640 56.80 -2.41 -13.19
N VAL B 641 56.08 -3.46 -13.59
CA VAL B 641 56.56 -4.83 -13.34
C VAL B 641 57.49 -5.33 -14.43
N SER B 642 57.68 -4.56 -15.49
CA SER B 642 58.60 -4.96 -16.55
C SER B 642 60.03 -4.94 -16.04
N GLU B 643 60.85 -5.87 -16.55
CA GLU B 643 62.23 -5.95 -16.10
C GLU B 643 63.09 -4.82 -16.64
N ASP B 644 62.81 -4.35 -17.85
CA ASP B 644 63.63 -3.30 -18.46
C ASP B 644 63.56 -2.02 -17.64
N VAL B 645 62.38 -1.69 -17.10
CA VAL B 645 62.27 -0.55 -16.19
C VAL B 645 62.51 -0.96 -14.74
N ARG B 646 62.71 -2.25 -14.47
CA ARG B 646 63.04 -2.70 -13.13
C ARG B 646 64.53 -2.55 -12.85
N ARG B 647 65.37 -2.91 -13.81
CA ARG B 647 66.81 -2.86 -13.55
C ARG B 647 67.30 -1.45 -13.19
N PRO B 648 66.85 -0.36 -13.82
CA PRO B 648 67.30 0.96 -13.35
C PRO B 648 66.91 1.20 -11.90
N LEU B 649 65.73 0.77 -11.49
CA LEU B 649 65.33 0.91 -10.10
C LEU B 649 66.23 0.08 -9.18
N GLU B 650 66.56 -1.14 -9.60
CA GLU B 650 67.42 -1.99 -8.79
C GLU B 650 68.78 -1.36 -8.59
N VAL B 651 69.38 -0.84 -9.67
CA VAL B 651 70.70 -0.23 -9.54
C VAL B 651 70.62 1.06 -8.75
N LEU B 652 69.57 1.86 -8.93
CA LEU B 652 69.45 3.12 -8.21
C LEU B 652 69.31 2.90 -6.71
N LEU B 653 68.38 2.04 -6.30
CA LEU B 653 68.18 1.81 -4.88
C LEU B 653 69.30 0.95 -4.28
N GLY B 654 69.81 0.00 -5.04
CA GLY B 654 70.85 -0.88 -4.55
C GLY B 654 70.36 -2.03 -3.71
N CYS B 655 69.04 -2.26 -3.64
CA CYS B 655 68.47 -3.35 -2.88
C CYS B 655 67.46 -4.11 -3.73
N PRO B 656 67.31 -5.42 -3.50
CA PRO B 656 66.26 -6.16 -4.22
C PRO B 656 64.90 -5.96 -3.58
N VAL B 657 63.90 -5.76 -4.43
CA VAL B 657 62.56 -5.39 -3.99
C VAL B 657 61.63 -6.58 -4.24
N PRO B 658 61.13 -7.25 -3.20
CA PRO B 658 60.03 -8.20 -3.39
C PRO B 658 58.68 -7.52 -3.32
N LEU B 659 57.80 -7.90 -4.25
CA LEU B 659 56.48 -7.30 -4.34
C LEU B 659 55.44 -8.37 -4.59
N GLY B 660 54.25 -8.19 -4.01
CA GLY B 660 53.14 -9.11 -4.20
C GLY B 660 52.07 -8.56 -5.12
N VAL B 661 52.22 -7.30 -5.55
CA VAL B 661 51.23 -6.70 -6.42
C VAL B 661 51.15 -7.43 -7.75
N LYS B 662 52.27 -8.01 -8.19
CA LYS B 662 52.25 -8.81 -9.43
C LYS B 662 51.24 -9.95 -9.31
N GLN B 663 51.25 -10.65 -8.18
CA GLN B 663 50.28 -11.71 -7.97
C GLN B 663 48.85 -11.18 -8.01
N LYS B 664 48.62 -10.00 -7.42
CA LYS B 664 47.28 -9.44 -7.41
C LYS B 664 46.81 -9.11 -8.82
N LEU B 665 47.67 -8.50 -9.63
CA LEU B 665 47.29 -8.19 -11.01
C LEU B 665 47.04 -9.46 -11.81
N LEU B 666 47.89 -10.47 -11.62
CA LEU B 666 47.71 -11.75 -12.29
C LEU B 666 46.35 -12.35 -11.93
N HIS B 667 46.02 -12.34 -10.63
CA HIS B 667 44.74 -12.87 -10.18
C HIS B 667 43.58 -12.07 -10.75
N TRP B 668 43.73 -10.75 -10.85
CA TRP B 668 42.68 -9.92 -11.42
C TRP B 668 42.39 -10.32 -12.87
N VAL B 669 43.44 -10.42 -13.68
CA VAL B 669 43.23 -10.78 -15.09
C VAL B 669 42.67 -12.19 -15.20
N SER B 670 43.19 -13.13 -14.40
CA SER B 670 42.67 -14.49 -14.44
C SER B 670 41.20 -14.51 -14.05
N LEU B 671 40.82 -13.72 -13.05
CA LEU B 671 39.42 -13.64 -12.63
C LEU B 671 38.55 -13.13 -13.77
N LEU B 672 39.05 -12.15 -14.52
CA LEU B 672 38.33 -11.77 -15.75
C LEU B 672 38.18 -12.98 -16.66
N GLY B 673 39.23 -13.79 -16.79
CA GLY B 673 39.16 -14.93 -17.68
C GLY B 673 38.17 -15.97 -17.23
N GLN B 674 38.11 -16.25 -15.92
CA GLN B 674 37.31 -17.35 -15.40
C GLN B 674 35.81 -17.10 -15.44
N GLN B 675 35.35 -16.01 -16.04
CA GLN B 675 33.92 -15.79 -16.16
C GLN B 675 33.32 -16.82 -17.12
N PRO B 676 32.07 -17.23 -16.91
CA PRO B 676 31.51 -18.26 -17.79
C PRO B 676 31.16 -17.73 -19.17
N ASN B 677 30.73 -16.47 -19.27
CA ASN B 677 30.37 -15.89 -20.55
C ASN B 677 31.62 -15.50 -21.34
N ALA B 678 31.44 -15.32 -22.64
CA ALA B 678 32.53 -14.85 -23.47
C ALA B 678 32.98 -13.47 -23.02
N THR B 679 34.29 -13.24 -23.04
CA THR B 679 34.85 -12.01 -22.51
C THR B 679 34.22 -10.80 -23.20
N THR B 680 33.80 -9.82 -22.40
CA THR B 680 33.14 -8.65 -22.94
C THR B 680 34.13 -7.86 -23.81
N PRO B 681 33.66 -7.21 -24.88
CA PRO B 681 34.61 -6.49 -25.75
C PRO B 681 35.47 -5.46 -25.03
N GLY B 682 34.86 -4.48 -24.38
CA GLY B 682 35.64 -3.41 -23.77
C GLY B 682 36.58 -3.91 -22.69
N ASP B 683 36.11 -4.85 -21.86
CA ASP B 683 36.97 -5.43 -20.84
C ASP B 683 38.18 -6.11 -21.48
N THR B 684 37.95 -6.84 -22.57
CA THR B 684 39.05 -7.50 -23.27
C THR B 684 40.04 -6.48 -23.81
N LEU B 685 39.54 -5.39 -24.40
CA LEU B 685 40.44 -4.39 -24.96
C LEU B 685 41.28 -3.73 -23.86
N ASP B 686 40.66 -3.40 -22.73
CA ASP B 686 41.42 -2.79 -21.63
C ASP B 686 42.45 -3.77 -21.05
N ALA B 687 42.06 -5.03 -20.87
CA ALA B 687 43.01 -6.01 -20.37
C ALA B 687 44.18 -6.18 -21.33
N PHE B 688 43.90 -6.20 -22.64
CA PHE B 688 44.98 -6.32 -23.61
C PHE B 688 45.89 -5.10 -23.56
N HIS B 689 45.31 -3.91 -23.39
CA HIS B 689 46.16 -2.72 -23.26
C HIS B 689 47.09 -2.84 -22.06
N CYS B 690 46.55 -3.27 -20.91
CA CYS B 690 47.38 -3.42 -19.72
C CYS B 690 48.49 -4.43 -19.94
N LEU B 691 48.15 -5.60 -20.50
CA LEU B 691 49.16 -6.63 -20.70
C LEU B 691 50.19 -6.22 -21.73
N PHE B 692 49.79 -5.45 -22.75
CA PHE B 692 50.74 -4.91 -23.71
C PHE B 692 51.69 -3.93 -23.03
N GLU B 693 51.17 -3.15 -22.08
CA GLU B 693 52.03 -2.29 -21.27
C GLU B 693 53.02 -3.13 -20.48
N THR B 694 52.59 -4.27 -19.94
CA THR B 694 53.44 -5.07 -19.07
C THR B 694 54.72 -5.51 -19.79
N GLN B 695 54.57 -6.11 -20.98
CA GLN B 695 55.71 -6.56 -21.78
C GLN B 695 56.48 -7.69 -21.13
N ASP B 696 55.79 -8.67 -20.54
CA ASP B 696 56.42 -9.83 -19.93
C ASP B 696 55.76 -11.08 -20.50
N LYS B 697 56.54 -11.92 -21.18
CA LYS B 697 55.99 -13.08 -21.86
C LYS B 697 55.40 -14.08 -20.86
N GLU B 698 56.19 -14.44 -19.85
CA GLU B 698 55.71 -15.43 -18.88
C GLU B 698 54.48 -14.91 -18.13
N PHE B 699 54.51 -13.64 -17.73
CA PHE B 699 53.36 -13.05 -17.04
C PHE B 699 52.13 -13.05 -17.94
N VAL B 700 52.29 -12.68 -19.20
CA VAL B 700 51.14 -12.66 -20.12
C VAL B 700 50.60 -14.07 -20.32
N ARG B 701 51.48 -15.05 -20.52
CA ARG B 701 51.04 -16.42 -20.73
C ARG B 701 50.27 -16.92 -19.52
N LEU B 702 50.79 -16.67 -18.32
CA LEU B 702 50.08 -17.09 -17.11
C LEU B 702 48.76 -16.33 -16.96
N ALA B 703 48.71 -15.09 -17.45
CA ALA B 703 47.50 -14.29 -17.32
C ALA B 703 46.41 -14.75 -18.28
N LEU B 704 46.78 -15.03 -19.54
CA LEU B 704 45.82 -15.42 -20.56
C LEU B 704 45.60 -16.92 -20.62
N ASN B 705 46.21 -17.69 -19.73
CA ASN B 705 46.01 -19.13 -19.73
C ASN B 705 44.55 -19.51 -19.51
N SER B 706 43.74 -18.59 -18.98
CA SER B 706 42.41 -18.95 -18.51
C SER B 706 41.43 -19.07 -19.66
N PHE B 707 41.14 -17.96 -20.35
CA PHE B 707 40.00 -17.92 -21.27
C PHE B 707 40.42 -18.35 -22.68
N GLN B 708 39.46 -18.97 -23.37
CA GLN B 708 39.70 -19.66 -24.63
C GLN B 708 39.22 -18.93 -25.85
N GLU B 709 38.14 -18.15 -25.74
CA GLU B 709 37.60 -17.41 -26.87
C GLU B 709 37.37 -15.96 -26.48
N VAL B 710 37.63 -15.05 -27.41
CA VAL B 710 37.64 -13.63 -27.13
C VAL B 710 36.80 -12.89 -28.16
N TRP B 711 36.40 -11.67 -27.80
CA TRP B 711 35.62 -10.78 -28.64
C TRP B 711 36.30 -9.43 -28.60
N LEU B 712 36.89 -9.01 -29.72
CA LEU B 712 37.92 -7.97 -29.72
C LEU B 712 37.60 -6.89 -30.75
N PRO B 713 36.78 -5.90 -30.40
CA PRO B 713 36.60 -4.74 -31.28
C PRO B 713 37.87 -3.93 -31.40
N ILE B 714 38.04 -3.31 -32.56
CA ILE B 714 39.24 -2.51 -32.85
C ILE B 714 38.80 -1.21 -33.50
N ASN B 715 39.28 -0.09 -32.95
CA ASN B 715 38.91 1.23 -33.43
C ASN B 715 40.10 2.09 -33.84
N GLN B 716 41.28 1.91 -33.25
CA GLN B 716 42.43 2.77 -33.50
C GLN B 716 43.65 1.91 -33.79
N ASN B 717 44.73 2.58 -34.21
CA ASN B 717 45.98 1.88 -34.49
C ASN B 717 46.60 1.29 -33.24
N LEU B 718 46.56 2.03 -32.13
CA LEU B 718 47.07 1.48 -30.88
C LEU B 718 46.38 0.18 -30.54
N ASP B 719 45.10 0.07 -30.88
CA ASP B 719 44.38 -1.19 -30.69
C ASP B 719 45.04 -2.30 -31.48
N LEU B 720 45.39 -2.04 -32.74
CA LEU B 720 46.04 -3.05 -33.55
C LEU B 720 47.37 -3.47 -32.93
N ILE B 721 48.16 -2.49 -32.48
CA ILE B 721 49.47 -2.83 -31.92
C ILE B 721 49.31 -3.70 -30.67
N ALA B 722 48.44 -3.27 -29.75
CA ALA B 722 48.26 -4.00 -28.51
C ALA B 722 47.72 -5.40 -28.76
N SER B 723 46.72 -5.53 -29.61
CA SER B 723 46.17 -6.84 -29.92
C SER B 723 47.22 -7.73 -30.59
N SER B 724 48.00 -7.16 -31.52
CA SER B 724 49.00 -7.94 -32.21
C SER B 724 50.03 -8.50 -31.24
N PHE B 725 50.46 -7.68 -30.28
CA PHE B 725 51.42 -8.20 -29.31
C PHE B 725 50.78 -9.23 -28.38
N CYS B 726 49.59 -8.92 -27.86
CA CYS B 726 49.02 -9.74 -26.79
C CYS B 726 48.48 -11.08 -27.27
N LEU B 727 48.02 -11.17 -28.52
CA LEU B 727 47.38 -12.39 -28.98
C LEU B 727 48.37 -13.45 -29.46
N GLN B 728 49.66 -13.13 -29.53
CA GLN B 728 50.65 -14.15 -29.78
C GLN B 728 50.83 -15.07 -28.58
N HIS B 729 50.62 -14.56 -27.37
CA HIS B 729 50.94 -15.30 -26.16
C HIS B 729 49.70 -15.94 -25.53
N CYS B 730 48.58 -15.98 -26.24
CA CYS B 730 47.41 -16.69 -25.76
C CYS B 730 47.55 -18.15 -26.14
N PRO B 731 47.97 -19.04 -25.24
CA PRO B 731 48.31 -20.40 -25.66
C PRO B 731 47.12 -21.23 -26.13
N TYR B 732 45.95 -21.02 -25.50
CA TYR B 732 44.77 -21.84 -25.73
C TYR B 732 43.65 -21.03 -26.37
N LEU B 733 43.97 -20.19 -27.34
CA LEU B 733 42.94 -19.49 -28.08
C LEU B 733 42.33 -20.41 -29.13
N ARG B 734 41.02 -20.60 -29.06
CA ARG B 734 40.32 -21.50 -29.98
C ARG B 734 39.35 -20.80 -30.90
N LYS B 735 38.64 -19.77 -30.44
CA LYS B 735 37.74 -19.00 -31.27
C LYS B 735 38.00 -17.53 -31.06
N ILE B 736 37.57 -16.71 -32.02
CA ILE B 736 37.77 -15.27 -31.94
C ILE B 736 36.89 -14.61 -32.97
N ARG B 737 36.44 -13.38 -32.66
CA ARG B 737 35.83 -12.50 -33.64
C ARG B 737 36.43 -11.11 -33.49
N VAL B 738 36.40 -10.34 -34.57
CA VAL B 738 36.99 -9.01 -34.60
C VAL B 738 36.06 -8.06 -35.32
N ASP B 739 35.82 -6.90 -34.72
CA ASP B 739 35.02 -5.84 -35.32
C ASP B 739 35.95 -4.72 -35.73
N VAL B 740 36.11 -4.53 -37.04
CA VAL B 740 37.10 -3.60 -37.59
C VAL B 740 36.34 -2.54 -38.37
N LYS B 741 36.42 -1.30 -37.92
CA LYS B 741 35.74 -0.20 -38.60
C LYS B 741 36.53 1.09 -38.40
N GLY B 742 36.62 1.89 -39.47
CA GLY B 742 37.19 3.21 -39.39
C GLY B 742 38.70 3.27 -39.35
N ILE B 743 39.39 2.12 -39.32
CA ILE B 743 40.84 2.14 -39.18
C ILE B 743 41.51 2.37 -40.53
N PHE B 744 40.92 1.84 -41.60
CA PHE B 744 41.67 1.63 -42.83
C PHE B 744 41.99 2.95 -43.50
N PRO B 745 43.12 3.06 -44.19
CA PRO B 745 43.51 4.34 -44.78
C PRO B 745 42.49 4.81 -45.80
N ARG B 746 42.32 6.13 -45.89
CA ARG B 746 41.43 6.70 -46.88
C ARG B 746 41.86 6.28 -48.27
N ASP B 747 40.88 6.01 -49.13
CA ASP B 747 41.18 5.52 -50.47
C ASP B 747 42.16 6.45 -51.16
N GLU B 748 43.18 5.86 -51.79
CA GLU B 748 44.26 6.64 -52.37
C GLU B 748 43.73 7.60 -53.43
N SER B 749 42.66 7.24 -54.12
CA SER B 749 42.04 8.07 -55.12
C SER B 749 40.71 8.59 -54.59
N ALA B 750 40.42 9.86 -54.88
CA ALA B 750 39.16 10.53 -54.59
C ALA B 750 38.99 10.90 -53.12
N GLU B 751 39.90 10.51 -52.24
CA GLU B 751 39.81 10.92 -50.83
C GLU B 751 41.17 11.26 -50.27
N ALA B 752 41.97 12.00 -51.04
CA ALA B 752 43.27 12.44 -50.55
C ALA B 752 43.10 13.41 -49.39
N CYS B 753 44.01 13.34 -48.43
CA CYS B 753 43.98 14.18 -47.24
C CYS B 753 45.24 15.03 -47.21
N PRO B 754 45.15 16.37 -47.21
CA PRO B 754 46.38 17.17 -47.22
C PRO B 754 47.33 16.86 -46.08
N VAL B 755 46.80 16.62 -44.88
CA VAL B 755 47.68 16.31 -43.75
C VAL B 755 48.28 14.92 -43.90
N VAL B 756 47.49 13.96 -44.38
CA VAL B 756 47.97 12.60 -44.57
C VAL B 756 48.90 12.54 -45.77
N LEU B 758 52.05 11.38 -49.25
CA LEU B 758 51.66 10.16 -49.94
C LEU B 758 51.88 8.95 -49.05
N TRP B 759 52.87 9.04 -48.15
CA TRP B 759 53.13 7.94 -47.24
C TRP B 759 51.92 7.66 -46.35
N MET B 760 51.28 8.70 -45.83
CA MET B 760 50.08 8.51 -45.02
C MET B 760 48.90 8.03 -45.86
N ARG B 761 48.82 8.47 -47.12
CA ARG B 761 47.71 8.06 -47.98
C ARG B 761 47.86 6.61 -48.44
N ASP B 762 49.08 6.20 -48.80
CA ASP B 762 49.36 4.85 -49.25
C ASP B 762 50.65 4.37 -48.61
N LYS B 763 50.74 3.04 -48.43
CA LYS B 763 51.87 2.43 -47.75
C LYS B 763 52.05 3.02 -46.35
N THR B 764 50.94 3.31 -45.69
CA THR B 764 50.96 3.93 -44.38
C THR B 764 51.33 2.90 -43.31
N LEU B 765 51.77 3.41 -42.16
CA LEU B 765 52.08 2.55 -41.03
C LEU B 765 50.89 1.70 -40.63
N ILE B 766 49.67 2.23 -40.77
CA ILE B 766 48.48 1.45 -40.43
C ILE B 766 48.40 0.21 -41.31
N GLU B 767 48.76 0.35 -42.58
CA GLU B 767 48.76 -0.81 -43.47
C GLU B 767 49.77 -1.85 -43.01
N GLU B 768 50.97 -1.40 -42.63
CA GLU B 768 51.99 -2.35 -42.16
C GLU B 768 51.54 -3.06 -40.91
N GLN B 769 50.88 -2.36 -39.99
CA GLN B 769 50.49 -2.98 -38.74
C GLN B 769 49.25 -3.85 -38.89
N TRP B 770 48.35 -3.51 -39.82
CA TRP B 770 47.30 -4.45 -40.19
C TRP B 770 47.89 -5.71 -40.80
N GLU B 771 48.94 -5.57 -41.61
CA GLU B 771 49.64 -6.73 -42.14
C GLU B 771 50.23 -7.57 -41.02
N ASP B 772 50.81 -6.93 -40.00
CA ASP B 772 51.35 -7.67 -38.87
C ASP B 772 50.25 -8.41 -38.12
N PHE B 773 49.11 -7.75 -37.90
CA PHE B 773 47.98 -8.40 -37.24
C PHE B 773 47.50 -9.61 -38.03
N CYS B 774 47.38 -9.46 -39.35
CA CYS B 774 46.95 -10.58 -40.18
C CYS B 774 47.98 -11.70 -40.16
N SER B 775 49.27 -11.36 -40.15
CA SER B 775 50.30 -12.39 -40.09
C SER B 775 50.19 -13.19 -38.81
N MET B 776 50.00 -12.51 -37.68
CA MET B 776 49.90 -13.24 -36.42
C MET B 776 48.61 -14.05 -36.34
N LEU B 777 47.52 -13.55 -36.93
CA LEU B 777 46.30 -14.34 -37.02
C LEU B 777 46.53 -15.61 -37.83
N GLY B 778 47.26 -15.49 -38.94
CA GLY B 778 47.51 -16.66 -39.77
C GLY B 778 48.42 -17.68 -39.10
N THR B 779 49.45 -17.20 -38.40
CA THR B 779 50.45 -18.12 -37.87
C THR B 779 50.02 -18.81 -36.58
N HIS B 780 48.91 -18.40 -35.96
CA HIS B 780 48.56 -18.95 -34.66
C HIS B 780 48.26 -20.44 -34.79
N PRO B 781 48.91 -21.30 -34.00
CA PRO B 781 48.74 -22.74 -34.19
C PRO B 781 47.42 -23.27 -33.67
N HIS B 782 46.95 -22.76 -32.53
CA HIS B 782 45.86 -23.36 -31.79
C HIS B 782 44.51 -22.73 -32.11
N LEU B 783 44.45 -21.77 -33.02
CA LEU B 783 43.18 -21.15 -33.40
C LEU B 783 42.47 -22.02 -34.43
N ARG B 784 41.14 -22.13 -34.30
CA ARG B 784 40.34 -22.98 -35.18
C ARG B 784 39.23 -22.25 -35.89
N GLN B 785 38.55 -21.31 -35.26
CA GLN B 785 37.47 -20.56 -35.88
C GLN B 785 37.81 -19.08 -35.92
N LEU B 786 37.45 -18.43 -37.01
CA LEU B 786 37.66 -17.00 -37.19
C LEU B 786 36.34 -16.39 -37.62
N ASP B 787 35.95 -15.31 -36.96
CA ASP B 787 34.67 -14.66 -37.22
C ASP B 787 34.88 -13.17 -37.39
N LEU B 788 33.99 -12.54 -38.15
CA LEU B 788 34.01 -11.09 -38.37
C LEU B 788 32.64 -10.55 -37.98
N GLY B 789 32.53 -10.04 -36.75
CA GLY B 789 31.24 -9.57 -36.28
C GLY B 789 30.62 -8.56 -37.22
N SER B 790 31.24 -7.39 -37.34
CA SER B 790 30.71 -6.36 -38.24
C SER B 790 31.87 -5.48 -38.66
N SER B 791 32.33 -5.67 -39.90
CA SER B 791 33.52 -4.99 -40.36
C SER B 791 33.27 -4.40 -41.75
N ILE B 792 33.93 -3.28 -42.02
CA ILE B 792 33.92 -2.66 -43.34
C ILE B 792 35.33 -2.85 -43.89
N LEU B 793 35.50 -3.81 -44.79
CA LEU B 793 36.81 -4.18 -45.30
C LEU B 793 37.04 -3.55 -46.66
N THR B 794 38.13 -2.80 -46.78
CA THR B 794 38.58 -2.32 -48.07
C THR B 794 39.18 -3.47 -48.86
N GLU B 795 39.10 -3.38 -50.19
CA GLU B 795 39.62 -4.46 -51.03
C GLU B 795 41.08 -4.76 -50.72
N ARG B 796 41.87 -3.75 -50.32
CA ARG B 796 43.25 -3.99 -49.97
C ARG B 796 43.37 -4.74 -48.65
N ALA B 797 42.53 -4.40 -47.68
CA ALA B 797 42.52 -5.12 -46.41
C ALA B 797 42.21 -6.59 -46.61
N MET B 798 41.19 -6.88 -47.43
CA MET B 798 40.87 -8.27 -47.74
C MET B 798 42.02 -8.93 -48.50
N LYS B 799 42.65 -8.19 -49.43
CA LYS B 799 43.77 -8.75 -50.16
C LYS B 799 44.84 -9.25 -49.20
N THR B 800 45.27 -8.38 -48.29
CA THR B 800 46.34 -8.77 -47.35
C THR B 800 45.89 -9.86 -46.39
N LEU B 801 44.64 -9.78 -45.91
CA LEU B 801 44.14 -10.80 -45.00
C LEU B 801 44.16 -12.17 -45.66
N CYS B 802 43.57 -12.28 -46.85
CA CYS B 802 43.57 -13.56 -47.55
C CYS B 802 44.98 -14.01 -47.86
N ALA B 803 45.85 -13.10 -48.33
CA ALA B 803 47.21 -13.47 -48.65
C ALA B 803 47.92 -14.07 -47.44
N LYS B 804 47.62 -13.55 -46.24
CA LYS B 804 48.21 -14.15 -45.04
C LYS B 804 47.50 -15.44 -44.66
N LEU B 805 46.26 -15.63 -45.10
CA LEU B 805 45.52 -16.86 -44.82
C LEU B 805 45.85 -18.00 -45.78
N ARG B 806 46.38 -17.71 -46.96
CA ARG B 806 46.62 -18.76 -47.96
C ARG B 806 47.63 -19.78 -47.46
N HIS B 807 48.67 -19.34 -46.75
CA HIS B 807 49.84 -20.17 -46.53
C HIS B 807 49.45 -21.46 -45.81
N PRO B 808 50.00 -22.61 -46.19
CA PRO B 808 49.52 -23.89 -45.63
C PRO B 808 49.72 -24.02 -44.12
N THR B 809 50.65 -23.27 -43.52
CA THR B 809 50.87 -23.38 -42.09
C THR B 809 49.66 -22.94 -41.27
N CYS B 810 48.71 -22.23 -41.87
CA CYS B 810 47.51 -21.83 -41.17
C CYS B 810 46.71 -23.06 -40.77
N LYS B 811 45.88 -22.91 -39.73
CA LYS B 811 45.09 -24.02 -39.20
C LYS B 811 43.65 -23.62 -38.89
N ILE B 812 43.14 -22.59 -39.56
CA ILE B 812 41.79 -22.11 -39.31
C ILE B 812 40.81 -22.97 -40.10
N GLN B 813 39.81 -23.51 -39.41
CA GLN B 813 38.88 -24.48 -39.99
C GLN B 813 37.55 -23.87 -40.38
N THR B 814 37.02 -22.93 -39.61
CA THR B 814 35.72 -22.32 -39.88
C THR B 814 35.90 -20.83 -40.13
N LEU B 815 35.22 -20.32 -41.15
CA LEU B 815 35.20 -18.90 -41.47
C LEU B 815 33.76 -18.43 -41.62
N MET B 816 33.46 -17.24 -41.11
CA MET B 816 32.09 -16.73 -41.10
C MET B 816 32.12 -15.25 -41.48
N PHE B 817 31.53 -14.92 -42.62
CA PHE B 817 31.52 -13.55 -43.13
C PHE B 817 30.09 -13.05 -43.31
N ARG B 818 29.15 -13.61 -42.56
CA ARG B 818 27.74 -13.25 -42.75
C ARG B 818 27.51 -11.76 -42.49
N ASN B 819 27.91 -11.28 -41.33
CA ASN B 819 27.60 -9.92 -40.93
C ASN B 819 28.59 -8.88 -41.45
N ALA B 820 29.74 -9.30 -41.96
CA ALA B 820 30.71 -8.35 -42.47
C ALA B 820 30.32 -7.88 -43.87
N GLN B 821 30.66 -6.64 -44.18
CA GLN B 821 30.47 -6.07 -45.51
C GLN B 821 31.78 -6.20 -46.28
N ILE B 822 31.86 -7.21 -47.15
CA ILE B 822 33.10 -7.54 -47.83
C ILE B 822 32.87 -7.66 -49.33
N THR B 823 31.85 -6.97 -49.85
CA THR B 823 31.50 -7.14 -51.26
C THR B 823 32.65 -6.84 -52.21
N PRO B 824 33.42 -5.76 -52.06
CA PRO B 824 34.52 -5.51 -52.99
C PRO B 824 35.65 -6.53 -52.93
N GLY B 825 35.79 -7.27 -51.83
CA GLY B 825 36.96 -8.10 -51.65
C GLY B 825 36.71 -9.60 -51.70
N VAL B 826 35.57 -10.02 -52.23
CA VAL B 826 35.26 -11.45 -52.26
C VAL B 826 36.19 -12.20 -53.20
N GLN B 827 36.62 -11.56 -54.29
CA GLN B 827 37.35 -12.26 -55.34
C GLN B 827 38.65 -12.87 -54.83
N HIS B 828 39.18 -12.38 -53.72
CA HIS B 828 40.43 -12.89 -53.16
C HIS B 828 40.20 -14.00 -52.15
N LEU B 829 38.98 -14.52 -52.05
CA LEU B 829 38.65 -15.52 -51.04
C LEU B 829 38.92 -16.94 -51.54
N TRP B 830 38.63 -17.21 -52.80
CA TRP B 830 38.62 -18.59 -53.28
C TRP B 830 40.00 -19.22 -53.30
N ARG B 831 41.06 -18.42 -53.34
CA ARG B 831 42.40 -19.00 -53.38
C ARG B 831 42.71 -19.77 -52.12
N ILE B 832 42.21 -19.33 -50.96
CA ILE B 832 42.48 -20.06 -49.72
C ILE B 832 41.74 -21.39 -49.73
N VAL B 833 40.50 -21.39 -50.24
CA VAL B 833 39.75 -22.63 -50.38
C VAL B 833 40.51 -23.60 -51.27
N MET B 834 41.07 -23.10 -52.37
CA MET B 834 41.80 -23.96 -53.28
C MET B 834 43.08 -24.49 -52.65
N ALA B 835 43.81 -23.65 -51.94
CA ALA B 835 45.16 -23.98 -51.46
C ALA B 835 45.18 -24.51 -50.03
N ASN B 836 44.41 -23.94 -49.12
CA ASN B 836 44.46 -24.36 -47.72
C ASN B 836 43.85 -25.74 -47.57
N ARG B 837 44.59 -26.66 -46.98
CA ARG B 837 44.15 -28.05 -46.86
C ARG B 837 43.39 -28.32 -45.56
N ASN B 838 43.43 -27.38 -44.61
CA ASN B 838 42.82 -27.60 -43.30
C ASN B 838 41.46 -26.95 -43.16
N LEU B 839 41.03 -26.15 -44.14
CA LEU B 839 39.72 -25.53 -44.09
C LEU B 839 38.64 -26.59 -44.30
N ARG B 840 37.54 -26.46 -43.56
CA ARG B 840 36.44 -27.42 -43.62
C ARG B 840 35.08 -26.76 -43.86
N SER B 841 34.86 -25.56 -43.33
CA SER B 841 33.58 -24.89 -43.47
C SER B 841 33.80 -23.45 -43.92
N LEU B 842 32.82 -22.90 -44.63
CA LEU B 842 32.91 -21.55 -45.15
C LEU B 842 31.52 -20.99 -45.28
N ASN B 843 31.28 -19.82 -44.70
CA ASN B 843 29.95 -19.22 -44.62
C ASN B 843 29.99 -17.83 -45.23
N LEU B 844 29.02 -17.55 -46.10
CA LEU B 844 28.83 -16.24 -46.67
C LEU B 844 27.34 -15.91 -46.61
N GLY B 845 27.02 -14.62 -46.52
CA GLY B 845 25.62 -14.23 -46.44
C GLY B 845 25.41 -12.75 -46.64
N GLY B 846 24.25 -12.39 -47.20
CA GLY B 846 23.93 -11.00 -47.38
C GLY B 846 24.79 -10.26 -48.37
N THR B 847 25.77 -10.93 -48.96
CA THR B 847 26.60 -10.35 -50.01
C THR B 847 26.00 -10.65 -51.38
N HIS B 848 26.33 -9.82 -52.35
CA HIS B 848 25.92 -10.03 -53.74
C HIS B 848 27.07 -10.67 -54.50
N LEU B 849 26.77 -11.74 -55.24
CA LEU B 849 27.79 -12.49 -55.96
C LEU B 849 27.57 -12.37 -57.47
N LYS B 850 28.63 -11.99 -58.16
CA LYS B 850 28.61 -11.90 -59.62
C LYS B 850 28.71 -13.30 -60.23
N GLU B 851 28.27 -13.41 -61.49
CA GLU B 851 28.33 -14.70 -62.17
C GLU B 851 29.76 -15.21 -62.27
N GLU B 852 30.71 -14.31 -62.56
CA GLU B 852 32.11 -14.72 -62.60
C GLU B 852 32.58 -15.19 -61.23
N ASP B 853 32.05 -14.59 -60.15
CA ASP B 853 32.39 -15.05 -58.82
C ASP B 853 31.94 -16.49 -58.60
N VAL B 854 30.72 -16.81 -59.03
CA VAL B 854 30.24 -18.18 -58.89
C VAL B 854 31.05 -19.13 -59.76
N ARG B 855 31.42 -18.68 -60.97
CA ARG B 855 32.24 -19.52 -61.83
C ARG B 855 33.59 -19.81 -61.18
N MET B 856 34.21 -18.79 -60.59
CA MET B 856 35.49 -19.00 -59.91
C MET B 856 35.34 -19.93 -58.72
N ALA B 857 34.26 -19.77 -57.94
CA ALA B 857 34.03 -20.66 -56.82
C ALA B 857 33.88 -22.10 -57.28
N CYS B 858 33.12 -22.30 -58.36
CA CYS B 858 32.94 -23.65 -58.89
C CYS B 858 34.25 -24.23 -59.38
N GLU B 859 35.07 -23.44 -60.09
CA GLU B 859 36.36 -23.92 -60.53
C GLU B 859 37.24 -24.32 -59.34
N ALA B 860 37.23 -23.51 -58.28
CA ALA B 860 38.03 -23.82 -57.11
C ALA B 860 37.55 -25.08 -56.43
N LEU B 861 36.24 -25.32 -56.41
CA LEU B 861 35.71 -26.53 -55.79
C LEU B 861 36.12 -27.79 -56.54
N LYS B 862 36.18 -27.73 -57.88
CA LYS B 862 36.51 -28.89 -58.69
C LYS B 862 37.94 -29.36 -58.49
N HIS B 863 38.82 -28.49 -58.00
CA HIS B 863 40.23 -28.80 -57.93
C HIS B 863 40.44 -30.01 -57.02
N PRO B 864 41.22 -31.01 -57.45
CA PRO B 864 41.31 -32.24 -56.65
C PRO B 864 41.88 -32.05 -55.26
N LYS B 865 42.54 -30.92 -54.99
CA LYS B 865 43.13 -30.70 -53.68
C LYS B 865 42.18 -30.00 -52.70
N CYS B 866 40.92 -29.82 -53.06
CA CYS B 866 39.96 -29.22 -52.15
C CYS B 866 39.37 -30.29 -51.23
N LEU B 867 39.29 -29.98 -49.94
CA LEU B 867 38.68 -30.86 -48.94
C LEU B 867 37.60 -30.15 -48.14
N LEU B 868 37.10 -29.02 -48.64
CA LEU B 868 36.01 -28.31 -47.98
C LEU B 868 34.80 -29.23 -47.87
N GLU B 869 34.14 -29.17 -46.72
CA GLU B 869 33.04 -30.08 -46.41
C GLU B 869 31.70 -29.38 -46.20
N SER B 870 31.66 -28.06 -46.22
CA SER B 870 30.41 -27.34 -46.02
C SER B 870 30.50 -25.97 -46.66
N LEU B 871 29.42 -25.55 -47.32
CA LEU B 871 29.38 -24.27 -48.02
C LEU B 871 27.98 -23.70 -47.88
N ARG B 872 27.88 -22.45 -47.44
CA ARG B 872 26.60 -21.83 -47.17
C ARG B 872 26.51 -20.50 -47.92
N LEU B 873 25.47 -20.36 -48.73
CA LEU B 873 25.25 -19.16 -49.53
C LEU B 873 23.85 -18.63 -49.24
N ASP B 874 23.78 -17.45 -48.64
CA ASP B 874 22.53 -16.92 -48.12
C ASP B 874 22.24 -15.57 -48.75
N CYS B 875 21.03 -15.39 -49.26
CA CYS B 875 20.56 -14.11 -49.78
C CYS B 875 21.51 -13.56 -50.84
N CYS B 876 22.32 -14.43 -51.45
CA CYS B 876 23.30 -13.97 -52.42
C CYS B 876 22.64 -13.56 -53.73
N GLY B 877 21.40 -13.99 -53.97
CA GLY B 877 20.72 -13.64 -55.19
C GLY B 877 21.40 -14.20 -56.42
N LEU B 878 21.40 -15.51 -56.55
CA LEU B 878 22.08 -16.17 -57.65
C LEU B 878 21.16 -16.26 -58.88
N THR B 879 21.78 -16.16 -60.05
CA THR B 879 21.07 -16.26 -61.32
C THR B 879 20.87 -17.73 -61.67
N HIS B 880 20.14 -17.97 -62.77
CA HIS B 880 19.88 -19.34 -63.19
C HIS B 880 21.16 -20.05 -63.60
N ALA B 881 21.96 -19.41 -64.45
CA ALA B 881 23.23 -20.02 -64.83
C ALA B 881 24.05 -20.36 -63.60
N CYS B 882 23.94 -19.54 -62.55
CA CYS B 882 24.60 -19.88 -61.30
C CYS B 882 24.18 -21.25 -60.82
N TYR B 883 22.87 -21.52 -60.77
CA TYR B 883 22.39 -22.83 -60.32
C TYR B 883 22.83 -23.94 -61.27
N LEU B 884 22.96 -23.64 -62.56
CA LEU B 884 23.52 -24.62 -63.48
C LEU B 884 24.94 -25.01 -63.05
N LYS B 885 25.78 -24.01 -62.78
CA LYS B 885 27.15 -24.29 -62.37
C LYS B 885 27.20 -24.99 -61.02
N ILE B 886 26.30 -24.62 -60.10
CA ILE B 886 26.25 -25.30 -58.81
C ILE B 886 25.89 -26.77 -58.99
N SER B 887 24.94 -27.06 -59.89
CA SER B 887 24.61 -28.46 -60.16
C SER B 887 25.82 -29.21 -60.72
N GLN B 888 26.56 -28.57 -61.62
CA GLN B 888 27.72 -29.23 -62.21
C GLN B 888 28.76 -29.54 -61.15
N ILE B 889 29.04 -28.59 -60.25
CA ILE B 889 30.00 -28.89 -59.19
C ILE B 889 29.46 -29.95 -58.25
N LEU B 890 28.14 -29.94 -57.99
CA LEU B 890 27.56 -30.95 -57.13
C LEU B 890 27.83 -32.34 -57.68
N THR B 891 27.67 -32.52 -58.99
CA THR B 891 27.99 -33.82 -59.57
C THR B 891 29.50 -34.03 -59.65
N THR B 892 30.29 -32.97 -59.58
CA THR B 892 31.74 -33.11 -59.73
C THR B 892 32.47 -33.26 -58.40
N SER B 893 32.27 -32.32 -57.48
CA SER B 893 33.09 -32.27 -56.27
C SER B 893 32.84 -33.48 -55.38
N PRO B 894 33.88 -34.23 -54.98
CA PRO B 894 33.66 -35.41 -54.13
C PRO B 894 33.51 -35.06 -52.65
N SER B 895 34.27 -34.08 -52.18
CA SER B 895 34.40 -33.85 -50.74
C SER B 895 33.19 -33.13 -50.15
N LEU B 896 32.53 -32.28 -50.92
CA LEU B 896 31.42 -31.49 -50.38
C LEU B 896 30.31 -32.38 -49.86
N LYS B 897 29.95 -32.23 -48.59
CA LYS B 897 28.92 -33.04 -47.96
C LYS B 897 27.75 -32.22 -47.43
N SER B 898 27.73 -30.91 -47.67
CA SER B 898 26.62 -30.07 -47.25
C SER B 898 26.50 -28.91 -48.24
N LEU B 899 25.34 -28.27 -48.22
CA LEU B 899 25.10 -27.12 -49.09
C LEU B 899 23.82 -26.45 -48.65
N SER B 900 23.83 -25.12 -48.57
CA SER B 900 22.68 -24.36 -48.10
C SER B 900 22.38 -23.23 -49.06
N LEU B 901 21.13 -23.12 -49.48
CA LEU B 901 20.65 -22.01 -50.31
C LEU B 901 19.39 -21.48 -49.64
N ALA B 902 19.57 -20.59 -48.67
CA ALA B 902 18.47 -20.08 -47.85
C ALA B 902 18.26 -18.61 -48.15
N GLY B 903 17.03 -18.23 -48.43
CA GLY B 903 16.70 -16.86 -48.78
C GLY B 903 16.89 -16.53 -50.24
N ASN B 904 17.55 -17.39 -51.01
CA ASN B 904 17.70 -17.17 -52.44
C ASN B 904 16.39 -17.48 -53.16
N LYS B 905 16.19 -16.80 -54.28
CA LYS B 905 15.09 -17.15 -55.17
C LYS B 905 15.48 -18.36 -56.01
N VAL B 906 14.72 -19.45 -55.89
CA VAL B 906 14.99 -20.70 -56.59
C VAL B 906 13.72 -21.09 -57.33
N THR B 907 13.61 -20.68 -58.57
CA THR B 907 12.48 -21.06 -59.39
C THR B 907 12.54 -22.55 -59.70
N ASP B 908 11.38 -23.12 -60.02
CA ASP B 908 11.33 -24.55 -60.35
C ASP B 908 12.28 -24.88 -61.49
N GLN B 909 12.47 -23.94 -62.42
CA GLN B 909 13.47 -24.15 -63.47
C GLN B 909 14.86 -24.29 -62.88
N GLY B 910 15.09 -23.76 -61.67
CA GLY B 910 16.35 -23.94 -60.97
C GLY B 910 16.32 -25.17 -60.11
N VAL B 911 15.12 -25.68 -59.83
CA VAL B 911 15.00 -26.92 -59.08
C VAL B 911 15.31 -28.12 -59.97
N MET B 912 14.90 -28.06 -61.24
CA MET B 912 15.16 -29.17 -62.15
C MET B 912 16.64 -29.48 -62.32
N PRO B 913 17.53 -28.51 -62.57
CA PRO B 913 18.96 -28.86 -62.62
C PRO B 913 19.44 -29.54 -61.35
N LEU B 914 18.96 -29.08 -60.19
CA LEU B 914 19.34 -29.72 -58.94
C LEU B 914 18.83 -31.16 -58.89
N SER B 915 17.61 -31.40 -59.36
CA SER B 915 17.10 -32.78 -59.39
C SER B 915 17.96 -33.66 -60.29
N ASP B 916 18.34 -33.13 -61.45
CA ASP B 916 19.21 -33.90 -62.34
C ASP B 916 20.53 -34.21 -61.66
N ALA B 917 21.09 -33.24 -60.93
CA ALA B 917 22.36 -33.46 -60.25
C ALA B 917 22.24 -34.51 -59.16
N LEU B 918 21.12 -34.51 -58.42
CA LEU B 918 20.96 -35.49 -57.35
C LEU B 918 20.66 -36.89 -57.89
N ARG B 919 20.02 -36.99 -59.06
CA ARG B 919 19.72 -38.30 -59.61
C ARG B 919 20.98 -39.13 -59.83
N VAL B 920 22.08 -38.47 -60.23
CA VAL B 920 23.29 -39.21 -60.57
C VAL B 920 23.81 -39.96 -59.36
N SER B 921 24.31 -41.18 -59.59
CA SER B 921 24.75 -42.02 -58.49
C SER B 921 26.02 -41.51 -57.82
N GLN B 922 26.75 -40.63 -58.48
CA GLN B 922 28.02 -40.16 -57.94
C GLN B 922 27.87 -39.15 -56.81
N CYS B 923 26.78 -38.39 -56.77
CA CYS B 923 26.65 -37.32 -55.80
C CYS B 923 26.73 -37.86 -54.38
N ALA B 924 27.40 -37.10 -53.51
CA ALA B 924 27.59 -37.51 -52.12
C ALA B 924 27.10 -36.45 -51.14
N LEU B 925 26.19 -35.59 -51.57
CA LEU B 925 25.62 -34.57 -50.69
C LEU B 925 24.76 -35.24 -49.63
N GLN B 926 25.02 -34.94 -48.36
CA GLN B 926 24.30 -35.56 -47.26
C GLN B 926 23.27 -34.65 -46.61
N LYS B 927 23.37 -33.34 -46.79
CA LYS B 927 22.41 -32.39 -46.27
C LYS B 927 22.05 -31.40 -47.37
N LEU B 928 20.86 -30.82 -47.27
CA LEU B 928 20.43 -29.81 -48.23
C LEU B 928 19.39 -28.94 -47.57
N ILE B 929 19.59 -27.63 -47.60
CA ILE B 929 18.71 -26.66 -46.98
C ILE B 929 18.18 -25.74 -48.06
N LEU B 930 16.86 -25.57 -48.09
CA LEU B 930 16.20 -24.67 -49.03
C LEU B 930 15.13 -23.91 -48.25
N GLU B 931 15.48 -22.73 -47.77
CA GLU B 931 14.62 -21.93 -46.91
C GLU B 931 14.20 -20.67 -47.64
N ASP B 932 12.91 -20.36 -47.60
CA ASP B 932 12.36 -19.18 -48.26
C ASP B 932 12.66 -19.15 -49.74
N CYS B 933 12.79 -20.32 -50.37
CA CYS B 933 13.15 -20.38 -51.78
C CYS B 933 11.95 -20.29 -52.71
N GLY B 934 10.73 -20.34 -52.17
CA GLY B 934 9.55 -20.16 -53.00
C GLY B 934 9.38 -21.21 -54.08
N ILE B 935 9.54 -22.48 -53.74
CA ILE B 935 9.31 -23.56 -54.70
C ILE B 935 7.84 -24.00 -54.65
N THR B 936 7.40 -24.63 -55.73
CA THR B 936 6.01 -25.01 -55.92
C THR B 936 5.90 -26.53 -56.07
N ALA B 937 4.69 -26.99 -56.43
CA ALA B 937 4.44 -28.42 -56.54
C ALA B 937 5.31 -29.07 -57.61
N THR B 938 5.60 -28.37 -58.69
CA THR B 938 6.48 -28.92 -59.71
C THR B 938 7.87 -29.20 -59.14
N GLY B 939 8.39 -28.27 -58.33
CA GLY B 939 9.61 -28.55 -57.62
C GLY B 939 9.49 -29.75 -56.72
N CYS B 940 8.32 -29.92 -56.10
CA CYS B 940 8.11 -31.07 -55.22
C CYS B 940 8.19 -32.38 -55.99
N GLN B 941 7.55 -32.46 -57.16
CA GLN B 941 7.62 -33.70 -57.93
C GLN B 941 9.03 -33.93 -58.47
N SER B 942 9.73 -32.87 -58.87
CA SER B 942 11.12 -33.04 -59.31
C SER B 942 11.99 -33.60 -58.19
N LEU B 943 11.88 -33.01 -57.00
CA LEU B 943 12.66 -33.49 -55.87
C LEU B 943 12.25 -34.90 -55.48
N ALA B 944 10.96 -35.22 -55.57
CA ALA B 944 10.48 -36.56 -55.25
C ALA B 944 11.09 -37.60 -56.19
N SER B 945 11.11 -37.29 -57.49
CA SER B 945 11.73 -38.21 -58.44
C SER B 945 13.22 -38.37 -58.16
N ALA B 946 13.90 -37.26 -57.88
CA ALA B 946 15.31 -37.36 -57.51
C ALA B 946 15.50 -38.24 -56.29
N LEU B 947 14.64 -38.07 -55.28
CA LEU B 947 14.73 -38.87 -54.07
C LEU B 947 14.55 -40.36 -54.38
N VAL B 948 13.59 -40.69 -55.24
CA VAL B 948 13.45 -42.07 -55.69
C VAL B 948 14.76 -42.57 -56.27
N SER B 949 15.40 -41.74 -57.12
CA SER B 949 16.63 -42.17 -57.77
C SER B 949 17.82 -42.19 -56.81
N ASN B 950 17.85 -41.28 -55.83
CA ASN B 950 19.02 -41.07 -55.00
C ASN B 950 19.10 -42.03 -53.83
N ARG B 951 20.31 -42.23 -53.32
CA ARG B 951 20.52 -43.03 -52.12
C ARG B 951 21.56 -42.45 -51.18
N SER B 952 21.98 -41.20 -51.36
CA SER B 952 23.01 -40.59 -50.53
C SER B 952 22.48 -39.54 -49.57
N LEU B 953 21.57 -38.68 -50.04
CA LEU B 953 21.06 -37.60 -49.20
C LEU B 953 20.38 -38.15 -47.97
N THR B 954 20.67 -37.54 -46.82
CA THR B 954 20.14 -37.98 -45.54
C THR B 954 19.29 -36.93 -44.84
N HIS B 955 19.71 -35.67 -44.86
CA HIS B 955 18.96 -34.60 -44.22
C HIS B 955 18.41 -33.67 -45.28
N LEU B 956 17.18 -33.20 -45.06
CA LEU B 956 16.49 -32.36 -46.04
C LEU B 956 15.57 -31.40 -45.29
N CYS B 957 15.60 -30.13 -45.67
CA CYS B 957 14.81 -29.09 -45.02
C CYS B 957 14.12 -28.25 -46.09
N LEU B 958 12.82 -28.04 -45.92
CA LEU B 958 12.02 -27.20 -46.83
C LEU B 958 11.02 -26.44 -45.94
N SER B 959 11.40 -25.25 -45.52
CA SER B 959 10.59 -24.45 -44.61
C SER B 959 10.26 -23.11 -45.26
N ASN B 960 9.13 -22.54 -44.85
CA ASN B 960 8.66 -21.26 -45.37
C ASN B 960 8.45 -21.32 -46.88
N ASN B 961 8.05 -22.48 -47.38
CA ASN B 961 7.71 -22.67 -48.78
C ASN B 961 6.26 -23.13 -48.90
N SER B 962 5.49 -22.42 -49.73
CA SER B 962 4.08 -22.75 -49.91
C SER B 962 3.97 -24.02 -50.77
N LEU B 963 4.35 -25.13 -50.17
CA LEU B 963 4.26 -26.41 -50.86
C LEU B 963 2.80 -26.84 -51.02
N GLY B 964 2.05 -26.88 -49.93
CA GLY B 964 0.66 -27.26 -49.97
C GLY B 964 0.45 -28.76 -49.90
N ASN B 965 -0.81 -29.13 -49.76
CA ASN B 965 -1.17 -30.55 -49.68
C ASN B 965 -0.73 -31.32 -50.90
N GLU B 966 -0.81 -30.70 -52.09
CA GLU B 966 -0.39 -31.41 -53.30
C GLU B 966 1.09 -31.75 -53.27
N GLY B 967 1.94 -30.78 -52.94
CA GLY B 967 3.36 -31.05 -52.85
C GLY B 967 3.69 -32.05 -51.76
N VAL B 968 3.01 -31.94 -50.62
CA VAL B 968 3.24 -32.92 -49.56
C VAL B 968 2.82 -34.30 -50.03
N ASN B 969 1.78 -34.38 -50.86
CA ASN B 969 1.35 -35.66 -51.41
C ASN B 969 2.40 -36.24 -52.35
N LEU B 970 3.03 -35.38 -53.17
CA LEU B 970 4.06 -35.88 -54.07
C LEU B 970 5.27 -36.40 -53.29
N LEU B 971 5.70 -35.65 -52.29
CA LEU B 971 6.75 -36.15 -51.42
C LEU B 971 6.33 -37.44 -50.73
N CYS B 972 5.10 -37.49 -50.22
CA CYS B 972 4.57 -38.69 -49.60
C CYS B 972 4.71 -39.89 -50.53
N ARG B 973 4.30 -39.73 -51.79
CA ARG B 973 4.40 -40.82 -52.73
C ARG B 973 5.85 -41.24 -52.93
N SER B 974 6.77 -40.27 -52.94
CA SER B 974 8.18 -40.62 -53.11
C SER B 974 8.75 -41.36 -51.89
N MET B 975 8.36 -40.98 -50.68
CA MET B 975 8.85 -41.65 -49.48
C MET B 975 8.13 -42.96 -49.18
N ARG B 976 7.03 -43.26 -49.86
CA ARG B 976 6.32 -44.50 -49.57
C ARG B 976 7.21 -45.71 -49.79
N LEU B 977 8.17 -45.62 -50.69
CA LEU B 977 8.97 -46.79 -51.05
C LEU B 977 9.93 -47.13 -49.90
N PRO B 978 10.29 -48.41 -49.75
CA PRO B 978 11.17 -48.78 -48.63
C PRO B 978 12.63 -48.42 -48.83
N HIS B 979 13.03 -48.00 -50.03
CA HIS B 979 14.44 -47.79 -50.34
C HIS B 979 14.89 -46.34 -50.17
N CYS B 980 14.00 -45.45 -49.72
CA CYS B 980 14.43 -44.13 -49.33
C CYS B 980 15.38 -44.24 -48.14
N SER B 981 16.36 -43.33 -48.07
CA SER B 981 17.44 -43.46 -47.09
C SER B 981 17.66 -42.18 -46.28
N LEU B 982 16.72 -41.24 -46.32
CA LEU B 982 16.87 -40.02 -45.56
C LEU B 982 16.30 -40.21 -44.16
N GLN B 983 16.88 -39.50 -43.19
CA GLN B 983 16.59 -39.73 -41.79
C GLN B 983 15.95 -38.55 -41.07
N ARG B 984 16.01 -37.35 -41.63
CA ARG B 984 15.44 -36.18 -40.97
C ARG B 984 14.80 -35.26 -42.00
N LEU B 985 13.56 -34.87 -41.74
CA LEU B 985 12.79 -34.01 -42.63
C LEU B 985 12.08 -32.96 -41.79
N MET B 986 12.04 -31.73 -42.29
CA MET B 986 11.38 -30.65 -41.59
C MET B 986 10.54 -29.84 -42.55
N LEU B 987 9.37 -29.41 -42.08
CA LEU B 987 8.42 -28.65 -42.90
C LEU B 987 7.68 -27.69 -41.98
N ASN B 988 8.11 -26.44 -41.94
CA ASN B 988 7.47 -25.40 -41.16
C ASN B 988 6.98 -24.28 -42.07
N GLN B 989 5.79 -23.77 -41.77
CA GLN B 989 5.13 -22.80 -42.64
C GLN B 989 5.13 -23.34 -44.06
N CYS B 990 4.41 -24.45 -44.26
CA CYS B 990 4.22 -25.04 -45.56
C CYS B 990 2.74 -25.15 -45.92
N HIS B 991 1.88 -24.39 -45.25
CA HIS B 991 0.45 -24.37 -45.55
C HIS B 991 -0.17 -25.75 -45.48
N LEU B 992 0.31 -26.59 -44.55
CA LEU B 992 -0.27 -27.90 -44.37
C LEU B 992 -1.69 -27.79 -43.79
N ASP B 993 -2.38 -28.92 -43.77
CA ASP B 993 -3.73 -29.00 -43.24
C ASP B 993 -3.96 -30.44 -42.78
N THR B 994 -5.21 -30.78 -42.50
CA THR B 994 -5.53 -32.13 -42.05
C THR B 994 -5.24 -33.16 -43.13
N ALA B 995 -5.54 -32.84 -44.39
CA ALA B 995 -5.33 -33.79 -45.48
C ALA B 995 -3.86 -34.09 -45.67
N GLY B 996 -3.01 -33.05 -45.61
CA GLY B 996 -1.57 -33.28 -45.73
C GLY B 996 -1.04 -34.13 -44.58
N CYS B 997 -1.56 -33.89 -43.37
CA CYS B 997 -1.18 -34.73 -42.25
C CYS B 997 -1.65 -36.17 -42.46
N GLY B 998 -2.79 -36.36 -43.12
CA GLY B 998 -3.21 -37.70 -43.46
C GLY B 998 -2.28 -38.37 -44.45
N PHE B 999 -1.82 -37.62 -45.45
CA PHE B 999 -0.83 -38.14 -46.38
C PHE B 999 0.43 -38.56 -45.65
N LEU B 1000 0.92 -37.70 -44.75
CA LEU B 1000 2.12 -38.04 -43.99
C LEU B 1000 1.88 -39.25 -43.10
N ALA B 1001 0.69 -39.35 -42.52
CA ALA B 1001 0.37 -40.51 -41.70
C ALA B 1001 0.40 -41.79 -42.53
N LEU B 1002 -0.14 -41.75 -43.74
CA LEU B 1002 -0.13 -42.93 -44.60
C LEU B 1002 1.29 -43.29 -45.01
N ALA B 1003 2.12 -42.28 -45.30
CA ALA B 1003 3.49 -42.56 -45.72
C ALA B 1003 4.35 -43.07 -44.57
N LEU B 1004 4.07 -42.62 -43.35
CA LEU B 1004 4.94 -42.96 -42.22
C LEU B 1004 4.86 -44.45 -41.89
N MET B 1005 3.66 -45.03 -41.92
CA MET B 1005 3.51 -46.44 -41.61
C MET B 1005 4.33 -47.27 -42.58
N GLY B 1006 5.03 -48.29 -42.05
CA GLY B 1006 5.83 -49.17 -42.87
C GLY B 1006 7.19 -48.64 -43.26
N ASN B 1007 7.58 -47.48 -42.75
CA ASN B 1007 8.88 -46.88 -43.04
C ASN B 1007 9.75 -46.92 -41.79
N SER B 1008 10.99 -47.38 -41.94
CA SER B 1008 11.88 -47.60 -40.82
C SER B 1008 13.10 -46.70 -40.80
N TRP B 1009 13.35 -45.93 -41.86
CA TRP B 1009 14.58 -45.13 -41.93
C TRP B 1009 14.38 -43.75 -41.32
N LEU B 1010 13.36 -43.02 -41.76
CA LEU B 1010 13.13 -41.67 -41.25
C LEU B 1010 12.92 -41.68 -39.75
N THR B 1011 13.59 -40.76 -39.06
CA THR B 1011 13.63 -40.77 -37.60
C THR B 1011 13.17 -39.46 -36.97
N HIS B 1012 13.49 -38.32 -37.55
CA HIS B 1012 13.13 -37.02 -36.99
C HIS B 1012 12.19 -36.31 -37.95
N LEU B 1013 11.06 -35.83 -37.43
CA LEU B 1013 10.05 -35.17 -38.24
C LEU B 1013 9.52 -33.97 -37.47
N SER B 1014 9.31 -32.86 -38.16
CA SER B 1014 8.84 -31.64 -37.52
C SER B 1014 7.79 -30.98 -38.39
N LEU B 1015 6.70 -30.53 -37.77
CA LEU B 1015 5.62 -29.82 -38.46
C LEU B 1015 5.13 -28.71 -37.52
N SER B 1016 5.71 -27.53 -37.66
CA SER B 1016 5.38 -26.40 -36.81
C SER B 1016 4.75 -25.29 -37.62
N MET B 1017 4.02 -24.42 -36.94
CA MET B 1017 3.37 -23.27 -37.58
C MET B 1017 2.54 -23.71 -38.78
N ASN B 1018 1.83 -24.82 -38.62
CA ASN B 1018 0.89 -25.31 -39.62
C ASN B 1018 -0.44 -25.59 -38.91
N PRO B 1019 -1.56 -25.20 -39.48
CA PRO B 1019 -2.84 -25.45 -38.80
C PRO B 1019 -3.27 -26.91 -38.90
N VAL B 1020 -2.40 -27.83 -38.49
CA VAL B 1020 -2.77 -29.23 -38.37
C VAL B 1020 -3.59 -29.36 -37.08
N GLU B 1021 -4.87 -29.65 -37.21
CA GLU B 1021 -5.80 -29.52 -36.10
C GLU B 1021 -5.72 -30.76 -35.21
N ASP B 1022 -6.69 -30.89 -34.30
CA ASP B 1022 -6.73 -32.05 -33.43
C ASP B 1022 -6.81 -33.34 -34.23
N ASN B 1023 -7.68 -33.38 -35.25
CA ASN B 1023 -7.92 -34.62 -35.97
C ASN B 1023 -6.66 -35.11 -36.67
N GLY B 1024 -5.90 -34.21 -37.30
CA GLY B 1024 -4.66 -34.62 -37.94
C GLY B 1024 -3.70 -35.25 -36.96
N VAL B 1025 -3.59 -34.65 -35.77
CA VAL B 1025 -2.73 -35.23 -34.75
C VAL B 1025 -3.28 -36.57 -34.32
N LYS B 1026 -4.60 -36.73 -34.31
CA LYS B 1026 -5.18 -38.04 -34.00
C LYS B 1026 -4.75 -39.08 -35.03
N LEU B 1027 -4.77 -38.72 -36.31
CA LEU B 1027 -4.32 -39.65 -37.34
C LEU B 1027 -2.85 -40.01 -37.14
N LEU B 1028 -2.02 -39.00 -36.89
CA LEU B 1028 -0.60 -39.24 -36.68
C LEU B 1028 -0.39 -40.18 -35.49
N CYS B 1029 -1.09 -39.92 -34.39
CA CYS B 1029 -0.96 -40.76 -33.20
C CYS B 1029 -1.41 -42.18 -33.49
N GLU B 1030 -2.52 -42.35 -34.21
CA GLU B 1030 -2.98 -43.70 -34.53
C GLU B 1030 -1.93 -44.43 -35.37
N VAL B 1031 -1.27 -43.72 -36.27
CA VAL B 1031 -0.26 -44.35 -37.11
C VAL B 1031 0.96 -44.73 -36.27
N MET B 1032 1.36 -43.86 -35.34
CA MET B 1032 2.61 -44.06 -34.62
C MET B 1032 2.48 -45.10 -33.50
N ARG B 1033 1.26 -45.48 -33.11
CA ARG B 1033 1.06 -46.35 -31.93
C ARG B 1033 1.49 -47.83 -32.09
N GLU B 1034 1.73 -48.27 -33.32
CA GLU B 1034 2.24 -49.65 -33.54
C GLU B 1034 3.76 -49.62 -33.30
N PRO B 1035 4.36 -50.67 -32.71
CA PRO B 1035 5.80 -50.66 -32.41
C PRO B 1035 6.56 -50.55 -33.73
N SER B 1036 6.10 -51.25 -34.77
CA SER B 1036 6.75 -51.20 -36.10
C SER B 1036 7.33 -49.81 -36.37
N CYS B 1037 6.61 -48.74 -36.03
CA CYS B 1037 7.11 -47.40 -36.37
C CYS B 1037 8.41 -47.07 -35.65
N HIS B 1038 9.29 -46.31 -36.33
CA HIS B 1038 10.62 -45.97 -35.81
C HIS B 1038 10.85 -44.46 -35.80
N LEU B 1039 9.86 -43.70 -35.34
CA LEU B 1039 10.02 -42.25 -35.21
C LEU B 1039 10.42 -41.91 -33.78
N GLN B 1040 11.53 -41.19 -33.63
CA GLN B 1040 12.08 -40.88 -32.31
C GLN B 1040 11.79 -39.45 -31.87
N ASP B 1041 11.94 -38.49 -32.77
CA ASP B 1041 11.78 -37.07 -32.44
C ASP B 1041 10.68 -36.50 -33.31
N LEU B 1042 9.64 -35.96 -32.66
CA LEU B 1042 8.57 -35.24 -33.35
C LEU B 1042 8.28 -33.98 -32.56
N GLU B 1043 8.33 -32.84 -33.24
CA GLU B 1043 8.11 -31.56 -32.59
C GLU B 1043 7.23 -30.68 -33.45
N LEU B 1044 6.09 -30.26 -32.90
CA LEU B 1044 5.13 -29.42 -33.60
C LEU B 1044 4.72 -28.27 -32.69
N VAL B 1045 4.80 -27.05 -33.23
CA VAL B 1045 4.57 -25.83 -32.47
C VAL B 1045 3.57 -24.97 -33.23
N LYS B 1046 2.67 -24.32 -32.50
CA LYS B 1046 1.64 -23.49 -33.09
C LYS B 1046 0.78 -24.30 -34.07
N CYS B 1047 0.07 -25.29 -33.53
CA CYS B 1047 -0.81 -26.14 -34.32
C CYS B 1047 -2.24 -26.17 -33.79
N HIS B 1048 -2.58 -25.30 -32.85
CA HIS B 1048 -3.97 -25.15 -32.40
C HIS B 1048 -4.53 -26.47 -31.86
N LEU B 1049 -3.92 -26.95 -30.77
CA LEU B 1049 -4.32 -28.20 -30.17
C LEU B 1049 -5.28 -27.96 -29.00
N THR B 1050 -5.80 -29.03 -28.43
CA THR B 1050 -6.76 -28.97 -27.33
C THR B 1050 -6.58 -30.19 -26.44
N ALA B 1051 -7.56 -30.44 -25.57
CA ALA B 1051 -7.40 -31.46 -24.53
C ALA B 1051 -7.50 -32.87 -25.09
N ALA B 1052 -8.44 -33.12 -26.00
CA ALA B 1052 -8.62 -34.47 -26.51
C ALA B 1052 -7.39 -34.94 -27.27
N CYS B 1053 -6.80 -34.06 -28.07
CA CYS B 1053 -5.51 -34.34 -28.68
C CYS B 1053 -4.51 -34.75 -27.63
N CYS B 1054 -4.53 -34.08 -26.48
CA CYS B 1054 -3.58 -34.42 -25.42
C CYS B 1054 -3.86 -35.80 -24.84
N GLU B 1055 -5.13 -36.18 -24.73
CA GLU B 1055 -5.43 -37.53 -24.26
C GLU B 1055 -4.89 -38.58 -25.22
N SER B 1056 -5.08 -38.35 -26.53
CA SER B 1056 -4.55 -39.28 -27.52
C SER B 1056 -3.02 -39.34 -27.45
N LEU B 1057 -2.39 -38.17 -27.29
CA LEU B 1057 -0.93 -38.14 -27.15
C LEU B 1057 -0.47 -38.86 -25.90
N SER B 1058 -1.24 -38.77 -24.81
CA SER B 1058 -0.89 -39.47 -23.60
C SER B 1058 -0.94 -40.97 -23.81
N CYS B 1059 -1.96 -41.46 -24.51
CA CYS B 1059 -1.99 -42.88 -24.85
C CYS B 1059 -0.78 -43.26 -25.67
N VAL B 1060 -0.41 -42.42 -26.64
CA VAL B 1060 0.76 -42.69 -27.48
C VAL B 1060 2.01 -42.80 -26.60
N ILE B 1061 2.19 -41.86 -25.68
CA ILE B 1061 3.39 -41.84 -24.86
C ILE B 1061 3.46 -43.07 -23.96
N SER B 1062 2.33 -43.41 -23.34
CA SER B 1062 2.32 -44.57 -22.45
C SER B 1062 2.61 -45.85 -23.21
N ARG B 1063 2.03 -46.01 -24.42
CA ARG B 1063 2.13 -47.28 -25.11
C ARG B 1063 3.43 -47.41 -25.91
N SER B 1064 3.74 -46.41 -26.74
CA SER B 1064 4.84 -46.53 -27.68
C SER B 1064 6.17 -46.68 -26.94
N ARG B 1065 7.21 -47.04 -27.71
CA ARG B 1065 8.53 -47.31 -27.14
C ARG B 1065 9.64 -46.59 -27.90
N HIS B 1066 9.38 -46.15 -29.13
CA HIS B 1066 10.42 -45.56 -29.95
C HIS B 1066 10.52 -44.04 -29.83
N LEU B 1067 9.46 -43.37 -29.42
CA LEU B 1067 9.49 -41.92 -29.31
C LEU B 1067 10.36 -41.51 -28.12
N LYS B 1068 11.27 -40.56 -28.35
CA LYS B 1068 12.18 -40.08 -27.32
C LYS B 1068 12.12 -38.58 -27.10
N SER B 1069 11.47 -37.82 -27.98
CA SER B 1069 11.38 -36.38 -27.82
C SER B 1069 10.02 -35.90 -28.31
N LEU B 1070 9.52 -34.84 -27.67
CA LEU B 1070 8.24 -34.26 -28.03
C LEU B 1070 8.27 -32.78 -27.68
N ASP B 1071 7.44 -32.01 -28.37
CA ASP B 1071 7.44 -30.56 -28.21
C ASP B 1071 6.04 -30.02 -28.43
N LEU B 1072 5.53 -29.28 -27.45
CA LEU B 1072 4.21 -28.65 -27.53
C LEU B 1072 4.39 -27.23 -27.01
N THR B 1073 4.54 -26.28 -27.92
CA THR B 1073 4.82 -24.90 -27.57
C THR B 1073 3.82 -23.99 -28.26
N ASP B 1074 3.38 -22.95 -27.56
CA ASP B 1074 2.31 -22.07 -28.05
C ASP B 1074 1.07 -22.85 -28.46
N ASN B 1075 0.62 -23.79 -27.63
CA ASN B 1075 -0.66 -24.45 -27.79
C ASN B 1075 -1.46 -24.31 -26.51
N ALA B 1076 -2.77 -24.11 -26.66
CA ALA B 1076 -3.64 -23.88 -25.51
C ALA B 1076 -4.16 -25.21 -24.96
N LEU B 1077 -3.22 -26.01 -24.46
CA LEU B 1077 -3.61 -27.29 -23.87
C LEU B 1077 -4.45 -27.09 -22.62
N GLY B 1078 -4.12 -26.10 -21.81
CA GLY B 1078 -4.87 -25.85 -20.59
C GLY B 1078 -4.56 -26.87 -19.52
N ASP B 1079 -5.47 -26.93 -18.54
CA ASP B 1079 -5.27 -27.83 -17.40
C ASP B 1079 -5.70 -29.26 -17.72
N GLY B 1080 -6.79 -29.42 -18.48
CA GLY B 1080 -7.26 -30.76 -18.78
C GLY B 1080 -6.29 -31.55 -19.64
N GLY B 1081 -5.77 -30.91 -20.69
CA GLY B 1081 -4.80 -31.59 -21.53
C GLY B 1081 -3.55 -32.00 -20.76
N VAL B 1082 -3.05 -31.10 -19.91
CA VAL B 1082 -1.87 -31.42 -19.13
C VAL B 1082 -2.18 -32.49 -18.09
N ALA B 1083 -3.40 -32.54 -17.57
CA ALA B 1083 -3.77 -33.63 -16.68
C ALA B 1083 -3.74 -34.96 -17.41
N ALA B 1084 -4.29 -35.00 -18.62
CA ALA B 1084 -4.22 -36.23 -19.42
C ALA B 1084 -2.78 -36.62 -19.70
N LEU B 1085 -1.94 -35.63 -20.02
CA LEU B 1085 -0.54 -35.91 -20.27
C LEU B 1085 0.17 -36.42 -19.03
N CYS B 1086 -0.19 -35.90 -17.85
CA CYS B 1086 0.38 -36.39 -16.60
C CYS B 1086 0.00 -37.84 -16.37
N GLU B 1087 -1.26 -38.18 -16.65
CA GLU B 1087 -1.64 -39.59 -16.59
C GLU B 1087 -0.79 -40.41 -17.57
N GLY B 1088 -0.53 -39.87 -18.75
CA GLY B 1088 0.30 -40.58 -19.71
C GLY B 1088 1.71 -40.82 -19.20
N LEU B 1089 2.35 -39.79 -18.64
CA LEU B 1089 3.72 -39.89 -18.16
C LEU B 1089 3.85 -40.68 -16.87
N LYS B 1090 2.76 -40.83 -16.11
CA LYS B 1090 2.84 -41.54 -14.85
C LYS B 1090 3.32 -42.97 -15.03
N GLN B 1091 3.06 -43.57 -16.18
CA GLN B 1091 3.39 -44.98 -16.38
C GLN B 1091 4.90 -45.18 -16.39
N LYS B 1092 5.35 -46.24 -15.72
CA LYS B 1092 6.77 -46.55 -15.70
C LYS B 1092 7.26 -47.15 -17.01
N ASN B 1093 6.33 -47.50 -17.92
CA ASN B 1093 6.75 -48.04 -19.21
C ASN B 1093 7.26 -46.95 -20.15
N SER B 1094 6.83 -45.70 -19.96
CA SER B 1094 7.22 -44.63 -20.85
C SER B 1094 8.72 -44.41 -20.79
N VAL B 1095 9.29 -44.00 -21.93
CA VAL B 1095 10.74 -43.79 -22.03
C VAL B 1095 11.01 -42.43 -22.66
N LEU B 1096 10.05 -41.50 -22.56
CA LEU B 1096 10.25 -40.17 -23.13
C LEU B 1096 11.45 -39.50 -22.46
N ALA B 1097 12.26 -38.81 -23.26
CA ALA B 1097 13.49 -38.22 -22.76
C ALA B 1097 13.33 -36.74 -22.42
N ARG B 1098 12.82 -35.95 -23.35
CA ARG B 1098 12.64 -34.53 -23.11
C ARG B 1098 11.24 -34.11 -23.55
N LEU B 1099 10.67 -33.13 -22.85
CA LEU B 1099 9.33 -32.65 -23.11
C LEU B 1099 9.35 -31.13 -23.12
N GLY B 1100 8.76 -30.53 -24.15
CA GLY B 1100 8.75 -29.09 -24.27
C GLY B 1100 7.38 -28.46 -24.10
N LEU B 1101 7.18 -27.77 -22.98
CA LEU B 1101 5.95 -27.04 -22.72
C LEU B 1101 6.28 -25.56 -22.50
N LYS B 1102 5.48 -24.69 -23.11
CA LYS B 1102 5.71 -23.25 -22.99
C LYS B 1102 4.46 -22.54 -23.50
N ALA B 1103 4.06 -21.50 -22.79
CA ALA B 1103 2.90 -20.71 -23.18
C ALA B 1103 1.65 -21.59 -23.31
N CYS B 1104 1.54 -22.58 -22.42
CA CYS B 1104 0.41 -23.50 -22.42
C CYS B 1104 -0.61 -23.16 -21.32
N GLY B 1105 -0.49 -22.00 -20.69
CA GLY B 1105 -1.51 -21.54 -19.77
C GLY B 1105 -1.77 -22.42 -18.58
N LEU B 1106 -0.72 -22.83 -17.87
CA LEU B 1106 -0.87 -23.71 -16.74
C LEU B 1106 -1.26 -22.92 -15.48
N THR B 1107 -1.71 -23.65 -14.46
CA THR B 1107 -2.22 -23.06 -13.22
C THR B 1107 -1.90 -24.02 -12.08
N SER B 1108 -2.62 -23.87 -10.96
CA SER B 1108 -2.24 -24.57 -9.73
C SER B 1108 -2.54 -26.06 -9.77
N ASP B 1109 -3.78 -26.44 -10.11
CA ASP B 1109 -4.15 -27.85 -10.05
C ASP B 1109 -3.33 -28.69 -11.03
N CYS B 1110 -3.18 -28.19 -12.27
CA CYS B 1110 -2.40 -28.93 -13.25
C CYS B 1110 -0.96 -29.05 -12.79
N CYS B 1111 -0.42 -28.03 -12.14
CA CYS B 1111 0.95 -28.12 -11.66
C CYS B 1111 1.07 -29.10 -10.50
N GLU B 1112 0.03 -29.23 -9.68
CA GLU B 1112 0.03 -30.27 -8.65
C GLU B 1112 0.07 -31.66 -9.25
N ALA B 1113 -0.79 -31.90 -10.24
CA ALA B 1113 -0.77 -33.20 -10.92
C ALA B 1113 0.57 -33.45 -11.60
N LEU B 1114 1.13 -32.41 -12.22
CA LEU B 1114 2.43 -32.54 -12.87
C LEU B 1114 3.53 -32.85 -11.85
N SER B 1115 3.46 -32.22 -10.67
CA SER B 1115 4.43 -32.49 -9.63
C SER B 1115 4.37 -33.94 -9.20
N LEU B 1116 3.16 -34.48 -9.03
CA LEU B 1116 3.04 -35.89 -8.69
C LEU B 1116 3.61 -36.76 -9.80
N ALA B 1117 3.31 -36.42 -11.07
CA ALA B 1117 3.82 -37.19 -12.19
C ALA B 1117 5.35 -37.23 -12.16
N LEU B 1118 6.00 -36.08 -12.01
CA LEU B 1118 7.45 -36.05 -11.94
C LEU B 1118 7.95 -36.85 -10.75
N SER B 1119 7.26 -36.79 -9.61
CA SER B 1119 7.63 -37.62 -8.48
C SER B 1119 7.62 -39.09 -8.84
N CYS B 1120 6.70 -39.49 -9.74
CA CYS B 1120 6.58 -40.89 -10.09
C CYS B 1120 7.53 -41.33 -11.21
N ASN B 1121 7.99 -40.39 -12.05
CA ASN B 1121 8.75 -40.75 -13.22
C ASN B 1121 10.26 -40.79 -12.93
N ARG B 1122 10.99 -41.52 -13.77
CA ARG B 1122 12.45 -41.60 -13.69
C ARG B 1122 13.15 -41.34 -15.02
N HIS B 1123 12.52 -41.65 -16.15
CA HIS B 1123 13.23 -41.60 -17.43
C HIS B 1123 13.38 -40.18 -17.96
N LEU B 1124 12.48 -39.27 -17.64
CA LEU B 1124 12.54 -37.92 -18.20
C LEU B 1124 13.79 -37.22 -17.70
N THR B 1125 14.42 -36.44 -18.59
CA THR B 1125 15.64 -35.72 -18.27
C THR B 1125 15.51 -34.21 -18.42
N SER B 1126 14.95 -33.74 -19.51
CA SER B 1126 14.78 -32.31 -19.75
C SER B 1126 13.31 -31.93 -19.74
N LEU B 1127 13.05 -30.69 -19.36
CA LEU B 1127 11.68 -30.18 -19.26
C LEU B 1127 11.71 -28.70 -19.56
N ASN B 1128 10.53 -28.11 -19.69
CA ASN B 1128 10.43 -26.68 -19.97
C ASN B 1128 9.07 -26.18 -19.50
N LEU B 1129 9.07 -25.17 -18.62
CA LEU B 1129 7.84 -24.50 -18.19
C LEU B 1129 8.15 -23.02 -18.05
N VAL B 1130 7.93 -22.28 -19.15
CA VAL B 1130 8.17 -20.84 -19.18
C VAL B 1130 6.95 -20.18 -19.79
N GLN B 1131 6.79 -18.89 -19.49
CA GLN B 1131 5.62 -18.13 -19.94
C GLN B 1131 4.33 -18.72 -19.38
N ASN B 1132 4.42 -19.44 -18.27
CA ASN B 1132 3.27 -20.02 -17.60
C ASN B 1132 3.05 -19.33 -16.26
N ASN B 1133 1.77 -19.21 -15.88
CA ASN B 1133 1.38 -18.46 -14.69
C ASN B 1133 1.18 -19.45 -13.55
N PHE B 1134 2.07 -19.42 -12.56
CA PHE B 1134 2.03 -20.32 -11.42
C PHE B 1134 1.84 -19.51 -10.14
N SER B 1135 0.92 -19.97 -9.29
CA SER B 1135 0.74 -19.35 -7.99
C SER B 1135 1.76 -19.90 -6.99
N PRO B 1136 2.07 -19.15 -5.93
CA PRO B 1136 3.12 -19.59 -5.01
C PRO B 1136 2.93 -20.99 -4.45
N LYS B 1137 1.68 -21.37 -4.13
CA LYS B 1137 1.44 -22.72 -3.60
C LYS B 1137 1.81 -23.79 -4.61
N GLY B 1138 1.40 -23.60 -5.86
CA GLY B 1138 1.77 -24.54 -6.90
C GLY B 1138 3.27 -24.66 -7.05
N MET B 1139 3.98 -23.55 -6.95
CA MET B 1139 5.43 -23.60 -7.05
C MET B 1139 6.05 -24.31 -5.84
N MET B 1140 5.46 -24.15 -4.65
CA MET B 1140 5.93 -24.93 -3.52
C MET B 1140 5.81 -26.42 -3.81
N LYS B 1141 4.67 -26.83 -4.36
CA LYS B 1141 4.49 -28.23 -4.73
C LYS B 1141 5.54 -28.66 -5.76
N LEU B 1142 5.75 -27.83 -6.78
CA LEU B 1142 6.68 -28.18 -7.85
C LEU B 1142 8.10 -28.34 -7.30
N CYS B 1143 8.52 -27.42 -6.43
CA CYS B 1143 9.87 -27.51 -5.87
C CYS B 1143 10.01 -28.74 -4.98
N SER B 1144 8.98 -29.04 -4.20
CA SER B 1144 9.01 -30.26 -3.38
C SER B 1144 9.17 -31.48 -4.27
N ALA B 1145 8.50 -31.50 -5.42
CA ALA B 1145 8.69 -32.59 -6.37
C ALA B 1145 10.10 -32.61 -6.91
N PHE B 1146 10.65 -31.43 -7.23
CA PHE B 1146 11.99 -31.36 -7.80
C PHE B 1146 13.02 -31.96 -6.86
N ALA B 1147 12.94 -31.63 -5.57
CA ALA B 1147 13.98 -32.05 -4.63
C ALA B 1147 14.01 -33.54 -4.39
N CYS B 1148 13.00 -34.29 -4.83
CA CYS B 1148 12.94 -35.71 -4.52
C CYS B 1148 14.08 -36.46 -5.21
N PRO B 1149 14.76 -37.38 -4.51
CA PRO B 1149 15.79 -38.18 -5.21
C PRO B 1149 15.25 -38.99 -6.37
N THR B 1150 13.99 -39.43 -6.30
CA THR B 1150 13.44 -40.29 -7.35
C THR B 1150 13.62 -39.66 -8.73
N SER B 1151 13.22 -38.41 -8.89
CA SER B 1151 13.25 -37.74 -10.18
C SER B 1151 14.62 -37.15 -10.44
N ASN B 1152 15.17 -37.41 -11.64
CA ASN B 1152 16.47 -36.89 -12.05
C ASN B 1152 16.28 -36.10 -13.34
N LEU B 1153 15.97 -34.82 -13.19
CA LEU B 1153 15.90 -33.88 -14.30
C LEU B 1153 17.21 -33.13 -14.35
N GLN B 1154 17.91 -33.20 -15.48
CA GLN B 1154 19.19 -32.54 -15.61
C GLN B 1154 19.07 -31.12 -16.17
N ILE B 1155 17.95 -30.78 -16.80
CA ILE B 1155 17.72 -29.45 -17.35
C ILE B 1155 16.28 -29.06 -17.06
N ILE B 1156 16.08 -27.82 -16.62
CA ILE B 1156 14.76 -27.30 -16.29
C ILE B 1156 14.64 -25.89 -16.85
N GLY B 1157 13.49 -25.58 -17.43
CA GLY B 1157 13.27 -24.26 -17.98
C GLY B 1157 12.42 -23.39 -17.07
N LEU B 1158 13.06 -22.47 -16.34
CA LEU B 1158 12.36 -21.57 -15.44
C LEU B 1158 13.24 -20.35 -15.19
N TRP B 1159 12.60 -19.21 -14.96
CA TRP B 1159 13.30 -17.97 -14.62
C TRP B 1159 13.32 -17.80 -13.11
N LYS B 1160 14.51 -17.83 -12.52
CA LYS B 1160 14.61 -17.68 -11.07
C LYS B 1160 14.09 -16.33 -10.60
N TRP B 1161 14.46 -15.26 -11.30
CA TRP B 1161 14.18 -13.92 -10.81
C TRP B 1161 12.72 -13.53 -10.91
N GLN B 1162 11.88 -14.37 -11.51
CA GLN B 1162 10.48 -14.04 -11.71
C GLN B 1162 9.63 -14.26 -10.45
N TYR B 1163 10.21 -14.80 -9.38
CA TYR B 1163 9.42 -15.26 -8.25
C TYR B 1163 9.87 -14.62 -6.93
N PRO B 1164 9.00 -14.59 -5.92
CA PRO B 1164 9.33 -13.89 -4.67
C PRO B 1164 10.54 -14.48 -3.97
N VAL B 1165 10.95 -13.82 -2.89
CA VAL B 1165 12.16 -14.20 -2.18
C VAL B 1165 12.04 -15.61 -1.61
N GLN B 1166 10.90 -15.95 -1.02
CA GLN B 1166 10.72 -17.29 -0.48
C GLN B 1166 10.91 -18.34 -1.58
N ILE B 1167 10.25 -18.13 -2.73
CA ILE B 1167 10.39 -19.08 -3.83
C ILE B 1167 11.81 -19.11 -4.35
N ARG B 1168 12.47 -17.95 -4.42
CA ARG B 1168 13.84 -17.92 -4.93
C ARG B 1168 14.77 -18.72 -4.03
N LYS B 1169 14.65 -18.54 -2.72
CA LYS B 1169 15.49 -19.31 -1.81
C LYS B 1169 15.11 -20.77 -1.82
N LEU B 1170 13.83 -21.09 -2.06
CA LEU B 1170 13.43 -22.49 -2.20
C LEU B 1170 14.10 -23.12 -3.41
N LEU B 1171 14.11 -22.42 -4.55
CA LEU B 1171 14.77 -22.94 -5.74
C LEU B 1171 16.26 -23.07 -5.52
N GLU B 1172 16.87 -22.09 -4.86
CA GLU B 1172 18.31 -22.20 -4.56
C GLU B 1172 18.58 -23.39 -3.66
N GLU B 1173 17.70 -23.66 -2.70
CA GLU B 1173 17.86 -24.82 -1.82
C GLU B 1173 17.74 -26.11 -2.62
N VAL B 1174 16.80 -26.16 -3.56
CA VAL B 1174 16.72 -27.31 -4.46
C VAL B 1174 18.00 -27.44 -5.25
N GLN B 1175 18.60 -26.33 -5.66
CA GLN B 1175 19.79 -26.34 -6.51
C GLN B 1175 21.01 -26.84 -5.74
N LEU B 1176 21.24 -26.33 -4.53
CA LEU B 1176 22.40 -26.79 -3.76
C LEU B 1176 22.31 -28.28 -3.50
N LEU B 1177 21.08 -28.80 -3.36
CA LEU B 1177 20.88 -30.24 -3.48
C LEU B 1177 20.92 -30.64 -4.94
N LYS B 1178 21.44 -31.83 -5.21
CA LYS B 1178 21.64 -32.25 -6.60
C LYS B 1178 22.44 -31.19 -7.33
N PRO B 1179 23.75 -31.06 -7.06
CA PRO B 1179 24.54 -30.01 -7.73
C PRO B 1179 24.56 -30.13 -9.25
N ARG B 1180 24.19 -31.29 -9.81
CA ARG B 1180 24.23 -31.48 -11.25
C ARG B 1180 23.13 -30.71 -11.98
N VAL B 1181 21.97 -30.53 -11.33
CA VAL B 1181 20.84 -29.91 -12.00
C VAL B 1181 21.19 -28.46 -12.37
N VAL B 1182 20.61 -27.99 -13.46
CA VAL B 1182 20.80 -26.62 -13.93
C VAL B 1182 19.42 -26.06 -14.26
N ILE B 1183 19.10 -24.90 -13.69
CA ILE B 1183 17.86 -24.20 -13.99
C ILE B 1183 18.24 -22.93 -14.75
N ASP B 1184 17.83 -22.84 -16.01
CA ASP B 1184 18.15 -21.71 -16.85
C ASP B 1184 16.95 -21.41 -17.74
N GLY B 1185 16.52 -20.13 -17.74
CA GLY B 1185 15.31 -19.79 -18.44
C GLY B 1185 15.38 -20.05 -19.93
N SER B 1186 16.47 -19.62 -20.56
CA SER B 1186 16.63 -19.81 -22.00
C SER B 1186 16.87 -21.29 -22.28
N TRP B 1187 15.84 -21.98 -22.75
CA TRP B 1187 15.95 -23.41 -23.00
C TRP B 1187 16.93 -23.63 -24.14
N HIS B 1188 17.16 -24.90 -24.48
CA HIS B 1188 18.19 -25.31 -25.41
C HIS B 1188 19.59 -25.17 -24.81
N SER B 1189 19.68 -25.10 -23.50
CA SER B 1189 20.97 -24.98 -22.83
C SER B 1189 21.61 -26.36 -22.69
N PHE B 1190 22.82 -26.50 -23.24
CA PHE B 1190 23.54 -27.76 -23.20
C PHE B 1190 22.79 -28.88 -23.93
N ASP B 1191 21.87 -28.51 -24.82
CA ASP B 1191 21.18 -29.49 -25.63
C ASP B 1191 22.11 -30.06 -26.69
N GLU B 1192 21.66 -31.14 -27.33
CA GLU B 1192 22.46 -31.75 -28.38
C GLU B 1192 22.76 -30.73 -29.46
N ASP B 1193 24.03 -30.65 -29.86
CA ASP B 1193 24.44 -29.66 -30.85
C ASP B 1193 23.88 -29.96 -32.23
N ASP B 1194 23.69 -31.25 -32.54
CA ASP B 1194 23.29 -31.63 -33.90
C ASP B 1194 21.94 -31.05 -34.26
N ARG B 1195 20.99 -31.05 -33.32
CA ARG B 1195 19.63 -30.64 -33.63
C ARG B 1195 19.61 -29.27 -34.31
N TYR B 1196 20.24 -28.28 -33.69
CA TYR B 1196 20.26 -26.94 -34.25
C TYR B 1196 21.33 -26.76 -35.32
N TRP B 1197 22.46 -27.47 -35.20
CA TRP B 1197 23.53 -27.29 -36.16
C TRP B 1197 23.08 -27.72 -37.55
N TRP B 1198 22.35 -28.83 -37.65
CA TRP B 1198 21.90 -29.28 -38.97
C TRP B 1198 21.11 -28.18 -39.67
N LYS B 1199 20.13 -27.60 -38.97
CA LYS B 1199 19.25 -26.62 -39.60
C LYS B 1199 20.05 -25.47 -40.18
N ASN B 1200 20.94 -24.88 -39.38
CA ASN B 1200 21.85 -23.87 -39.86
C ASN B 1200 22.89 -23.53 -38.79
N PRO C 32 45.66 29.16 -25.58
CA PRO C 32 44.47 28.74 -24.82
C PRO C 32 43.18 29.09 -25.53
N GLN C 33 42.35 28.09 -25.82
CA GLN C 33 41.08 28.27 -26.50
C GLN C 33 39.95 27.89 -25.57
N ILE C 34 38.91 28.70 -25.53
CA ILE C 34 37.76 28.50 -24.65
C ILE C 34 36.53 28.30 -25.53
N ARG C 35 35.77 27.23 -25.24
CA ARG C 35 34.61 26.88 -26.05
C ARG C 35 33.41 26.58 -25.16
N ILE C 36 32.23 26.89 -25.69
CA ILE C 36 30.98 26.51 -25.03
C ILE C 36 30.72 25.02 -25.26
N ARG C 37 30.20 24.34 -24.23
CA ARG C 37 29.78 22.97 -24.39
C ARG C 37 28.37 22.80 -23.83
N PRO C 38 27.47 22.16 -24.56
CA PRO C 38 26.09 22.02 -24.06
C PRO C 38 26.01 21.14 -22.83
N TRP C 39 24.94 21.36 -22.05
CA TRP C 39 24.73 20.60 -20.83
C TRP C 39 24.54 19.12 -21.09
N TRP C 40 24.12 18.72 -22.29
CA TRP C 40 23.77 17.34 -22.56
C TRP C 40 24.95 16.49 -22.99
N PHE C 41 26.16 17.05 -23.05
CA PHE C 41 27.35 16.26 -23.35
C PHE C 41 28.08 15.93 -22.06
N PRO C 42 28.23 14.66 -21.70
CA PRO C 42 28.95 14.34 -20.46
C PRO C 42 30.41 14.76 -20.53
N VAL C 43 30.96 15.12 -19.37
CA VAL C 43 32.36 15.52 -19.31
C VAL C 43 33.26 14.32 -19.56
N GLN C 44 32.74 13.10 -19.39
CA GLN C 44 33.59 11.91 -19.51
C GLN C 44 34.04 11.70 -20.95
N GLU C 45 33.19 12.02 -21.92
CA GLU C 45 33.52 11.78 -23.32
C GLU C 45 34.62 12.69 -23.84
N LEU C 46 34.98 13.75 -23.09
CA LEU C 46 35.97 14.70 -23.57
C LEU C 46 37.36 14.08 -23.72
N ARG C 47 37.59 12.90 -23.17
CA ARG C 47 38.91 12.28 -23.27
C ARG C 47 39.15 11.75 -24.67
N ASP C 48 40.41 11.81 -25.11
CA ASP C 48 40.84 11.21 -26.36
C ASP C 48 40.10 11.81 -27.56
N PRO C 49 40.37 13.04 -27.93
CA PRO C 49 39.81 13.60 -29.16
C PRO C 49 40.53 13.07 -30.39
N LEU C 50 39.96 13.39 -31.56
CA LEU C 50 40.47 12.97 -32.85
C LEU C 50 40.66 14.19 -33.73
N VAL C 51 41.76 14.23 -34.48
CA VAL C 51 42.15 15.42 -35.24
C VAL C 51 42.42 15.03 -36.69
N PHE C 52 42.15 15.96 -37.60
CA PHE C 52 42.50 15.77 -39.01
C PHE C 52 42.30 17.09 -39.75
N TYR C 53 43.11 17.32 -40.78
CA TYR C 53 43.17 18.60 -41.46
C TYR C 53 42.50 18.54 -42.83
N LEU C 54 42.26 19.73 -43.39
CA LEU C 54 41.70 19.88 -44.72
C LEU C 54 42.13 21.25 -45.27
N GLU C 55 41.63 21.58 -46.46
CA GLU C 55 41.94 22.87 -47.07
C GLU C 55 41.01 23.95 -46.53
N ALA C 56 41.52 25.19 -46.53
CA ALA C 56 40.79 26.29 -45.90
C ALA C 56 39.52 26.64 -46.68
N TRP C 57 39.64 26.82 -47.99
CA TRP C 57 38.46 27.13 -48.79
C TRP C 57 37.43 26.01 -48.71
N LEU C 58 37.90 24.77 -48.73
CA LEU C 58 36.98 23.64 -48.67
C LEU C 58 36.19 23.64 -47.38
N ALA C 59 36.86 23.92 -46.25
CA ALA C 59 36.14 24.08 -45.00
C ALA C 59 35.19 25.27 -45.05
N ASP C 60 35.60 26.35 -45.70
CA ASP C 60 34.73 27.51 -45.82
C ASP C 60 33.38 27.13 -46.42
N GLU C 61 33.40 26.40 -47.54
CA GLU C 61 32.11 26.00 -48.10
C GLU C 61 31.48 24.81 -47.39
N LEU C 62 32.26 24.02 -46.65
CA LEU C 62 31.65 22.93 -45.89
C LEU C 62 30.76 23.48 -44.78
N PHE C 63 31.29 24.42 -43.99
CA PHE C 63 30.56 24.94 -42.83
C PHE C 63 30.05 26.36 -43.03
N GLY C 64 30.52 27.07 -44.04
CA GLY C 64 30.10 28.42 -44.28
C GLY C 64 30.98 29.43 -43.56
N PRO C 65 31.00 30.67 -44.02
CA PRO C 65 31.80 31.69 -43.34
C PRO C 65 31.38 31.93 -41.90
N ASP C 66 30.12 31.66 -41.56
CA ASP C 66 29.60 32.00 -40.24
C ASP C 66 29.63 30.83 -39.26
N ARG C 67 29.83 29.61 -39.74
CA ARG C 67 29.81 28.43 -38.88
C ARG C 67 28.48 28.32 -38.13
N ALA C 68 27.39 28.68 -38.81
CA ALA C 68 26.09 28.76 -38.16
C ALA C 68 25.41 27.42 -38.03
N ILE C 69 25.89 26.37 -38.69
CA ILE C 69 25.22 25.07 -38.67
C ILE C 69 25.88 24.08 -37.73
N ILE C 70 26.97 24.47 -37.07
CA ILE C 70 27.65 23.53 -36.16
C ILE C 70 26.71 23.07 -35.04
N PRO C 71 25.92 23.93 -34.40
CA PRO C 71 25.06 23.43 -33.31
C PRO C 71 24.08 22.35 -33.74
N GLU C 72 23.45 22.50 -34.90
CA GLU C 72 22.48 21.50 -35.33
C GLU C 72 23.14 20.17 -35.64
N MET C 73 24.30 20.21 -36.31
CA MET C 73 25.02 18.97 -36.60
C MET C 73 25.49 18.31 -35.31
N GLU C 74 25.93 19.10 -34.34
CA GLU C 74 26.34 18.53 -33.06
C GLU C 74 25.16 17.86 -32.37
N TRP C 75 23.99 18.49 -32.37
CA TRP C 75 22.84 17.88 -31.72
C TRP C 75 22.42 16.59 -32.42
N THR C 76 22.34 16.62 -33.76
CA THR C 76 21.85 15.45 -34.48
C THR C 76 22.85 14.30 -34.42
N SER C 77 24.14 14.59 -34.34
CA SER C 77 25.17 13.56 -34.26
C SER C 77 25.59 13.23 -32.83
N GLN C 78 25.28 14.10 -31.87
CA GLN C 78 25.66 13.90 -30.48
C GLN C 78 27.19 13.83 -30.33
N ALA C 79 27.85 14.83 -30.89
CA ALA C 79 29.30 14.96 -30.78
C ALA C 79 29.66 16.42 -31.00
N LEU C 80 30.78 16.85 -30.42
CA LEU C 80 31.21 18.23 -30.48
C LEU C 80 32.31 18.41 -31.53
N LEU C 81 32.15 19.42 -32.38
CA LEU C 81 33.12 19.76 -33.41
C LEU C 81 33.89 21.00 -33.00
N THR C 82 35.01 21.24 -33.69
CA THR C 82 35.77 22.47 -33.53
C THR C 82 36.60 22.68 -34.77
N VAL C 83 36.47 23.85 -35.39
CA VAL C 83 37.15 24.16 -36.64
C VAL C 83 38.08 25.34 -36.38
N ASP C 84 39.36 25.17 -36.73
CA ASP C 84 40.37 26.18 -36.51
C ASP C 84 41.22 26.32 -37.77
N ILE C 85 41.83 27.50 -37.92
CA ILE C 85 42.68 27.80 -39.07
C ILE C 85 44.12 27.84 -38.59
N VAL C 86 45.00 27.14 -39.29
CA VAL C 86 46.42 27.18 -38.94
C VAL C 86 46.92 28.62 -39.11
N ASP C 87 48.02 28.93 -38.42
CA ASP C 87 48.56 30.28 -38.49
C ASP C 87 48.93 30.65 -39.92
N SER C 88 49.48 29.70 -40.68
CA SER C 88 49.81 29.97 -42.07
C SER C 88 48.58 30.28 -42.91
N GLY C 89 47.41 29.77 -42.52
CA GLY C 89 46.20 30.01 -43.29
C GLY C 89 45.99 29.08 -44.45
N ASN C 90 46.72 27.97 -44.51
CA ASN C 90 46.60 27.01 -45.60
C ASN C 90 45.78 25.78 -45.23
N LEU C 91 45.86 25.34 -43.98
CA LEU C 91 45.19 24.13 -43.52
C LEU C 91 44.16 24.49 -42.47
N VAL C 92 43.22 23.57 -42.25
CA VAL C 92 42.14 23.75 -41.27
C VAL C 92 42.06 22.49 -40.41
N GLU C 93 42.08 22.68 -39.09
CA GLU C 93 42.09 21.58 -38.14
C GLU C 93 40.67 21.34 -37.61
N ILE C 94 40.24 20.08 -37.63
CA ILE C 94 38.93 19.69 -37.13
C ILE C 94 39.12 18.66 -36.02
N THR C 95 38.50 18.90 -34.87
CA THR C 95 38.60 17.99 -33.74
C THR C 95 37.20 17.58 -33.32
N VAL C 96 37.04 16.29 -32.99
CA VAL C 96 35.73 15.71 -32.69
C VAL C 96 35.80 15.03 -31.33
N PHE C 97 34.80 15.30 -30.49
CA PHE C 97 34.67 14.69 -29.16
C PHE C 97 33.52 13.69 -29.19
N GLY C 98 33.74 12.53 -28.60
CA GLY C 98 32.68 11.53 -28.52
C GLY C 98 33.27 10.15 -28.40
N ARG C 99 32.37 9.17 -28.34
CA ARG C 99 32.80 7.78 -28.35
C ARG C 99 33.52 7.49 -29.66
N PRO C 100 34.55 6.64 -29.63
CA PRO C 100 35.44 6.53 -30.80
C PRO C 100 34.71 6.21 -32.09
N ARG C 101 33.68 5.36 -32.05
CA ARG C 101 32.99 5.01 -33.29
C ARG C 101 32.28 6.22 -33.88
N VAL C 102 31.72 7.08 -33.03
CA VAL C 102 31.10 8.31 -33.52
C VAL C 102 32.17 9.20 -34.15
N GLN C 103 33.35 9.29 -33.54
CA GLN C 103 34.43 10.06 -34.12
C GLN C 103 34.75 9.56 -35.52
N ASN C 104 34.94 8.25 -35.67
CA ASN C 104 35.28 7.68 -36.96
C ASN C 104 34.19 7.93 -37.98
N ARG C 105 32.93 7.78 -37.57
CA ARG C 105 31.82 7.96 -38.48
C ARG C 105 31.73 9.40 -38.97
N VAL C 106 31.84 10.36 -38.04
CA VAL C 106 31.79 11.77 -38.43
C VAL C 106 32.95 12.11 -39.35
N LYS C 107 34.14 11.57 -39.05
CA LYS C 107 35.28 11.81 -39.92
C LYS C 107 35.00 11.33 -41.34
N SER C 108 34.46 10.12 -41.46
CA SER C 108 34.20 9.57 -42.78
C SER C 108 33.16 10.40 -43.53
N MET C 109 32.10 10.82 -42.85
CA MET C 109 31.09 11.62 -43.54
C MET C 109 31.66 12.95 -44.02
N LEU C 110 32.42 13.63 -43.16
CA LEU C 110 33.02 14.89 -43.58
C LEU C 110 33.99 14.69 -44.74
N LEU C 111 34.77 13.60 -44.71
CA LEU C 111 35.71 13.35 -45.80
C LEU C 111 34.98 13.08 -47.11
N CYS C 112 33.87 12.33 -47.06
CA CYS C 112 33.10 12.09 -48.28
C CYS C 112 32.55 13.41 -48.82
N LEU C 113 32.03 14.27 -47.95
CA LEU C 113 31.55 15.57 -48.40
C LEU C 113 32.69 16.40 -49.00
N ALA C 114 33.87 16.32 -48.39
CA ALA C 114 35.02 17.04 -48.92
C ALA C 114 35.37 16.57 -50.32
N TRP C 115 35.37 15.25 -50.54
CA TRP C 115 35.64 14.75 -51.88
C TRP C 115 34.58 15.22 -52.86
N PHE C 116 33.31 15.19 -52.46
CA PHE C 116 32.28 15.65 -53.38
C PHE C 116 32.51 17.10 -53.76
N HIS C 117 32.88 17.94 -52.79
CA HIS C 117 33.10 19.34 -53.12
C HIS C 117 34.33 19.50 -54.01
N ARG C 118 35.37 18.70 -53.77
CA ARG C 118 36.57 18.78 -54.61
C ARG C 118 36.25 18.41 -56.06
N GLU C 119 35.52 17.31 -56.26
CA GLU C 119 35.17 16.91 -57.62
C GLU C 119 34.17 17.87 -58.24
N HIS C 120 33.30 18.50 -57.43
CA HIS C 120 32.40 19.51 -57.96
C HIS C 120 33.16 20.74 -58.42
N ARG C 121 34.18 21.16 -57.65
CA ARG C 121 35.05 22.24 -58.08
C ARG C 121 35.74 21.88 -59.39
N ALA C 122 36.21 20.63 -59.50
CA ALA C 122 36.82 20.20 -60.75
C ALA C 122 35.83 20.23 -61.91
N ARG C 123 34.56 19.94 -61.63
CA ARG C 123 33.57 19.83 -62.69
C ARG C 123 33.16 21.21 -63.22
N ALA C 124 33.14 22.22 -62.36
CA ALA C 124 32.71 23.56 -62.76
C ALA C 124 33.91 24.43 -63.13
N LEU D 146 21.64 -5.83 -8.62
CA LEU D 146 21.75 -4.76 -7.61
C LEU D 146 21.20 -5.24 -6.27
N PHE D 147 19.95 -4.89 -5.96
CA PHE D 147 19.33 -5.34 -4.72
C PHE D 147 19.09 -6.84 -4.77
N TRP D 148 18.75 -7.36 -5.95
CA TRP D 148 18.47 -8.78 -6.11
C TRP D 148 19.69 -9.63 -5.77
N ASP D 149 20.87 -9.23 -6.23
CA ASP D 149 22.08 -9.98 -5.95
C ASP D 149 22.59 -9.70 -4.54
N LYS D 150 23.46 -10.58 -4.06
CA LYS D 150 24.04 -10.40 -2.73
C LYS D 150 24.86 -9.11 -2.67
N GLU D 151 25.66 -8.85 -3.69
CA GLU D 151 26.44 -7.61 -3.76
C GLU D 151 26.87 -7.36 -5.20
N PRO D 152 26.58 -6.17 -5.76
CA PRO D 152 26.97 -5.90 -7.14
C PRO D 152 28.40 -5.37 -7.25
N TRP D 153 29.22 -6.02 -8.07
CA TRP D 153 30.62 -5.66 -8.24
C TRP D 153 30.91 -5.43 -9.71
N PHE D 154 31.89 -4.56 -9.97
CA PHE D 154 32.41 -4.33 -11.30
C PHE D 154 33.79 -4.98 -11.41
N TRP D 155 34.35 -4.93 -12.62
CA TRP D 155 35.63 -5.59 -12.86
C TRP D 155 36.79 -4.82 -12.23
N HIS D 156 36.79 -3.49 -12.37
CA HIS D 156 37.87 -2.68 -11.78
C HIS D 156 37.66 -2.42 -10.29
N ASP D 157 36.45 -2.62 -9.79
CA ASP D 157 36.16 -2.31 -8.40
C ASP D 157 36.94 -3.22 -7.46
N THR D 158 37.10 -4.50 -7.81
CA THR D 158 37.86 -5.40 -6.96
C THR D 158 39.34 -5.00 -6.90
N LEU D 159 39.90 -4.58 -8.04
CA LEU D 159 41.29 -4.09 -8.02
C LEU D 159 41.40 -2.84 -7.16
N THR D 160 40.44 -1.93 -7.27
CA THR D 160 40.46 -0.74 -6.42
C THR D 160 40.39 -1.12 -4.96
N GLU D 161 39.55 -2.11 -4.62
CA GLU D 161 39.44 -2.56 -3.24
C GLU D 161 40.76 -3.13 -2.74
N GLN D 162 41.40 -3.96 -3.55
CA GLN D 162 42.69 -4.54 -3.13
C GLN D 162 43.74 -3.46 -2.93
N LEU D 163 43.81 -2.49 -3.85
CA LEU D 163 44.77 -1.41 -3.70
C LEU D 163 44.47 -0.56 -2.47
N TRP D 164 43.18 -0.36 -2.16
CA TRP D 164 42.83 0.37 -0.95
C TRP D 164 43.29 -0.39 0.29
N ARG D 165 43.09 -1.71 0.32
CA ARG D 165 43.57 -2.49 1.46
C ARG D 165 45.08 -2.38 1.59
N ILE D 166 45.80 -2.44 0.47
CA ILE D 166 47.25 -2.31 0.52
C ILE D 166 47.64 -0.94 1.07
N PHE D 167 46.97 0.12 0.61
CA PHE D 167 47.31 1.47 1.03
C PHE D 167 47.02 1.69 2.51
N ALA D 168 45.88 1.18 3.00
CA ALA D 168 45.49 1.40 4.37
C ALA D 168 46.34 0.64 5.38
N GLY D 169 47.09 -0.37 4.93
CA GLY D 169 47.95 -1.12 5.81
C GLY D 169 47.26 -2.20 6.63
N VAL D 170 45.97 -2.40 6.43
CA VAL D 170 45.23 -3.41 7.19
C VAL D 170 45.39 -4.76 6.54
N SER D 241 25.98 -13.25 -14.04
CA SER D 241 27.23 -13.85 -13.62
C SER D 241 27.71 -13.20 -12.33
N ARG D 242 29.03 -13.19 -12.11
CA ARG D 242 29.60 -12.63 -10.89
C ARG D 242 29.77 -11.12 -10.97
N PHE D 243 30.09 -10.58 -12.14
CA PHE D 243 30.32 -9.15 -12.32
C PHE D 243 29.16 -8.52 -13.07
N LEU D 244 28.67 -7.39 -12.56
CA LEU D 244 27.66 -6.62 -13.26
C LEU D 244 28.23 -6.02 -14.54
N GLN D 245 27.37 -5.83 -15.52
CA GLN D 245 27.73 -5.22 -16.79
C GLN D 245 27.08 -3.85 -16.91
N SER D 246 27.59 -3.06 -17.86
CA SER D 246 27.02 -1.77 -18.19
C SER D 246 26.11 -1.90 -19.41
N ILE D 247 25.32 -0.85 -19.66
CA ILE D 247 24.33 -0.91 -20.73
C ILE D 247 24.98 -0.52 -22.04
N SER D 248 24.65 -1.25 -23.10
CA SER D 248 25.28 -1.11 -24.40
C SER D 248 24.32 -0.46 -25.39
N TRP D 249 24.87 0.40 -26.24
CA TRP D 249 24.08 1.24 -27.13
C TRP D 249 24.11 0.79 -28.58
N ASP D 250 25.26 0.37 -29.10
CA ASP D 250 25.39 0.09 -30.52
C ASP D 250 24.63 -1.18 -30.88
N PRO D 251 23.83 -1.18 -31.95
CA PRO D 251 23.12 -2.41 -32.31
C PRO D 251 24.04 -3.57 -32.63
N GLU D 252 25.27 -3.29 -33.10
CA GLU D 252 26.19 -4.37 -33.41
C GLU D 252 26.72 -5.04 -32.16
N ASP D 253 26.81 -4.32 -31.06
CA ASP D 253 27.25 -4.87 -29.78
C ASP D 253 26.17 -5.75 -29.15
N PHE D 254 24.90 -5.50 -29.48
CA PHE D 254 23.80 -6.18 -28.80
C PHE D 254 23.91 -7.70 -28.92
N GLU D 255 24.08 -8.21 -30.14
CA GLU D 255 24.51 -9.59 -30.39
C GLU D 255 23.76 -10.61 -29.52
N ASP D 256 22.47 -10.77 -29.80
CA ASP D 256 21.69 -11.86 -29.26
C ASP D 256 21.35 -12.82 -30.38
N ALA D 257 21.51 -14.12 -30.14
CA ALA D 257 21.32 -15.12 -31.19
C ALA D 257 19.87 -15.13 -31.66
N TRP D 258 19.68 -15.40 -32.94
CA TRP D 258 18.35 -15.49 -33.51
C TRP D 258 17.57 -16.64 -32.89
N LYS D 259 16.29 -16.40 -32.63
CA LYS D 259 15.43 -17.46 -32.08
C LYS D 259 15.22 -18.55 -33.11
N ARG D 260 15.12 -19.79 -32.62
CA ARG D 260 15.00 -20.94 -33.50
C ARG D 260 14.02 -21.96 -32.93
N LYS D 269 11.73 -2.29 -36.84
CA LYS D 269 12.96 -3.04 -37.06
C LYS D 269 12.73 -4.52 -36.83
N ARG D 270 12.43 -4.88 -35.59
CA ARG D 270 12.18 -6.25 -35.22
C ARG D 270 10.94 -6.30 -34.34
N LEU D 271 10.06 -7.27 -34.64
CA LEU D 271 8.79 -7.43 -33.94
C LEU D 271 8.84 -8.59 -32.94
N ALA D 272 10.03 -9.05 -32.60
CA ALA D 272 10.18 -10.18 -31.69
C ALA D 272 9.79 -9.79 -30.27
N VAL D 273 9.11 -10.71 -29.59
CA VAL D 273 8.69 -10.51 -28.21
C VAL D 273 9.90 -10.72 -27.31
N PRO D 274 10.13 -9.86 -26.32
CA PRO D 274 11.32 -10.01 -25.48
C PRO D 274 11.27 -11.28 -24.64
N CYS D 275 12.43 -11.67 -24.12
CA CYS D 275 12.52 -12.90 -23.35
C CYS D 275 13.45 -12.84 -22.14
N LYS D 276 14.02 -11.68 -21.81
CA LYS D 276 14.94 -11.62 -20.67
C LYS D 276 15.04 -10.20 -20.17
N LEU D 277 15.37 -10.07 -18.88
CA LEU D 277 15.52 -8.77 -18.22
C LEU D 277 16.72 -8.81 -17.29
N GLU D 278 17.22 -7.62 -16.95
CA GLU D 278 18.26 -7.50 -15.94
C GLU D 278 18.32 -6.06 -15.47
N LYS D 279 18.23 -5.86 -14.16
CA LYS D 279 18.37 -4.53 -13.58
C LYS D 279 19.81 -4.07 -13.72
N MET D 280 20.01 -2.80 -14.05
CA MET D 280 21.35 -2.29 -14.27
C MET D 280 21.64 -0.93 -13.66
N ARG D 281 20.72 -0.33 -12.91
CA ARG D 281 21.04 0.88 -12.16
C ARG D 281 19.88 1.22 -11.23
N ILE D 282 20.21 1.97 -10.17
CA ILE D 282 19.23 2.48 -9.22
C ILE D 282 19.48 3.97 -9.08
N LEU D 283 18.41 4.77 -9.08
CA LEU D 283 18.50 6.22 -9.06
C LEU D 283 17.81 6.75 -7.81
N ALA D 284 18.58 7.32 -6.90
CA ALA D 284 18.05 7.83 -5.63
C ALA D 284 17.56 9.26 -5.83
N HIS D 285 16.25 9.45 -5.71
CA HIS D 285 15.65 10.77 -5.91
C HIS D 285 15.49 11.57 -4.63
N GLY D 286 15.40 10.91 -3.48
CA GLY D 286 15.28 11.62 -2.22
C GLY D 286 13.87 11.95 -1.78
N GLU D 287 12.88 11.69 -2.62
CA GLU D 287 11.49 11.89 -2.24
C GLU D 287 10.62 11.09 -3.19
N LEU D 288 9.34 10.97 -2.84
CA LEU D 288 8.45 10.09 -3.58
C LEU D 288 8.44 10.46 -5.07
N VAL D 289 8.56 9.44 -5.91
CA VAL D 289 8.60 9.61 -7.35
C VAL D 289 7.19 9.44 -7.90
N LEU D 290 6.71 10.45 -8.62
CA LEU D 290 5.37 10.42 -9.19
C LEU D 290 5.35 10.07 -10.67
N ALA D 291 6.41 10.40 -11.40
CA ALA D 291 6.46 10.15 -12.83
C ALA D 291 7.90 9.96 -13.27
N THR D 292 8.07 9.41 -14.47
CA THR D 292 9.40 9.21 -15.03
C THR D 292 9.32 9.34 -16.55
N ALA D 293 10.49 9.43 -17.16
CA ALA D 293 10.62 9.45 -18.61
C ALA D 293 12.03 9.07 -18.96
N ILE D 294 12.21 8.39 -20.09
CA ILE D 294 13.51 7.91 -20.52
C ILE D 294 13.71 8.27 -21.98
N SER D 295 14.93 8.73 -22.29
CA SER D 295 15.34 9.04 -23.65
C SER D 295 16.52 8.16 -24.02
N SER D 296 16.53 7.67 -25.26
CA SER D 296 17.64 6.85 -25.75
C SER D 296 18.47 7.55 -26.82
N PHE D 297 17.91 8.51 -27.53
CA PHE D 297 18.73 9.31 -28.43
C PHE D 297 19.79 10.07 -27.64
N THR D 298 19.36 10.79 -26.61
CA THR D 298 20.22 11.24 -25.53
C THR D 298 20.11 10.22 -24.41
N ARG D 299 21.13 10.14 -23.55
CA ARG D 299 21.18 9.08 -22.58
C ARG D 299 20.45 9.40 -21.28
N HIS D 300 19.78 10.54 -21.17
CA HIS D 300 19.32 11.01 -19.88
C HIS D 300 18.04 10.30 -19.45
N VAL D 301 17.75 10.39 -18.15
CA VAL D 301 16.52 9.92 -17.52
C VAL D 301 15.96 11.06 -16.69
N PHE D 302 14.64 11.18 -16.67
CA PHE D 302 13.97 12.26 -15.95
C PHE D 302 13.08 11.67 -14.86
N THR D 303 13.25 12.17 -13.64
CA THR D 303 12.46 11.76 -12.48
C THR D 303 11.69 12.95 -11.94
N CYS D 304 10.48 12.72 -11.46
CA CYS D 304 9.61 13.79 -10.99
C CYS D 304 9.21 13.53 -9.55
N GLY D 305 9.05 14.60 -8.79
CA GLY D 305 8.59 14.52 -7.42
C GLY D 305 7.71 15.72 -7.12
N ARG D 306 7.18 15.76 -5.89
CA ARG D 306 6.29 16.86 -5.55
C ARG D 306 7.01 18.20 -5.47
N ARG D 307 8.34 18.21 -5.40
CA ARG D 307 9.10 19.44 -5.18
C ARG D 307 9.96 19.86 -6.35
N GLY D 308 10.32 18.95 -7.25
CA GLY D 308 11.14 19.32 -8.38
C GLY D 308 11.41 18.13 -9.28
N ILE D 309 12.16 18.41 -10.35
CA ILE D 309 12.53 17.42 -11.36
C ILE D 309 14.04 17.26 -11.34
N LYS D 310 14.52 16.03 -11.48
CA LYS D 310 15.94 15.74 -11.48
C LYS D 310 16.31 14.94 -12.73
N VAL D 311 17.38 15.34 -13.38
CA VAL D 311 17.82 14.75 -14.66
C VAL D 311 19.06 13.93 -14.39
N TRP D 312 19.04 12.67 -14.82
CA TRP D 312 20.16 11.75 -14.63
C TRP D 312 20.79 11.43 -15.97
N SER D 313 22.01 10.88 -15.91
CA SER D 313 22.76 10.48 -17.09
C SER D 313 23.14 9.01 -16.97
N LEU D 314 23.01 8.28 -18.08
CA LEU D 314 23.24 6.84 -18.10
C LEU D 314 24.60 6.47 -18.69
N THR D 315 25.48 7.44 -18.87
CA THR D 315 26.75 7.17 -19.54
C THR D 315 27.80 6.60 -18.61
N GLY D 316 27.83 7.01 -17.35
CA GLY D 316 28.81 6.49 -16.42
C GLY D 316 28.52 5.06 -16.01
N GLN D 317 29.45 4.49 -15.25
CA GLN D 317 29.31 3.13 -14.74
C GLN D 317 29.38 3.15 -13.22
N VAL D 318 28.26 2.88 -12.57
CA VAL D 318 28.18 2.83 -11.11
C VAL D 318 26.89 2.13 -10.71
N ALA D 319 26.93 1.36 -9.63
CA ALA D 319 25.78 0.56 -9.23
C ALA D 319 24.60 1.44 -8.85
N GLU D 320 24.82 2.41 -7.96
CA GLU D 320 23.80 3.36 -7.57
C GLU D 320 24.39 4.76 -7.56
N ASP D 321 23.68 5.71 -8.16
CA ASP D 321 24.18 7.07 -8.33
C ASP D 321 23.39 8.02 -7.45
N ARG D 322 24.08 9.00 -6.89
CA ARG D 322 23.48 9.98 -6.00
C ARG D 322 23.62 11.40 -6.49
N PHE D 323 24.20 11.63 -7.68
CA PHE D 323 24.51 12.96 -8.16
C PHE D 323 23.81 13.23 -9.48
N PRO D 324 22.70 13.98 -9.49
CA PRO D 324 21.99 14.23 -10.73
C PRO D 324 22.81 15.06 -11.71
N GLU D 325 22.48 14.89 -12.99
CA GLU D 325 23.07 15.75 -14.01
C GLU D 325 22.58 17.19 -13.86
N SER D 326 21.38 17.37 -13.32
CA SER D 326 20.81 18.70 -13.09
C SER D 326 19.65 18.55 -12.12
N HIS D 327 19.22 19.68 -11.57
CA HIS D 327 18.06 19.70 -10.68
C HIS D 327 17.27 20.96 -10.96
N LEU D 328 15.96 20.81 -11.17
CA LEU D 328 15.09 21.91 -11.57
C LEU D 328 14.02 22.11 -10.50
N PRO D 329 14.31 22.87 -9.45
CA PRO D 329 13.35 23.03 -8.36
C PRO D 329 12.26 24.03 -8.71
N ILE D 330 11.13 23.89 -8.03
CA ILE D 330 10.00 24.79 -8.17
C ILE D 330 9.71 25.34 -6.78
N GLN D 331 9.84 26.65 -6.62
CA GLN D 331 9.61 27.32 -5.35
C GLN D 331 8.39 28.22 -5.47
N THR D 332 7.33 27.88 -4.74
CA THR D 332 6.16 28.73 -4.60
C THR D 332 5.35 28.20 -3.43
N PRO D 333 4.95 29.05 -2.48
CA PRO D 333 4.21 28.54 -1.31
C PRO D 333 2.99 27.74 -1.75
N GLY D 334 2.94 26.48 -1.33
CA GLY D 334 1.85 25.62 -1.71
C GLY D 334 1.78 25.29 -3.19
N ALA D 335 2.92 24.97 -3.80
CA ALA D 335 2.98 24.55 -5.18
C ALA D 335 3.62 23.16 -5.25
N PHE D 336 3.08 22.31 -6.11
CA PHE D 336 3.46 20.90 -6.19
C PHE D 336 3.61 20.50 -7.65
N LEU D 337 4.10 19.27 -7.85
CA LEU D 337 4.20 18.69 -9.18
C LEU D 337 3.51 17.33 -9.18
N ARG D 338 2.83 17.02 -10.27
CA ARG D 338 2.19 15.72 -10.43
C ARG D 338 2.69 14.98 -11.66
N THR D 339 2.84 15.68 -12.77
CA THR D 339 3.02 15.06 -14.07
C THR D 339 4.26 15.58 -14.75
N CYS D 340 4.66 14.86 -15.80
CA CYS D 340 5.77 15.23 -16.65
C CYS D 340 5.62 14.45 -17.96
N LEU D 341 6.19 14.97 -19.02
CA LEU D 341 6.04 14.35 -20.33
C LEU D 341 7.16 14.79 -21.24
N LEU D 342 7.80 13.82 -21.88
CA LEU D 342 8.91 14.06 -22.78
C LEU D 342 8.44 13.89 -24.22
N SER D 343 8.62 14.94 -25.02
CA SER D 343 8.28 14.84 -26.44
C SER D 343 9.02 13.67 -27.08
N SER D 344 8.49 13.20 -28.20
CA SER D 344 9.07 12.02 -28.82
C SER D 344 10.45 12.30 -29.39
N ASN D 345 10.69 13.50 -29.90
CA ASN D 345 11.97 13.85 -30.50
C ASN D 345 13.02 14.20 -29.46
N SER D 346 12.65 14.23 -28.18
CA SER D 346 13.61 14.48 -27.09
C SER D 346 14.17 15.89 -27.14
N ARG D 347 13.30 16.86 -27.47
CA ARG D 347 13.72 18.25 -27.56
C ARG D 347 12.92 19.19 -26.66
N SER D 348 11.98 18.67 -25.88
CA SER D 348 11.24 19.50 -24.94
C SER D 348 10.68 18.61 -23.85
N LEU D 349 10.19 19.23 -22.79
CA LEU D 349 9.66 18.50 -21.64
C LEU D 349 8.60 19.35 -20.95
N LEU D 350 7.43 18.78 -20.75
CA LEU D 350 6.29 19.49 -20.17
C LEU D 350 6.20 19.19 -18.68
N THR D 351 5.65 20.14 -17.93
CA THR D 351 5.55 20.00 -16.48
C THR D 351 4.30 20.73 -15.99
N GLY D 352 3.68 20.20 -14.96
CA GLY D 352 2.49 20.81 -14.40
C GLY D 352 2.20 20.29 -13.01
N GLY D 353 1.34 21.00 -12.31
CA GLY D 353 0.99 20.61 -10.96
C GLY D 353 -0.14 21.45 -10.40
N TYR D 354 -0.33 21.35 -9.10
CA TYR D 354 -1.38 22.07 -8.40
C TYR D 354 -0.95 23.50 -8.08
N ASN D 355 -1.93 24.38 -7.97
CA ASN D 355 -1.71 25.74 -7.50
C ASN D 355 -0.55 26.42 -8.21
N LEU D 356 -0.26 26.03 -9.44
CA LEU D 356 0.84 26.60 -10.20
C LEU D 356 0.29 27.51 -11.29
N ALA D 357 1.04 28.58 -11.58
CA ALA D 357 0.53 29.65 -12.42
C ALA D 357 0.26 29.18 -13.84
N SER D 358 1.02 28.20 -14.32
CA SER D 358 0.90 27.79 -15.72
C SER D 358 1.72 26.53 -15.95
N VAL D 359 1.44 25.87 -17.05
CA VAL D 359 2.19 24.68 -17.48
C VAL D 359 3.45 25.11 -18.19
N SER D 360 4.59 24.61 -17.75
CA SER D 360 5.89 25.07 -18.20
C SER D 360 6.58 24.01 -19.06
N VAL D 361 7.24 24.45 -20.12
CA VAL D 361 7.95 23.57 -21.04
C VAL D 361 9.43 23.95 -21.04
N TRP D 362 10.29 22.94 -20.88
CA TRP D 362 11.73 23.15 -20.82
C TRP D 362 12.34 22.86 -22.19
N ASP D 363 13.42 23.57 -22.49
CA ASP D 363 14.14 23.41 -23.75
C ASP D 363 15.38 22.57 -23.50
N LEU D 364 15.43 21.38 -24.09
CA LEU D 364 16.52 20.46 -23.85
C LEU D 364 17.62 20.54 -24.90
N ALA D 365 17.32 21.04 -26.10
CA ALA D 365 18.33 21.12 -27.14
C ALA D 365 19.24 22.32 -27.01
N ALA D 366 18.86 23.32 -26.20
CA ALA D 366 19.71 24.49 -26.02
C ALA D 366 20.90 24.14 -25.14
N PRO D 367 22.00 24.88 -25.28
CA PRO D 367 23.19 24.56 -24.48
C PRO D 367 22.98 24.61 -22.99
N SER D 368 21.98 25.35 -22.50
CA SER D 368 21.69 25.43 -21.06
C SER D 368 20.19 25.31 -20.83
N LEU D 369 19.81 24.53 -19.83
CA LEU D 369 18.39 24.33 -19.53
C LEU D 369 17.74 25.65 -19.13
N HIS D 370 16.54 25.88 -19.66
CA HIS D 370 15.77 27.06 -19.30
C HIS D 370 14.36 26.89 -19.83
N VAL D 371 13.42 27.56 -19.19
CA VAL D 371 12.04 27.55 -19.65
C VAL D 371 11.90 28.47 -20.85
N LYS D 372 11.36 27.94 -21.94
CA LYS D 372 11.20 28.74 -23.16
C LYS D 372 9.78 29.25 -23.37
N GLU D 373 8.77 28.59 -22.81
CA GLU D 373 7.39 29.00 -23.00
C GLU D 373 6.61 28.73 -21.71
N GLN D 374 5.50 29.45 -21.57
CA GLN D 374 4.60 29.27 -20.45
C GLN D 374 3.19 29.15 -21.00
N LEU D 375 2.49 28.09 -20.62
CA LEU D 375 1.15 27.82 -21.12
C LEU D 375 0.15 28.10 -20.01
N PRO D 376 -0.68 29.14 -20.12
CA PRO D 376 -1.37 29.65 -18.93
C PRO D 376 -2.56 28.80 -18.50
N CYS D 377 -2.77 28.75 -17.19
CA CYS D 377 -3.98 28.17 -16.61
C CYS D 377 -4.09 28.67 -15.19
N ALA D 378 -5.12 29.46 -14.90
CA ALA D 378 -5.26 30.14 -13.63
C ALA D 378 -6.22 29.37 -12.73
N GLY D 379 -5.78 29.07 -11.51
CA GLY D 379 -6.64 28.41 -10.54
C GLY D 379 -7.13 27.06 -10.98
N LEU D 380 -6.32 26.30 -11.71
CA LEU D 380 -6.66 24.98 -12.17
C LEU D 380 -5.58 24.00 -11.74
N ASN D 381 -5.99 22.76 -11.49
CA ASN D 381 -5.10 21.70 -11.04
C ASN D 381 -5.04 20.63 -12.12
N CYS D 382 -3.97 20.64 -12.91
CA CYS D 382 -3.81 19.63 -13.95
C CYS D 382 -3.35 18.31 -13.35
N GLN D 383 -3.81 17.22 -13.95
CA GLN D 383 -3.44 15.88 -13.50
C GLN D 383 -3.00 14.95 -14.62
N ALA D 384 -3.10 15.35 -15.88
CA ALA D 384 -2.64 14.51 -16.98
C ALA D 384 -2.14 15.42 -18.09
N LEU D 385 -1.08 14.99 -18.78
CA LEU D 385 -0.45 15.75 -19.85
C LEU D 385 -0.30 14.88 -21.08
N ASP D 386 -0.37 15.50 -22.25
CA ASP D 386 -0.09 14.80 -23.49
C ASP D 386 0.21 15.84 -24.57
N ALA D 387 0.98 15.43 -25.57
CA ALA D 387 1.44 16.33 -26.62
C ALA D 387 1.47 15.61 -27.94
N ASN D 388 1.08 16.33 -29.00
CA ASN D 388 1.19 15.87 -30.38
C ASN D 388 2.05 16.87 -31.13
N LEU D 389 3.18 16.41 -31.66
CA LEU D 389 4.17 17.29 -32.26
C LEU D 389 3.94 17.54 -33.75
N ASP D 390 3.34 16.58 -34.46
CA ASP D 390 3.11 16.79 -35.89
C ASP D 390 2.25 18.02 -36.13
N ALA D 391 1.19 18.19 -35.32
CA ALA D 391 0.33 19.35 -35.42
C ALA D 391 0.61 20.39 -34.34
N ASN D 392 1.78 20.32 -33.69
CA ASN D 392 2.22 21.30 -32.70
C ASN D 392 1.12 21.66 -31.71
N LEU D 393 0.56 20.63 -31.08
CA LEU D 393 -0.50 20.78 -30.10
C LEU D 393 -0.06 20.16 -28.78
N ALA D 394 -0.57 20.71 -27.69
CA ALA D 394 -0.35 20.18 -26.35
C ALA D 394 -1.67 20.14 -25.60
N PHE D 395 -1.87 19.08 -24.82
CA PHE D 395 -3.13 18.84 -24.13
C PHE D 395 -2.89 18.73 -22.63
N ALA D 396 -3.91 19.00 -21.84
CA ALA D 396 -3.82 18.86 -20.40
C ALA D 396 -5.22 18.74 -19.83
N SER D 397 -5.34 17.93 -18.78
CA SER D 397 -6.61 17.65 -18.13
C SER D 397 -6.60 18.18 -16.70
N PHE D 398 -7.66 18.90 -16.33
CA PHE D 398 -7.73 19.55 -15.04
C PHE D 398 -8.83 18.92 -14.19
N THR D 399 -8.69 19.08 -12.87
CA THR D 399 -9.56 18.42 -11.91
C THR D 399 -11.00 18.91 -11.97
N SER D 400 -11.26 20.03 -12.62
CA SER D 400 -12.62 20.52 -12.82
C SER D 400 -13.26 19.93 -14.07
N GLY D 401 -12.73 18.81 -14.57
CA GLY D 401 -13.29 18.18 -15.75
C GLY D 401 -13.15 18.98 -17.02
N VAL D 402 -12.03 19.68 -17.19
CA VAL D 402 -11.80 20.54 -18.34
C VAL D 402 -10.50 20.11 -19.00
N VAL D 403 -10.52 19.99 -20.32
CA VAL D 403 -9.34 19.67 -21.12
C VAL D 403 -9.07 20.88 -22.00
N ARG D 404 -7.81 21.35 -22.00
CA ARG D 404 -7.40 22.50 -22.78
C ARG D 404 -6.41 22.08 -23.84
N ILE D 405 -6.45 22.77 -24.98
CA ILE D 405 -5.56 22.52 -26.10
C ILE D 405 -4.80 23.80 -26.43
N TRP D 406 -3.47 23.71 -26.46
CA TRP D 406 -2.61 24.84 -26.71
C TRP D 406 -1.91 24.66 -28.05
N ASP D 407 -1.62 25.78 -28.71
CA ASP D 407 -0.83 25.80 -29.94
C ASP D 407 0.55 26.35 -29.60
N LEU D 408 1.57 25.50 -29.68
CA LEU D 408 2.87 25.84 -29.13
C LEU D 408 3.53 27.03 -29.83
N ARG D 409 3.19 27.29 -31.09
CA ARG D 409 3.75 28.45 -31.77
C ARG D 409 3.38 29.75 -31.08
N ASP D 410 2.12 29.92 -30.71
CA ASP D 410 1.63 31.15 -30.11
C ASP D 410 1.40 30.98 -28.61
N GLN D 411 1.25 29.76 -28.12
CA GLN D 411 0.98 29.48 -26.71
C GLN D 411 -0.41 29.96 -26.31
N SER D 412 -1.35 29.96 -27.25
CA SER D 412 -2.70 30.43 -27.04
C SER D 412 -3.66 29.24 -27.00
N VAL D 413 -4.64 29.31 -26.09
CA VAL D 413 -5.63 28.25 -25.99
C VAL D 413 -6.40 28.17 -27.30
N VAL D 414 -6.74 26.94 -27.70
CA VAL D 414 -7.45 26.72 -28.96
C VAL D 414 -8.90 26.33 -28.69
N ARG D 415 -9.11 25.32 -27.86
CA ARG D 415 -10.43 24.72 -27.70
C ARG D 415 -10.52 24.11 -26.30
N ASP D 416 -11.74 24.10 -25.77
CA ASP D 416 -12.00 23.64 -24.41
C ASP D 416 -13.05 22.55 -24.41
N LEU D 417 -12.76 21.45 -23.70
CA LEU D 417 -13.66 20.30 -23.59
C LEU D 417 -14.06 20.14 -22.14
N LYS D 418 -15.36 20.16 -21.87
CA LYS D 418 -15.85 20.18 -20.50
C LYS D 418 -17.19 19.47 -20.41
N GLY D 419 -17.58 19.16 -19.19
CA GLY D 419 -18.92 18.64 -18.94
C GLY D 419 -18.99 17.46 -18.01
N TYR D 420 -17.86 17.03 -17.46
CA TYR D 420 -17.80 15.81 -16.65
C TYR D 420 -17.08 16.09 -15.34
N PRO D 421 -17.80 16.17 -14.22
CA PRO D 421 -17.18 16.73 -13.00
C PRO D 421 -16.06 15.89 -12.43
N ASP D 422 -16.15 14.56 -12.53
CA ASP D 422 -15.16 13.71 -11.87
C ASP D 422 -13.77 13.95 -12.42
N GLY D 423 -13.66 14.58 -13.59
CA GLY D 423 -12.39 14.74 -14.24
C GLY D 423 -12.02 13.50 -15.04
N VAL D 424 -10.87 13.58 -15.71
CA VAL D 424 -10.35 12.47 -16.49
C VAL D 424 -8.90 12.27 -16.08
N LYS D 425 -8.61 11.10 -15.52
CA LYS D 425 -7.28 10.87 -14.97
C LYS D 425 -6.24 10.63 -16.06
N SER D 426 -6.63 9.98 -17.16
CA SER D 426 -5.72 9.66 -18.24
C SER D 426 -6.30 10.16 -19.56
N ILE D 427 -5.43 10.68 -20.42
CA ILE D 427 -5.81 11.10 -21.76
C ILE D 427 -4.78 10.57 -22.74
N VAL D 428 -5.23 10.15 -23.91
CA VAL D 428 -4.36 9.66 -24.97
C VAL D 428 -4.82 10.23 -26.29
N VAL D 429 -3.87 10.67 -27.11
CA VAL D 429 -4.17 11.38 -28.35
C VAL D 429 -3.49 10.67 -29.51
N LYS D 430 -4.27 10.31 -30.52
CA LYS D 430 -3.73 9.85 -31.80
C LYS D 430 -4.73 10.24 -32.87
N GLY D 431 -4.24 10.87 -33.93
CA GLY D 431 -5.16 11.43 -34.89
C GLY D 431 -5.98 12.53 -34.24
N TYR D 432 -7.25 12.63 -34.63
CA TYR D 432 -8.14 13.64 -34.11
C TYR D 432 -8.88 13.19 -32.86
N ASN D 433 -8.60 12.00 -32.36
CA ASN D 433 -9.37 11.39 -31.28
C ASN D 433 -8.63 11.50 -29.96
N ILE D 434 -9.31 12.03 -28.95
CA ILE D 434 -8.80 12.09 -27.58
C ILE D 434 -9.56 11.05 -26.77
N TRP D 435 -8.84 10.14 -26.14
CA TRP D 435 -9.43 9.09 -25.33
C TRP D 435 -9.18 9.40 -23.86
N THR D 436 -10.25 9.45 -23.07
CA THR D 436 -10.17 9.81 -21.66
C THR D 436 -10.95 8.80 -20.84
N GLY D 437 -10.46 8.50 -19.64
CA GLY D 437 -11.14 7.58 -18.75
C GLY D 437 -10.94 7.99 -17.31
N GLY D 438 -11.97 7.78 -16.51
CA GLY D 438 -11.94 8.18 -15.12
C GLY D 438 -12.75 7.26 -14.22
N PRO D 439 -12.84 7.59 -12.94
CA PRO D 439 -13.53 6.70 -11.99
C PRO D 439 -14.99 6.48 -12.30
N ASP D 440 -15.63 7.33 -13.09
CA ASP D 440 -17.03 7.11 -13.44
C ASP D 440 -17.25 5.84 -14.24
N ALA D 441 -16.18 5.13 -14.60
CA ALA D 441 -16.28 3.84 -15.29
C ALA D 441 -16.81 3.99 -16.72
N CYS D 442 -16.38 5.04 -17.40
CA CYS D 442 -16.70 5.23 -18.80
C CYS D 442 -15.44 5.65 -19.54
N LEU D 443 -15.36 5.25 -20.80
CA LEU D 443 -14.27 5.65 -21.70
C LEU D 443 -14.89 6.42 -22.86
N ARG D 444 -14.40 7.64 -23.08
CA ARG D 444 -14.97 8.53 -24.08
C ARG D 444 -13.96 8.79 -25.19
N CYS D 445 -14.46 9.15 -26.35
CA CYS D 445 -13.63 9.41 -27.53
C CYS D 445 -14.07 10.72 -28.17
N TRP D 446 -13.40 11.81 -27.82
CA TRP D 446 -13.68 13.11 -28.38
C TRP D 446 -13.04 13.24 -29.76
N ASP D 447 -13.67 14.02 -30.62
CA ASP D 447 -13.12 14.40 -31.90
C ASP D 447 -12.91 15.90 -31.94
N GLN D 448 -11.74 16.33 -32.42
CA GLN D 448 -11.40 17.74 -32.40
C GLN D 448 -12.06 18.52 -33.54
N ARG D 449 -12.43 17.84 -34.63
CA ARG D 449 -12.89 18.57 -35.81
C ARG D 449 -14.30 19.12 -35.62
N THR D 450 -15.05 18.59 -34.67
CA THR D 450 -16.44 18.98 -34.46
C THR D 450 -16.72 19.15 -32.97
N ILE D 451 -17.97 19.49 -32.67
CA ILE D 451 -18.41 19.74 -31.30
C ILE D 451 -19.47 18.69 -30.96
N MET D 452 -19.32 17.49 -31.51
CA MET D 452 -20.24 16.41 -31.21
C MET D 452 -19.98 15.84 -29.82
N LYS D 453 -21.01 15.24 -29.25
CA LYS D 453 -20.88 14.59 -27.96
C LYS D 453 -19.96 13.37 -28.10
N PRO D 454 -19.20 13.01 -27.07
CA PRO D 454 -18.28 11.89 -27.20
C PRO D 454 -19.01 10.56 -27.19
N LEU D 455 -18.35 9.55 -27.75
CA LEU D 455 -18.88 8.19 -27.77
C LEU D 455 -18.39 7.45 -26.53
N GLU D 456 -19.33 6.98 -25.73
CA GLU D 456 -19.03 6.37 -24.44
C GLU D 456 -19.09 4.85 -24.54
N TYR D 457 -18.16 4.20 -23.84
CA TYR D 457 -18.14 2.75 -23.71
C TYR D 457 -18.12 2.42 -22.23
N GLN D 458 -19.25 1.94 -21.70
CA GLN D 458 -19.39 1.69 -20.28
C GLN D 458 -18.67 0.41 -19.87
N PHE D 459 -17.89 0.51 -18.80
CA PHE D 459 -17.20 -0.62 -18.20
C PHE D 459 -17.71 -0.80 -16.78
N LYS D 460 -17.28 -1.88 -16.14
CA LYS D 460 -17.79 -2.24 -14.82
C LYS D 460 -16.91 -1.76 -13.68
N SER D 461 -15.66 -1.37 -13.96
CA SER D 461 -14.78 -0.85 -12.94
C SER D 461 -14.24 0.51 -13.36
N GLN D 462 -13.43 1.09 -12.50
CA GLN D 462 -12.93 2.44 -12.71
C GLN D 462 -11.54 2.38 -13.34
N ILE D 463 -11.36 3.10 -14.43
CA ILE D 463 -10.14 3.00 -15.22
C ILE D 463 -9.04 3.83 -14.55
N MET D 464 -7.82 3.29 -14.54
CA MET D 464 -6.69 3.92 -13.90
C MET D 464 -5.65 4.44 -14.88
N SER D 465 -5.61 3.91 -16.10
CA SER D 465 -4.63 4.34 -17.08
C SER D 465 -5.08 3.93 -18.47
N LEU D 466 -4.46 4.54 -19.47
CA LEU D 466 -4.74 4.24 -20.87
C LEU D 466 -3.44 4.19 -21.66
N SER D 467 -3.52 3.57 -22.84
CA SER D 467 -2.42 3.59 -23.79
C SER D 467 -2.99 3.19 -25.14
N HIS D 468 -2.27 3.55 -26.20
CA HIS D 468 -2.74 3.33 -27.55
C HIS D 468 -1.75 2.45 -28.32
N SER D 469 -2.27 1.63 -29.20
CA SER D 469 -1.43 0.85 -30.09
C SER D 469 -1.00 1.73 -31.26
N PRO D 470 0.30 1.82 -31.55
CA PRO D 470 0.72 2.71 -32.64
C PRO D 470 0.44 2.15 -34.03
N GLN D 471 0.56 0.84 -34.20
CA GLN D 471 0.35 0.24 -35.51
C GLN D 471 -1.12 -0.09 -35.76
N GLU D 472 -1.70 -0.93 -34.93
CA GLU D 472 -3.04 -1.46 -35.14
C GLU D 472 -4.03 -0.74 -34.23
N ASP D 473 -5.30 -0.73 -34.63
CA ASP D 473 -6.34 -0.02 -33.90
C ASP D 473 -6.72 -0.80 -32.65
N TRP D 474 -6.13 -0.41 -31.51
CA TRP D 474 -6.43 -1.04 -30.24
C TRP D 474 -6.05 -0.09 -29.12
N VAL D 475 -6.93 0.10 -28.15
CA VAL D 475 -6.68 0.91 -26.97
C VAL D 475 -6.56 -0.02 -25.79
N LEU D 476 -5.47 0.09 -25.04
CA LEU D 476 -5.27 -0.70 -23.83
C LEU D 476 -5.70 0.12 -22.62
N LEU D 477 -6.17 -0.55 -21.58
CA LEU D 477 -6.61 0.15 -20.38
C LEU D 477 -6.59 -0.78 -19.18
N GLY D 478 -6.41 -0.20 -18.01
CA GLY D 478 -6.46 -0.91 -16.73
C GLY D 478 -7.70 -0.51 -15.96
N MET D 479 -8.24 -1.44 -15.18
CA MET D 479 -9.59 -1.30 -14.64
C MET D 479 -9.62 -1.10 -13.13
N ALA D 480 -8.47 -1.09 -12.46
CA ALA D 480 -8.40 -0.86 -11.03
C ALA D 480 -8.87 -2.07 -10.22
N ASN D 481 -9.41 -3.09 -10.88
CA ASN D 481 -9.73 -4.36 -10.24
C ASN D 481 -8.81 -5.47 -10.74
N GLY D 482 -7.64 -5.10 -11.24
CA GLY D 482 -6.67 -6.07 -11.73
C GLY D 482 -7.06 -6.71 -13.05
N GLN D 483 -7.71 -5.97 -13.93
CA GLN D 483 -8.13 -6.50 -15.23
C GLN D 483 -7.70 -5.54 -16.32
N GLN D 484 -7.27 -6.09 -17.44
CA GLN D 484 -6.86 -5.33 -18.61
C GLN D 484 -7.75 -5.70 -19.78
N TRP D 485 -8.15 -4.69 -20.55
CA TRP D 485 -9.03 -4.89 -21.70
C TRP D 485 -8.42 -4.23 -22.92
N LEU D 486 -8.83 -4.69 -24.09
CA LEU D 486 -8.53 -4.02 -25.35
C LEU D 486 -9.82 -3.53 -25.97
N GLN D 487 -9.76 -2.36 -26.59
CA GLN D 487 -10.92 -1.75 -27.22
C GLN D 487 -10.52 -1.26 -28.61
N SER D 488 -11.41 -1.45 -29.58
CA SER D 488 -11.16 -1.06 -30.95
C SER D 488 -11.90 0.24 -31.26
N THR D 489 -11.23 1.12 -32.02
CA THR D 489 -11.88 2.36 -32.44
C THR D 489 -12.98 2.11 -33.46
N SER D 490 -12.72 1.26 -34.45
CA SER D 490 -13.68 1.07 -35.52
C SER D 490 -15.01 0.52 -35.00
N GLY D 491 -14.95 -0.48 -34.12
CA GLY D 491 -16.16 -1.10 -33.62
C GLY D 491 -16.07 -1.36 -32.14
N SER D 492 -17.18 -1.81 -31.57
CA SER D 492 -17.27 -2.07 -30.13
C SER D 492 -17.02 -3.55 -29.85
N GLN D 493 -15.76 -3.95 -30.00
CA GLN D 493 -15.30 -5.27 -29.60
C GLN D 493 -14.39 -5.14 -28.40
N ARG D 494 -14.52 -6.07 -27.47
CA ARG D 494 -13.66 -6.12 -26.29
C ARG D 494 -13.24 -7.55 -26.05
N HIS D 495 -12.11 -7.73 -25.38
CA HIS D 495 -11.78 -9.04 -24.83
C HIS D 495 -10.68 -8.89 -23.81
N MET D 496 -10.88 -9.48 -22.64
CA MET D 496 -9.91 -9.38 -21.56
C MET D 496 -8.60 -10.05 -21.96
N VAL D 497 -7.49 -9.43 -21.58
CA VAL D 497 -6.16 -9.87 -21.99
C VAL D 497 -5.26 -10.16 -20.81
N GLY D 498 -5.73 -10.01 -19.59
CA GLY D 498 -4.91 -10.28 -18.43
C GLY D 498 -5.66 -9.90 -17.18
N GLN D 499 -5.30 -10.56 -16.09
CA GLN D 499 -5.99 -10.36 -14.83
C GLN D 499 -5.00 -10.51 -13.69
N LYS D 500 -5.14 -9.65 -12.68
CA LYS D 500 -4.30 -9.67 -11.50
C LYS D 500 -5.16 -9.45 -10.27
N ASP D 501 -4.56 -9.69 -9.10
CA ASP D 501 -5.26 -9.50 -7.83
C ASP D 501 -5.12 -8.09 -7.29
N SER D 502 -4.48 -7.19 -8.05
CA SER D 502 -4.08 -5.89 -7.55
C SER D 502 -4.78 -4.78 -8.31
N VAL D 503 -4.40 -3.54 -8.02
CA VAL D 503 -4.87 -2.35 -8.72
C VAL D 503 -3.80 -1.97 -9.73
N ILE D 504 -4.20 -1.78 -10.98
CA ILE D 504 -3.28 -1.36 -12.03
C ILE D 504 -3.19 0.16 -12.02
N LEU D 505 -1.97 0.68 -11.88
CA LEU D 505 -1.76 2.11 -11.83
C LEU D 505 -1.16 2.68 -13.11
N SER D 506 -0.64 1.84 -14.02
CA SER D 506 -0.08 2.35 -15.26
C SER D 506 0.14 1.20 -16.23
N VAL D 507 -0.19 1.44 -17.50
CA VAL D 507 0.04 0.49 -18.58
C VAL D 507 0.73 1.24 -19.71
N LYS D 508 1.79 0.66 -20.26
CA LYS D 508 2.58 1.31 -21.30
C LYS D 508 2.78 0.37 -22.48
N PHE D 509 2.70 0.94 -23.67
CA PHE D 509 2.79 0.19 -24.93
C PHE D 509 4.21 0.28 -25.48
N SER D 510 4.64 -0.79 -26.13
CA SER D 510 5.95 -0.78 -26.77
C SER D 510 5.91 0.06 -28.05
N PRO D 511 7.03 0.70 -28.42
CA PRO D 511 7.00 1.55 -29.62
C PRO D 511 6.63 0.81 -30.88
N PHE D 512 7.00 -0.47 -31.00
CA PHE D 512 6.66 -1.25 -32.18
C PHE D 512 5.33 -1.98 -32.03
N GLY D 513 4.78 -2.06 -30.81
CA GLY D 513 3.40 -2.46 -30.63
C GLY D 513 3.16 -3.94 -30.44
N GLN D 514 4.20 -4.74 -30.28
CA GLN D 514 4.02 -6.19 -30.12
C GLN D 514 4.05 -6.63 -28.67
N TRP D 515 4.04 -5.71 -27.71
CA TRP D 515 3.96 -6.06 -26.30
C TRP D 515 3.72 -4.78 -25.52
N TRP D 516 3.44 -4.94 -24.23
CA TRP D 516 3.19 -3.79 -23.37
C TRP D 516 3.63 -4.13 -21.95
N ALA D 517 3.89 -3.09 -21.17
CA ALA D 517 4.33 -3.22 -19.79
C ALA D 517 3.26 -2.70 -18.85
N SER D 518 3.11 -3.38 -17.71
CA SER D 518 2.09 -3.04 -16.74
C SER D 518 2.71 -2.98 -15.35
N VAL D 519 2.27 -2.01 -14.56
CA VAL D 519 2.74 -1.84 -13.18
C VAL D 519 1.52 -1.58 -12.30
N GLY D 520 1.48 -2.24 -11.16
CA GLY D 520 0.32 -2.16 -10.28
C GLY D 520 0.67 -1.91 -8.83
N MET D 521 -0.28 -2.21 -7.94
CA MET D 521 -0.09 -1.90 -6.53
C MET D 521 0.55 -3.05 -5.76
N ASP D 522 0.46 -4.28 -6.26
CA ASP D 522 1.06 -5.41 -5.55
C ASP D 522 2.48 -5.72 -6.04
N ASP D 523 3.31 -4.68 -6.11
CA ASP D 523 4.75 -4.84 -6.23
C ASP D 523 5.13 -5.84 -7.33
N PHE D 524 4.80 -5.50 -8.57
CA PHE D 524 5.13 -6.38 -9.69
C PHE D 524 5.21 -5.56 -10.97
N LEU D 525 6.22 -5.86 -11.78
CA LEU D 525 6.36 -5.32 -13.12
C LEU D 525 6.23 -6.48 -14.10
N GLY D 526 5.30 -6.36 -15.05
CA GLY D 526 4.99 -7.44 -15.97
C GLY D 526 5.07 -7.00 -17.42
N VAL D 527 5.29 -7.97 -18.31
CA VAL D 527 5.33 -7.75 -19.75
C VAL D 527 4.37 -8.75 -20.39
N TYR D 528 3.58 -8.28 -21.35
CA TYR D 528 2.52 -9.07 -21.96
C TYR D 528 2.69 -9.09 -23.46
N SER D 529 2.15 -10.13 -24.09
CA SER D 529 2.26 -10.35 -25.52
C SER D 529 1.01 -9.86 -26.22
N MET D 530 1.17 -9.07 -27.27
CA MET D 530 0.03 -8.44 -27.90
C MET D 530 -0.99 -9.42 -28.47
N PRO D 531 -0.60 -10.50 -29.14
CA PRO D 531 -1.61 -11.29 -29.88
C PRO D 531 -2.78 -11.74 -29.03
N ALA D 532 -2.54 -12.18 -27.80
CA ALA D 532 -3.62 -12.66 -26.94
C ALA D 532 -3.55 -12.17 -25.51
N GLY D 533 -2.46 -11.56 -25.08
CA GLY D 533 -2.32 -11.10 -23.71
C GLY D 533 -1.54 -12.02 -22.80
N THR D 534 -0.89 -13.05 -23.32
CA THR D 534 -0.05 -13.89 -22.49
C THR D 534 1.07 -13.05 -21.88
N LYS D 535 1.42 -13.32 -20.62
CA LYS D 535 2.45 -12.58 -19.93
C LYS D 535 3.77 -13.33 -20.06
N VAL D 536 4.76 -12.69 -20.68
CA VAL D 536 6.03 -13.35 -20.96
C VAL D 536 6.79 -13.59 -19.66
N PHE D 537 6.92 -12.56 -18.83
CA PHE D 537 7.57 -12.70 -17.52
C PHE D 537 7.23 -11.47 -16.71
N GLU D 538 7.62 -11.48 -15.45
CA GLU D 538 7.41 -10.36 -14.55
C GLU D 538 8.49 -10.38 -13.48
N VAL D 539 8.70 -9.22 -12.85
CA VAL D 539 9.75 -9.06 -11.85
C VAL D 539 9.13 -8.50 -10.57
N PRO D 540 9.51 -8.98 -9.39
CA PRO D 540 8.96 -8.44 -8.16
C PRO D 540 9.74 -7.23 -7.66
N GLU D 541 9.19 -6.61 -6.61
CA GLU D 541 9.82 -5.46 -5.98
C GLU D 541 9.35 -5.37 -4.52
N MET D 542 10.00 -4.47 -3.78
CA MET D 542 9.73 -4.38 -2.35
C MET D 542 8.57 -3.43 -2.04
N SER D 543 8.38 -2.41 -2.87
CA SER D 543 7.36 -1.39 -2.64
C SER D 543 6.50 -1.21 -3.88
N PRO D 544 5.27 -0.70 -3.71
CA PRO D 544 4.40 -0.51 -4.87
C PRO D 544 5.04 0.36 -5.93
N VAL D 545 4.81 0.00 -7.20
CA VAL D 545 5.25 0.80 -8.33
C VAL D 545 4.07 1.63 -8.81
N THR D 546 4.37 2.81 -9.35
CA THR D 546 3.35 3.77 -9.73
C THR D 546 3.50 4.35 -11.13
N CYS D 547 4.59 4.04 -11.83
CA CYS D 547 4.78 4.58 -13.17
C CYS D 547 5.87 3.79 -13.87
N CYS D 548 5.79 3.75 -15.20
CA CYS D 548 6.77 3.05 -16.02
C CYS D 548 6.89 3.75 -17.36
N ASP D 549 8.01 3.51 -18.03
CA ASP D 549 8.23 4.05 -19.35
C ASP D 549 9.17 3.13 -20.13
N VAL D 550 8.98 3.08 -21.44
CA VAL D 550 9.77 2.23 -22.32
C VAL D 550 10.47 3.12 -23.34
N SER D 551 11.75 2.87 -23.55
CA SER D 551 12.56 3.71 -24.43
C SER D 551 12.17 3.50 -25.89
N SER D 552 12.64 4.41 -26.74
CA SER D 552 12.37 4.30 -28.17
C SER D 552 13.26 3.27 -28.85
N ASN D 553 14.35 2.85 -28.20
CA ASN D 553 15.16 1.75 -28.71
C ASN D 553 14.51 0.40 -28.49
N ASN D 554 13.44 0.34 -27.70
CA ASN D 554 12.78 -0.91 -27.35
C ASN D 554 13.66 -1.79 -26.47
N ARG D 555 14.70 -1.20 -25.88
CA ARG D 555 15.69 -1.96 -25.14
C ARG D 555 15.77 -1.61 -23.66
N LEU D 556 15.26 -0.45 -23.25
CA LEU D 556 15.32 -0.03 -21.85
C LEU D 556 13.93 0.27 -21.33
N VAL D 557 13.70 -0.07 -20.07
CA VAL D 557 12.45 0.20 -19.38
C VAL D 557 12.75 0.69 -17.98
N VAL D 558 12.02 1.72 -17.54
CA VAL D 558 12.26 2.38 -16.26
C VAL D 558 10.96 2.36 -15.46
N THR D 559 11.06 2.04 -14.18
CA THR D 559 9.91 2.04 -13.28
C THR D 559 10.28 2.77 -12.00
N GLY D 560 9.27 3.26 -11.29
CA GLY D 560 9.51 4.04 -10.10
C GLY D 560 8.68 3.62 -8.92
N SER D 561 9.34 3.23 -7.83
CA SER D 561 8.69 2.83 -6.60
C SER D 561 9.36 3.52 -5.42
N GLY D 562 8.58 3.85 -4.41
CA GLY D 562 9.14 4.50 -3.25
C GLY D 562 9.86 5.76 -3.64
N GLU D 563 11.10 5.92 -3.16
CA GLU D 563 11.92 7.09 -3.45
C GLU D 563 13.05 6.78 -4.41
N HIS D 564 12.88 5.77 -5.26
CA HIS D 564 13.91 5.34 -6.20
C HIS D 564 13.29 5.06 -7.56
N ALA D 565 14.14 5.04 -8.58
CA ALA D 565 13.76 4.64 -9.92
C ALA D 565 14.80 3.69 -10.46
N SER D 566 14.34 2.60 -11.08
CA SER D 566 15.22 1.54 -11.56
C SER D 566 15.17 1.46 -13.08
N VAL D 567 16.24 0.92 -13.67
CA VAL D 567 16.38 0.80 -15.11
C VAL D 567 16.69 -0.66 -15.42
N TYR D 568 15.90 -1.25 -16.31
CA TYR D 568 16.11 -2.60 -16.80
C TYR D 568 16.43 -2.56 -18.28
N GLN D 569 17.21 -3.54 -18.74
CA GLN D 569 17.52 -3.68 -20.16
C GLN D 569 16.80 -4.89 -20.72
N ILE D 570 16.32 -4.76 -21.95
CA ILE D 570 15.56 -5.81 -22.62
C ILE D 570 16.48 -6.47 -23.64
N THR D 571 16.55 -7.80 -23.59
CA THR D 571 17.39 -8.58 -24.49
C THR D 571 16.56 -9.67 -25.13
N TYR D 572 16.74 -9.85 -26.44
CA TYR D 572 16.08 -10.93 -27.16
C TYR D 572 16.67 -11.11 -28.55
#